data_9HHA
# 
_entry.id   9HHA 
# 
_audit_conform.dict_name       mmcif_pdbx.dic 
_audit_conform.dict_version    5.404 
_audit_conform.dict_location   http://mmcif.pdb.org/dictionaries/ascii/mmcif_pdbx.dic 
# 
loop_
_database_2.database_id 
_database_2.database_code 
_database_2.pdbx_database_accession 
_database_2.pdbx_DOI 
PDB   9HHA         pdb_00009hha 10.2210/pdb9hha/pdb 
WWPDB D_1292143299 ?            ?                   
# 
loop_
_pdbx_audit_revision_history.ordinal 
_pdbx_audit_revision_history.data_content_type 
_pdbx_audit_revision_history.major_revision 
_pdbx_audit_revision_history.minor_revision 
_pdbx_audit_revision_history.revision_date 
_pdbx_audit_revision_history.part_number 
1 'Structure model' 1 0 2025-04-02 ? 
2 'Structure model' 1 1 2025-04-16 ? 
3 'Structure model' 1 2 2025-06-11 ? 
# 
_pdbx_audit_revision_details.ordinal             1 
_pdbx_audit_revision_details.revision_ordinal    1 
_pdbx_audit_revision_details.data_content_type   'Structure model' 
_pdbx_audit_revision_details.provider            repository 
_pdbx_audit_revision_details.type                'Initial release' 
_pdbx_audit_revision_details.description         ? 
_pdbx_audit_revision_details.details             ? 
# 
loop_
_pdbx_audit_revision_group.ordinal 
_pdbx_audit_revision_group.revision_ordinal 
_pdbx_audit_revision_group.data_content_type 
_pdbx_audit_revision_group.group 
1 2 'Structure model' 'Database references' 
2 3 'Structure model' 'Database references' 
# 
loop_
_pdbx_audit_revision_category.ordinal 
_pdbx_audit_revision_category.revision_ordinal 
_pdbx_audit_revision_category.data_content_type 
_pdbx_audit_revision_category.category 
1 2 'Structure model' citation        
2 2 'Structure model' citation_author 
3 3 'Structure model' citation        
# 
loop_
_pdbx_audit_revision_item.ordinal 
_pdbx_audit_revision_item.revision_ordinal 
_pdbx_audit_revision_item.data_content_type 
_pdbx_audit_revision_item.item 
1 2 'Structure model' '_citation.page_first'              
2 2 'Structure model' '_citation.page_last'               
3 2 'Structure model' '_citation.title'                   
4 2 'Structure model' '_citation_author.identifier_ORCID' 
5 3 'Structure model' '_citation.journal_volume'          
6 3 'Structure model' '_citation.page_first'              
7 3 'Structure model' '_citation.page_last'               
# 
_pdbx_database_status.status_code                     REL 
_pdbx_database_status.status_code_sf                  REL 
_pdbx_database_status.status_code_mr                  ? 
_pdbx_database_status.entry_id                        9HHA 
_pdbx_database_status.recvd_initial_deposition_date   2024-11-21 
_pdbx_database_status.SG_entry                        N 
_pdbx_database_status.deposit_site                    PDBE 
_pdbx_database_status.process_site                    PDBE 
_pdbx_database_status.status_code_cs                  ? 
_pdbx_database_status.status_code_nmr_data            ? 
_pdbx_database_status.methods_development_category    ? 
_pdbx_database_status.pdb_format_compatible           N 
# 
_pdbx_database_related.db_name        PDB 
_pdbx_database_related.details        . 
_pdbx_database_related.db_id          9HGF 
_pdbx_database_related.content_type   unspecified 
# 
loop_
_pdbx_contact_author.id 
_pdbx_contact_author.email 
_pdbx_contact_author.name_first 
_pdbx_contact_author.name_last 
_pdbx_contact_author.name_mi 
_pdbx_contact_author.role 
_pdbx_contact_author.identifier_ORCID 
3 Oliver.Einsle@BIOCHEMIE.uni-freiburg.de   Oliver Einsle   ? 'principal investigator/group leader' 0000-0001-8722-2893 
4 stefan.guenther@pharmazie.uni-freiburg.de Stefan Guenther ? 'principal investigator/group leader' 0000-0003-3744-189X 
# 
loop_
_audit_author.name 
_audit_author.pdbx_ordinal 
_audit_author.identifier_ORCID 
'Amann, M.'    1 0000-0001-7594-3810 
'Huegle, M.'   2 0000-0002-2830-7130 
'Einsle, O.'   3 0000-0001-8722-2893 
'Guenther, S.' 4 0000-0003-3744-189X 
# 
_citation.abstract                  ? 
_citation.abstract_id_CAS           ? 
_citation.book_id_ISBN              ? 
_citation.book_publisher            ? 
_citation.book_publisher_city       ? 
_citation.book_title                ? 
_citation.coordinate_linkage        ? 
_citation.country                   DE 
_citation.database_id_Medline       ? 
_citation.details                   ? 
_citation.id                        primary 
_citation.journal_abbrev            Chemmedchem 
_citation.journal_id_ASTM           ? 
_citation.journal_id_CSD            ? 
_citation.journal_id_ISSN           1860-7187 
_citation.journal_full              ? 
_citation.journal_issue             ? 
_citation.journal_volume            20 
_citation.language                  ? 
_citation.page_first                e202500024 
_citation.page_last                 e202500024 
_citation.title                     
'A Novel Inhibitor against the Bromodomain Protein 1 of the Malaria Pathogen Plasmodium Falciparum.' 
_citation.year                      2025 
_citation.database_id_CSD           ? 
_citation.pdbx_database_id_DOI      10.1002/cmdc.202500024 
_citation.pdbx_database_id_PubMed   40099623 
_citation.pdbx_database_id_patent   ? 
_citation.unpublished_flag          ? 
# 
loop_
_citation_author.citation_id 
_citation_author.name 
_citation_author.ordinal 
_citation_author.identifier_ORCID 
primary 'Amann, M.'        1  0000-0001-7594-3810 
primary 'Warstat, R.'      2  ?                   
primary 'Rechten, K.K.'    3  ?                   
primary 'Theuer, P.'       4  ?                   
primary 'Schustereder, M.' 5  ?                   
primary 'Clavey, S.'       6  ?                   
primary 'Breit, B.'        7  0000-0002-2514-3898 
primary 'Einsle, O.'       8  0000-0001-8722-2893 
primary 'Hugle, M.'        9  0000-0002-2830-7130 
primary 'Petter, M.'       10 0000-0002-1837-2756 
primary 'Gunther, S.'      11 0000-0003-3744-189X 
# 
loop_
_entity.id 
_entity.type 
_entity.src_method 
_entity.pdbx_description 
_entity.formula_weight 
_entity.pdbx_number_of_molecules 
_entity.pdbx_ec 
_entity.pdbx_mutation 
_entity.pdbx_fragment 
_entity.details 
1 polymer     man 'Bromo domain-containing protein'                                                           15163.188 1   ? ? ? 
? 
2 non-polymer syn 'SULFATE ION'                                                                               96.063    2   ? ? ? 
? 
3 non-polymer syn '3-methyl-1-[2-(trifluoromethyl)phenyl]-5,6,7,8-tetrahydro-2~{H}-cyclohepta[c]pyrrol-4-one' 307.310   1   ? ? ? 
? 
4 non-polymer syn 'CHLORIDE ION'                                                                              35.453    1   ? ? ? 
? 
5 water       nat water                                                                                       18.015    139 ? ? ? 
? 
# 
_entity_poly.entity_id                      1 
_entity_poly.type                           'polypeptide(L)' 
_entity_poly.nstd_linkage                   no 
_entity_poly.nstd_monomer                   no 
_entity_poly.pdbx_seq_one_letter_code       
;SFNKQWYLLANQIIQSLSKYEGGHIFEKLVDAKKQNCPDYYDVIKNPMSFSCVKTKLKKGQYGLPTEFIKDVQLIFDNCS
LYNTSGSLVAITGKNIEAYFNNQLIVTGYNNFVTKANTINERLQKVEDENLE
;
_entity_poly.pdbx_seq_one_letter_code_can   
;SFNKQWYLLANQIIQSLSKYEGGHIFEKLVDAKKQNCPDYYDVIKNPMSFSCVKTKLKKGQYGLPTEFIKDVQLIFDNCS
LYNTSGSLVAITGKNIEAYFNNQLIVTGYNNFVTKANTINERLQKVEDENLE
;
_entity_poly.pdbx_strand_id                 A 
_entity_poly.pdbx_target_identifier         ? 
# 
loop_
_pdbx_entity_nonpoly.entity_id 
_pdbx_entity_nonpoly.name 
_pdbx_entity_nonpoly.comp_id 
2 'SULFATE ION'                                                                               SO4   
3 '3-methyl-1-[2-(trifluoromethyl)phenyl]-5,6,7,8-tetrahydro-2~{H}-cyclohepta[c]pyrrol-4-one' A1IUX 
4 'CHLORIDE ION'                                                                              CL    
5 water                                                                                       HOH   
# 
loop_
_entity_poly_seq.entity_id 
_entity_poly_seq.num 
_entity_poly_seq.mon_id 
_entity_poly_seq.hetero 
1 1   SER n 
1 2   PHE n 
1 3   ASN n 
1 4   LYS n 
1 5   GLN n 
1 6   TRP n 
1 7   TYR n 
1 8   LEU n 
1 9   LEU n 
1 10  ALA n 
1 11  ASN n 
1 12  GLN n 
1 13  ILE n 
1 14  ILE n 
1 15  GLN n 
1 16  SER n 
1 17  LEU n 
1 18  SER n 
1 19  LYS n 
1 20  TYR n 
1 21  GLU n 
1 22  GLY n 
1 23  GLY n 
1 24  HIS n 
1 25  ILE n 
1 26  PHE n 
1 27  GLU n 
1 28  LYS n 
1 29  LEU n 
1 30  VAL n 
1 31  ASP n 
1 32  ALA n 
1 33  LYS n 
1 34  LYS n 
1 35  GLN n 
1 36  ASN n 
1 37  CYS n 
1 38  PRO n 
1 39  ASP n 
1 40  TYR n 
1 41  TYR n 
1 42  ASP n 
1 43  VAL n 
1 44  ILE n 
1 45  LYS n 
1 46  ASN n 
1 47  PRO n 
1 48  MET n 
1 49  SER n 
1 50  PHE n 
1 51  SER n 
1 52  CYS n 
1 53  VAL n 
1 54  LYS n 
1 55  THR n 
1 56  LYS n 
1 57  LEU n 
1 58  LYS n 
1 59  LYS n 
1 60  GLY n 
1 61  GLN n 
1 62  TYR n 
1 63  GLY n 
1 64  LEU n 
1 65  PRO n 
1 66  THR n 
1 67  GLU n 
1 68  PHE n 
1 69  ILE n 
1 70  LYS n 
1 71  ASP n 
1 72  VAL n 
1 73  GLN n 
1 74  LEU n 
1 75  ILE n 
1 76  PHE n 
1 77  ASP n 
1 78  ASN n 
1 79  CYS n 
1 80  SER n 
1 81  LEU n 
1 82  TYR n 
1 83  ASN n 
1 84  THR n 
1 85  SER n 
1 86  GLY n 
1 87  SER n 
1 88  LEU n 
1 89  VAL n 
1 90  ALA n 
1 91  ILE n 
1 92  THR n 
1 93  GLY n 
1 94  LYS n 
1 95  ASN n 
1 96  ILE n 
1 97  GLU n 
1 98  ALA n 
1 99  TYR n 
1 100 PHE n 
1 101 ASN n 
1 102 ASN n 
1 103 GLN n 
1 104 LEU n 
1 105 ILE n 
1 106 VAL n 
1 107 THR n 
1 108 GLY n 
1 109 TYR n 
1 110 ASN n 
1 111 ASN n 
1 112 PHE n 
1 113 VAL n 
1 114 THR n 
1 115 LYS n 
1 116 ALA n 
1 117 ASN n 
1 118 THR n 
1 119 ILE n 
1 120 ASN n 
1 121 GLU n 
1 122 ARG n 
1 123 LEU n 
1 124 GLN n 
1 125 LYS n 
1 126 VAL n 
1 127 GLU n 
1 128 ASP n 
1 129 GLU n 
1 130 ASN n 
1 131 LEU n 
1 132 GLU n 
# 
_entity_src_gen.entity_id                          1 
_entity_src_gen.pdbx_src_id                        1 
_entity_src_gen.pdbx_alt_source_flag               sample 
_entity_src_gen.pdbx_seq_type                      'Biological sequence' 
_entity_src_gen.pdbx_beg_seq_num                   1 
_entity_src_gen.pdbx_end_seq_num                   132 
_entity_src_gen.gene_src_common_name               'malaria parasite P. vivax' 
_entity_src_gen.gene_src_genus                     ? 
_entity_src_gen.pdbx_gene_src_gene                 PVX_111040 
_entity_src_gen.gene_src_species                   ? 
_entity_src_gen.gene_src_strain                    ? 
_entity_src_gen.gene_src_tissue                    ? 
_entity_src_gen.gene_src_tissue_fraction           ? 
_entity_src_gen.gene_src_details                   ? 
_entity_src_gen.pdbx_gene_src_fragment             ? 
_entity_src_gen.pdbx_gene_src_scientific_name      'Plasmodium vivax' 
_entity_src_gen.pdbx_gene_src_ncbi_taxonomy_id     5855 
_entity_src_gen.pdbx_gene_src_variant              ? 
_entity_src_gen.pdbx_gene_src_cell_line            ? 
_entity_src_gen.pdbx_gene_src_atcc                 ? 
_entity_src_gen.pdbx_gene_src_organ                ? 
_entity_src_gen.pdbx_gene_src_organelle            ? 
_entity_src_gen.pdbx_gene_src_cell                 ? 
_entity_src_gen.pdbx_gene_src_cellular_location    ? 
_entity_src_gen.host_org_common_name               ? 
_entity_src_gen.pdbx_host_org_scientific_name      'Escherichia coli' 
_entity_src_gen.pdbx_host_org_ncbi_taxonomy_id     562 
_entity_src_gen.host_org_genus                     ? 
_entity_src_gen.pdbx_host_org_gene                 ? 
_entity_src_gen.pdbx_host_org_organ                ? 
_entity_src_gen.host_org_species                   ? 
_entity_src_gen.pdbx_host_org_tissue               ? 
_entity_src_gen.pdbx_host_org_tissue_fraction      ? 
_entity_src_gen.pdbx_host_org_strain               ? 
_entity_src_gen.pdbx_host_org_variant              ? 
_entity_src_gen.pdbx_host_org_cell_line            ? 
_entity_src_gen.pdbx_host_org_atcc                 ? 
_entity_src_gen.pdbx_host_org_culture_collection   ? 
_entity_src_gen.pdbx_host_org_cell                 ? 
_entity_src_gen.pdbx_host_org_organelle            ? 
_entity_src_gen.pdbx_host_org_cellular_location    ? 
_entity_src_gen.pdbx_host_org_vector_type          ? 
_entity_src_gen.pdbx_host_org_vector               ? 
_entity_src_gen.host_org_details                   ? 
_entity_src_gen.expression_system_id               ? 
_entity_src_gen.plasmid_name                       ? 
_entity_src_gen.plasmid_details                    ? 
_entity_src_gen.pdbx_description                   ? 
# 
loop_
_chem_comp.id 
_chem_comp.type 
_chem_comp.mon_nstd_flag 
_chem_comp.name 
_chem_comp.pdbx_synonyms 
_chem_comp.formula 
_chem_comp.formula_weight 
A1IUX non-polymer         . '3-methyl-1-[2-(trifluoromethyl)phenyl]-5,6,7,8-tetrahydro-2~{H}-cyclohepta[c]pyrrol-4-one' ? 
'C17 H16 F3 N O' 307.310 
ALA   'L-peptide linking' y ALANINE                                                                                     ? 
'C3 H7 N O2'     89.093  
ARG   'L-peptide linking' y ARGININE                                                                                    ? 
'C6 H15 N4 O2 1' 175.209 
ASN   'L-peptide linking' y ASPARAGINE                                                                                  ? 
'C4 H8 N2 O3'    132.118 
ASP   'L-peptide linking' y 'ASPARTIC ACID'                                                                             ? 
'C4 H7 N O4'     133.103 
CL    non-polymer         . 'CHLORIDE ION'                                                                              ? 'Cl -1' 
35.453  
CYS   'L-peptide linking' y CYSTEINE                                                                                    ? 
'C3 H7 N O2 S'   121.158 
GLN   'L-peptide linking' y GLUTAMINE                                                                                   ? 
'C5 H10 N2 O3'   146.144 
GLU   'L-peptide linking' y 'GLUTAMIC ACID'                                                                             ? 
'C5 H9 N O4'     147.129 
GLY   'peptide linking'   y GLYCINE                                                                                     ? 
'C2 H5 N O2'     75.067  
HIS   'L-peptide linking' y HISTIDINE                                                                                   ? 
'C6 H10 N3 O2 1' 156.162 
HOH   non-polymer         . WATER                                                                                       ? 'H2 O' 
18.015  
ILE   'L-peptide linking' y ISOLEUCINE                                                                                  ? 
'C6 H13 N O2'    131.173 
LEU   'L-peptide linking' y LEUCINE                                                                                     ? 
'C6 H13 N O2'    131.173 
LYS   'L-peptide linking' y LYSINE                                                                                      ? 
'C6 H15 N2 O2 1' 147.195 
MET   'L-peptide linking' y METHIONINE                                                                                  ? 
'C5 H11 N O2 S'  149.211 
PHE   'L-peptide linking' y PHENYLALANINE                                                                               ? 
'C9 H11 N O2'    165.189 
PRO   'L-peptide linking' y PROLINE                                                                                     ? 
'C5 H9 N O2'     115.130 
SER   'L-peptide linking' y SERINE                                                                                      ? 
'C3 H7 N O3'     105.093 
SO4   non-polymer         . 'SULFATE ION'                                                                               ? 
'O4 S -2'        96.063  
THR   'L-peptide linking' y THREONINE                                                                                   ? 
'C4 H9 N O3'     119.119 
TRP   'L-peptide linking' y TRYPTOPHAN                                                                                  ? 
'C11 H12 N2 O2'  204.225 
TYR   'L-peptide linking' y TYROSINE                                                                                    ? 
'C9 H11 N O3'    181.189 
VAL   'L-peptide linking' y VALINE                                                                                      ? 
'C5 H11 N O2'    117.146 
# 
loop_
_pdbx_poly_seq_scheme.asym_id 
_pdbx_poly_seq_scheme.entity_id 
_pdbx_poly_seq_scheme.seq_id 
_pdbx_poly_seq_scheme.mon_id 
_pdbx_poly_seq_scheme.ndb_seq_num 
_pdbx_poly_seq_scheme.pdb_seq_num 
_pdbx_poly_seq_scheme.auth_seq_num 
_pdbx_poly_seq_scheme.pdb_mon_id 
_pdbx_poly_seq_scheme.auth_mon_id 
_pdbx_poly_seq_scheme.pdb_strand_id 
_pdbx_poly_seq_scheme.pdb_ins_code 
_pdbx_poly_seq_scheme.hetero 
A 1 1   SER 1   1   1   SER SER A . n 
A 1 2   PHE 2   2   2   PHE PHE A . n 
A 1 3   ASN 3   3   3   ASN ASN A . n 
A 1 4   LYS 4   4   4   LYS LYS A . n 
A 1 5   GLN 5   5   5   GLN GLN A . n 
A 1 6   TRP 6   6   6   TRP TRP A . n 
A 1 7   TYR 7   7   7   TYR TYR A . n 
A 1 8   LEU 8   8   8   LEU LEU A . n 
A 1 9   LEU 9   9   9   LEU LEU A . n 
A 1 10  ALA 10  10  10  ALA ALA A . n 
A 1 11  ASN 11  11  11  ASN ASN A . n 
A 1 12  GLN 12  12  12  GLN GLN A . n 
A 1 13  ILE 13  13  13  ILE ILE A . n 
A 1 14  ILE 14  14  14  ILE ILE A . n 
A 1 15  GLN 15  15  15  GLN GLN A . n 
A 1 16  SER 16  16  16  SER SER A . n 
A 1 17  LEU 17  17  17  LEU LEU A . n 
A 1 18  SER 18  18  18  SER SER A . n 
A 1 19  LYS 19  19  19  LYS LYS A . n 
A 1 20  TYR 20  20  20  TYR TYR A . n 
A 1 21  GLU 21  21  21  GLU GLU A . n 
A 1 22  GLY 22  22  22  GLY GLY A . n 
A 1 23  GLY 23  23  23  GLY GLY A . n 
A 1 24  HIS 24  24  24  HIS HIS A . n 
A 1 25  ILE 25  25  25  ILE ILE A . n 
A 1 26  PHE 26  26  26  PHE PHE A . n 
A 1 27  GLU 27  27  27  GLU GLU A . n 
A 1 28  LYS 28  28  28  LYS LYS A . n 
A 1 29  LEU 29  29  29  LEU LEU A . n 
A 1 30  VAL 30  30  30  VAL VAL A . n 
A 1 31  ASP 31  31  31  ASP ASP A . n 
A 1 32  ALA 32  32  32  ALA ALA A . n 
A 1 33  LYS 33  33  33  LYS LYS A . n 
A 1 34  LYS 34  34  34  LYS LYS A . n 
A 1 35  GLN 35  35  35  GLN GLN A . n 
A 1 36  ASN 36  36  36  ASN ASN A . n 
A 1 37  CYS 37  37  37  CYS CYS A . n 
A 1 38  PRO 38  38  38  PRO PRO A . n 
A 1 39  ASP 39  39  39  ASP ASP A . n 
A 1 40  TYR 40  40  40  TYR TYR A . n 
A 1 41  TYR 41  41  41  TYR TYR A . n 
A 1 42  ASP 42  42  42  ASP ASP A . n 
A 1 43  VAL 43  43  43  VAL VAL A . n 
A 1 44  ILE 44  44  44  ILE ILE A . n 
A 1 45  LYS 45  45  45  LYS LYS A . n 
A 1 46  ASN 46  46  46  ASN ASN A . n 
A 1 47  PRO 47  47  47  PRO PRO A . n 
A 1 48  MET 48  48  48  MET MET A . n 
A 1 49  SER 49  49  49  SER SER A . n 
A 1 50  PHE 50  50  50  PHE PHE A . n 
A 1 51  SER 51  51  51  SER SER A . n 
A 1 52  CYS 52  52  52  CYS CYS A . n 
A 1 53  VAL 53  53  53  VAL VAL A . n 
A 1 54  LYS 54  54  54  LYS LYS A . n 
A 1 55  THR 55  55  55  THR THR A . n 
A 1 56  LYS 56  56  56  LYS LYS A . n 
A 1 57  LEU 57  57  57  LEU LEU A . n 
A 1 58  LYS 58  58  58  LYS LYS A . n 
A 1 59  LYS 59  59  59  LYS LYS A . n 
A 1 60  GLY 60  60  60  GLY GLY A . n 
A 1 61  GLN 61  61  61  GLN GLN A . n 
A 1 62  TYR 62  62  62  TYR TYR A . n 
A 1 63  GLY 63  63  63  GLY GLY A . n 
A 1 64  LEU 64  64  64  LEU LEU A . n 
A 1 65  PRO 65  65  65  PRO PRO A . n 
A 1 66  THR 66  66  66  THR THR A . n 
A 1 67  GLU 67  67  67  GLU GLU A . n 
A 1 68  PHE 68  68  68  PHE PHE A . n 
A 1 69  ILE 69  69  69  ILE ILE A . n 
A 1 70  LYS 70  70  70  LYS LYS A . n 
A 1 71  ASP 71  71  71  ASP ASP A . n 
A 1 72  VAL 72  72  72  VAL VAL A . n 
A 1 73  GLN 73  73  73  GLN GLN A . n 
A 1 74  LEU 74  74  74  LEU LEU A . n 
A 1 75  ILE 75  75  75  ILE ILE A . n 
A 1 76  PHE 76  76  76  PHE PHE A . n 
A 1 77  ASP 77  77  77  ASP ASP A . n 
A 1 78  ASN 78  78  78  ASN ASN A . n 
A 1 79  CYS 79  79  79  CYS CYS A . n 
A 1 80  SER 80  80  80  SER SER A . n 
A 1 81  LEU 81  81  81  LEU LEU A . n 
A 1 82  TYR 82  82  82  TYR TYR A . n 
A 1 83  ASN 83  83  83  ASN ASN A . n 
A 1 84  THR 84  84  84  THR THR A . n 
A 1 85  SER 85  85  85  SER SER A . n 
A 1 86  GLY 86  86  86  GLY GLY A . n 
A 1 87  SER 87  87  87  SER SER A . n 
A 1 88  LEU 88  88  88  LEU LEU A . n 
A 1 89  VAL 89  89  89  VAL VAL A . n 
A 1 90  ALA 90  90  90  ALA ALA A . n 
A 1 91  ILE 91  91  91  ILE ILE A . n 
A 1 92  THR 92  92  92  THR THR A . n 
A 1 93  GLY 93  93  93  GLY GLY A . n 
A 1 94  LYS 94  94  94  LYS LYS A . n 
A 1 95  ASN 95  95  95  ASN ASN A . n 
A 1 96  ILE 96  96  96  ILE ILE A . n 
A 1 97  GLU 97  97  97  GLU GLU A . n 
A 1 98  ALA 98  98  98  ALA ALA A . n 
A 1 99  TYR 99  99  99  TYR TYR A . n 
A 1 100 PHE 100 100 100 PHE PHE A . n 
A 1 101 ASN 101 101 101 ASN ASN A . n 
A 1 102 ASN 102 102 102 ASN ASN A . n 
A 1 103 GLN 103 103 103 GLN GLN A . n 
A 1 104 LEU 104 104 104 LEU LEU A . n 
A 1 105 ILE 105 105 105 ILE ILE A . n 
A 1 106 VAL 106 106 106 VAL VAL A . n 
A 1 107 THR 107 107 107 THR THR A . n 
A 1 108 GLY 108 108 108 GLY GLY A . n 
A 1 109 TYR 109 109 109 TYR TYR A . n 
A 1 110 ASN 110 110 110 ASN ASN A . n 
A 1 111 ASN 111 111 111 ASN ASN A . n 
A 1 112 PHE 112 112 112 PHE PHE A . n 
A 1 113 VAL 113 113 113 VAL VAL A . n 
A 1 114 THR 114 114 114 THR THR A . n 
A 1 115 LYS 115 115 115 LYS LYS A . n 
A 1 116 ALA 116 116 116 ALA ALA A . n 
A 1 117 ASN 117 117 117 ASN ASN A . n 
A 1 118 THR 118 118 118 THR THR A . n 
A 1 119 ILE 119 119 119 ILE ILE A . n 
A 1 120 ASN 120 120 120 ASN ASN A . n 
A 1 121 GLU 121 121 121 GLU GLU A . n 
A 1 122 ARG 122 122 ?   ?   ?   A . n 
A 1 123 LEU 123 123 ?   ?   ?   A . n 
A 1 124 GLN 124 124 ?   ?   ?   A . n 
A 1 125 LYS 125 125 ?   ?   ?   A . n 
A 1 126 VAL 126 126 ?   ?   ?   A . n 
A 1 127 GLU 127 127 ?   ?   ?   A . n 
A 1 128 ASP 128 128 ?   ?   ?   A . n 
A 1 129 GLU 129 129 ?   ?   ?   A . n 
A 1 130 ASN 130 130 ?   ?   ?   A . n 
A 1 131 LEU 131 131 ?   ?   ?   A . n 
A 1 132 GLU 132 132 ?   ?   ?   A . n 
# 
_pdbx_entity_instance_feature.ordinal        1 
_pdbx_entity_instance_feature.comp_id        A1IUX 
_pdbx_entity_instance_feature.asym_id        ? 
_pdbx_entity_instance_feature.seq_num        ? 
_pdbx_entity_instance_feature.auth_comp_id   A1IUX 
_pdbx_entity_instance_feature.auth_asym_id   ? 
_pdbx_entity_instance_feature.auth_seq_num   ? 
_pdbx_entity_instance_feature.feature_type   'SUBJECT OF INVESTIGATION' 
_pdbx_entity_instance_feature.details        ? 
# 
loop_
_pdbx_nonpoly_scheme.asym_id 
_pdbx_nonpoly_scheme.entity_id 
_pdbx_nonpoly_scheme.mon_id 
_pdbx_nonpoly_scheme.ndb_seq_num 
_pdbx_nonpoly_scheme.pdb_seq_num 
_pdbx_nonpoly_scheme.auth_seq_num 
_pdbx_nonpoly_scheme.pdb_mon_id 
_pdbx_nonpoly_scheme.auth_mon_id 
_pdbx_nonpoly_scheme.pdb_strand_id 
_pdbx_nonpoly_scheme.pdb_ins_code 
B 2 SO4   1   201 1   SO4   SO4 A . 
C 2 SO4   1   202 2   SO4   SO4 A . 
D 3 A1IUX 1   203 1   A1IUX 692 A . 
E 4 CL    1   204 1   CL    CL  A . 
F 5 HOH   1   301 115 HOH   HOH A . 
F 5 HOH   2   302 120 HOH   HOH A . 
F 5 HOH   3   303 97  HOH   HOH A . 
F 5 HOH   4   304 66  HOH   HOH A . 
F 5 HOH   5   305 25  HOH   HOH A . 
F 5 HOH   6   306 116 HOH   HOH A . 
F 5 HOH   7   307 138 HOH   HOH A . 
F 5 HOH   8   308 59  HOH   HOH A . 
F 5 HOH   9   309 61  HOH   HOH A . 
F 5 HOH   10  310 71  HOH   HOH A . 
F 5 HOH   11  311 114 HOH   HOH A . 
F 5 HOH   12  312 35  HOH   HOH A . 
F 5 HOH   13  313 9   HOH   HOH A . 
F 5 HOH   14  314 60  HOH   HOH A . 
F 5 HOH   15  315 141 HOH   HOH A . 
F 5 HOH   16  316 96  HOH   HOH A . 
F 5 HOH   17  317 57  HOH   HOH A . 
F 5 HOH   18  318 77  HOH   HOH A . 
F 5 HOH   19  319 137 HOH   HOH A . 
F 5 HOH   20  320 121 HOH   HOH A . 
F 5 HOH   21  321 48  HOH   HOH A . 
F 5 HOH   22  322 45  HOH   HOH A . 
F 5 HOH   23  323 34  HOH   HOH A . 
F 5 HOH   24  324 51  HOH   HOH A . 
F 5 HOH   25  325 2   HOH   HOH A . 
F 5 HOH   26  326 131 HOH   HOH A . 
F 5 HOH   27  327 13  HOH   HOH A . 
F 5 HOH   28  328 31  HOH   HOH A . 
F 5 HOH   29  329 29  HOH   HOH A . 
F 5 HOH   30  330 39  HOH   HOH A . 
F 5 HOH   31  331 16  HOH   HOH A . 
F 5 HOH   32  332 98  HOH   HOH A . 
F 5 HOH   33  333 24  HOH   HOH A . 
F 5 HOH   34  334 37  HOH   HOH A . 
F 5 HOH   35  335 11  HOH   HOH A . 
F 5 HOH   36  336 50  HOH   HOH A . 
F 5 HOH   37  337 49  HOH   HOH A . 
F 5 HOH   38  338 4   HOH   HOH A . 
F 5 HOH   39  339 20  HOH   HOH A . 
F 5 HOH   40  340 88  HOH   HOH A . 
F 5 HOH   41  341 21  HOH   HOH A . 
F 5 HOH   42  342 14  HOH   HOH A . 
F 5 HOH   43  343 47  HOH   HOH A . 
F 5 HOH   44  344 76  HOH   HOH A . 
F 5 HOH   45  345 8   HOH   HOH A . 
F 5 HOH   46  346 15  HOH   HOH A . 
F 5 HOH   47  347 38  HOH   HOH A . 
F 5 HOH   48  348 58  HOH   HOH A . 
F 5 HOH   49  349 43  HOH   HOH A . 
F 5 HOH   50  350 3   HOH   HOH A . 
F 5 HOH   51  351 36  HOH   HOH A . 
F 5 HOH   52  352 122 HOH   HOH A . 
F 5 HOH   53  353 32  HOH   HOH A . 
F 5 HOH   54  354 40  HOH   HOH A . 
F 5 HOH   55  355 10  HOH   HOH A . 
F 5 HOH   56  356 42  HOH   HOH A . 
F 5 HOH   57  357 84  HOH   HOH A . 
F 5 HOH   58  358 26  HOH   HOH A . 
F 5 HOH   59  359 64  HOH   HOH A . 
F 5 HOH   60  360 92  HOH   HOH A . 
F 5 HOH   61  361 135 HOH   HOH A . 
F 5 HOH   62  362 5   HOH   HOH A . 
F 5 HOH   63  363 80  HOH   HOH A . 
F 5 HOH   64  364 56  HOH   HOH A . 
F 5 HOH   65  365 63  HOH   HOH A . 
F 5 HOH   66  366 85  HOH   HOH A . 
F 5 HOH   67  367 6   HOH   HOH A . 
F 5 HOH   68  368 7   HOH   HOH A . 
F 5 HOH   69  369 44  HOH   HOH A . 
F 5 HOH   70  370 12  HOH   HOH A . 
F 5 HOH   71  371 22  HOH   HOH A . 
F 5 HOH   72  372 67  HOH   HOH A . 
F 5 HOH   73  373 23  HOH   HOH A . 
F 5 HOH   74  374 53  HOH   HOH A . 
F 5 HOH   75  375 134 HOH   HOH A . 
F 5 HOH   76  376 52  HOH   HOH A . 
F 5 HOH   77  377 18  HOH   HOH A . 
F 5 HOH   78  378 117 HOH   HOH A . 
F 5 HOH   79  379 55  HOH   HOH A . 
F 5 HOH   80  380 70  HOH   HOH A . 
F 5 HOH   81  381 28  HOH   HOH A . 
F 5 HOH   82  382 46  HOH   HOH A . 
F 5 HOH   83  383 132 HOH   HOH A . 
F 5 HOH   84  384 41  HOH   HOH A . 
F 5 HOH   85  385 30  HOH   HOH A . 
F 5 HOH   86  386 62  HOH   HOH A . 
F 5 HOH   87  387 82  HOH   HOH A . 
F 5 HOH   88  388 75  HOH   HOH A . 
F 5 HOH   89  389 27  HOH   HOH A . 
F 5 HOH   90  390 118 HOH   HOH A . 
F 5 HOH   91  391 142 HOH   HOH A . 
F 5 HOH   92  392 123 HOH   HOH A . 
F 5 HOH   93  393 68  HOH   HOH A . 
F 5 HOH   94  394 91  HOH   HOH A . 
F 5 HOH   95  395 102 HOH   HOH A . 
F 5 HOH   96  396 95  HOH   HOH A . 
F 5 HOH   97  397 133 HOH   HOH A . 
F 5 HOH   98  398 69  HOH   HOH A . 
F 5 HOH   99  399 140 HOH   HOH A . 
F 5 HOH   100 400 81  HOH   HOH A . 
F 5 HOH   101 401 83  HOH   HOH A . 
F 5 HOH   102 402 129 HOH   HOH A . 
F 5 HOH   103 403 108 HOH   HOH A . 
F 5 HOH   104 404 104 HOH   HOH A . 
F 5 HOH   105 405 106 HOH   HOH A . 
F 5 HOH   106 406 130 HOH   HOH A . 
F 5 HOH   107 407 105 HOH   HOH A . 
F 5 HOH   108 408 74  HOH   HOH A . 
F 5 HOH   109 409 139 HOH   HOH A . 
F 5 HOH   110 410 17  HOH   HOH A . 
F 5 HOH   111 411 143 HOH   HOH A . 
F 5 HOH   112 412 100 HOH   HOH A . 
F 5 HOH   113 413 93  HOH   HOH A . 
F 5 HOH   114 414 103 HOH   HOH A . 
F 5 HOH   115 415 112 HOH   HOH A . 
F 5 HOH   116 416 101 HOH   HOH A . 
F 5 HOH   117 417 136 HOH   HOH A . 
F 5 HOH   118 418 125 HOH   HOH A . 
F 5 HOH   119 419 65  HOH   HOH A . 
F 5 HOH   120 420 73  HOH   HOH A . 
F 5 HOH   121 421 78  HOH   HOH A . 
F 5 HOH   122 422 119 HOH   HOH A . 
F 5 HOH   123 423 72  HOH   HOH A . 
F 5 HOH   124 424 79  HOH   HOH A . 
F 5 HOH   125 425 111 HOH   HOH A . 
F 5 HOH   126 426 99  HOH   HOH A . 
F 5 HOH   127 427 124 HOH   HOH A . 
F 5 HOH   128 428 86  HOH   HOH A . 
F 5 HOH   129 429 90  HOH   HOH A . 
F 5 HOH   130 430 94  HOH   HOH A . 
F 5 HOH   131 431 127 HOH   HOH A . 
F 5 HOH   132 432 54  HOH   HOH A . 
F 5 HOH   133 433 110 HOH   HOH A . 
F 5 HOH   134 434 128 HOH   HOH A . 
F 5 HOH   135 435 33  HOH   HOH A . 
F 5 HOH   136 436 126 HOH   HOH A . 
F 5 HOH   137 437 89  HOH   HOH A . 
F 5 HOH   138 438 113 HOH   HOH A . 
F 5 HOH   139 439 107 HOH   HOH A . 
# 
loop_
_pdbx_unobs_or_zero_occ_atoms.id 
_pdbx_unobs_or_zero_occ_atoms.PDB_model_num 
_pdbx_unobs_or_zero_occ_atoms.polymer_flag 
_pdbx_unobs_or_zero_occ_atoms.occupancy_flag 
_pdbx_unobs_or_zero_occ_atoms.auth_asym_id 
_pdbx_unobs_or_zero_occ_atoms.auth_comp_id 
_pdbx_unobs_or_zero_occ_atoms.auth_seq_id 
_pdbx_unobs_or_zero_occ_atoms.PDB_ins_code 
_pdbx_unobs_or_zero_occ_atoms.auth_atom_id 
_pdbx_unobs_or_zero_occ_atoms.label_alt_id 
_pdbx_unobs_or_zero_occ_atoms.label_asym_id 
_pdbx_unobs_or_zero_occ_atoms.label_comp_id 
_pdbx_unobs_or_zero_occ_atoms.label_seq_id 
_pdbx_unobs_or_zero_occ_atoms.label_atom_id 
1 1 Y 1 A LYS 33 ? CD ? A LYS 33 CD 
2 1 Y 1 A LYS 33 ? CE ? A LYS 33 CE 
3 1 Y 1 A LYS 33 ? NZ ? A LYS 33 NZ 
# 
loop_
_software.citation_id 
_software.classification 
_software.compiler_name 
_software.compiler_version 
_software.contact_author 
_software.contact_author_email 
_software.date 
_software.description 
_software.dependencies 
_software.hardware 
_software.language 
_software.location 
_software.mods 
_software.name 
_software.os 
_software.os_version 
_software.type 
_software.version 
_software.pdbx_ordinal 
? refinement        ? ? ? ? ? ? ? ? ? ? ? PHENIX      ? ? ? 1.21_5207 1 
? 'data scaling'    ? ? ? ? ? ? ? ? ? ? ? Aimless     ? ? ? .         2 
? 'data reduction'  ? ? ? ? ? ? ? ? ? ? ? XDS         ? ? ? .         3 
? phasing           ? ? ? ? ? ? ? ? ? ? ? PHASER      ? ? ? .         4 
? 'data extraction' ? ? ? ? ? ? ? ? ? ? ? PDB_EXTRACT ? ? ? .         5 
# 
_cell.angle_alpha                  90.00 
_cell.angle_alpha_esd              ? 
_cell.angle_beta                   90.00 
_cell.angle_beta_esd               ? 
_cell.angle_gamma                  120.00 
_cell.angle_gamma_esd              ? 
_cell.entry_id                     9HHA 
_cell.details                      ? 
_cell.formula_units_Z              ? 
_cell.length_a                     92.260 
_cell.length_a_esd                 ? 
_cell.length_b                     92.260 
_cell.length_b_esd                 ? 
_cell.length_c                     72.856 
_cell.length_c_esd                 ? 
_cell.volume                       ? 
_cell.volume_esd                   ? 
_cell.Z_PDB                        12 
_cell.reciprocal_angle_alpha       ? 
_cell.reciprocal_angle_beta        ? 
_cell.reciprocal_angle_gamma       ? 
_cell.reciprocal_angle_alpha_esd   ? 
_cell.reciprocal_angle_beta_esd    ? 
_cell.reciprocal_angle_gamma_esd   ? 
_cell.reciprocal_length_a          ? 
_cell.reciprocal_length_b          ? 
_cell.reciprocal_length_c          ? 
_cell.reciprocal_length_a_esd      ? 
_cell.reciprocal_length_b_esd      ? 
_cell.reciprocal_length_c_esd      ? 
_cell.pdbx_unique_axis             ? 
_cell.pdbx_esd_method              ? 
# 
_symmetry.entry_id                         9HHA 
_symmetry.cell_setting                     ? 
_symmetry.Int_Tables_number                180 
_symmetry.space_group_name_Hall            ? 
_symmetry.space_group_name_H-M             'P 62 2 2' 
_symmetry.pdbx_full_space_group_name_H-M   ? 
# 
_exptl.absorpt_coefficient_mu     ? 
_exptl.absorpt_correction_T_max   ? 
_exptl.absorpt_correction_T_min   ? 
_exptl.absorpt_correction_type    ? 
_exptl.absorpt_process_details    ? 
_exptl.entry_id                   9HHA 
_exptl.crystals_number            1 
_exptl.details                    ? 
_exptl.method                     'X-RAY DIFFRACTION' 
_exptl.method_details             ? 
# 
_exptl_crystal.colour                       ? 
_exptl_crystal.density_diffrn               ? 
_exptl_crystal.density_Matthews             2.95 
_exptl_crystal.density_method               ? 
_exptl_crystal.density_percent_sol          58.33 
_exptl_crystal.description                  ? 
_exptl_crystal.F_000                        ? 
_exptl_crystal.id                           1 
_exptl_crystal.preparation                  ? 
_exptl_crystal.size_max                     ? 
_exptl_crystal.size_mid                     ? 
_exptl_crystal.size_min                     ? 
_exptl_crystal.size_rad                     ? 
_exptl_crystal.colour_lustre                ? 
_exptl_crystal.colour_modifier              ? 
_exptl_crystal.colour_primary               ? 
_exptl_crystal.density_meas                 ? 
_exptl_crystal.density_meas_esd             ? 
_exptl_crystal.density_meas_gt              ? 
_exptl_crystal.density_meas_lt              ? 
_exptl_crystal.density_meas_temp            ? 
_exptl_crystal.density_meas_temp_esd        ? 
_exptl_crystal.density_meas_temp_gt         ? 
_exptl_crystal.density_meas_temp_lt         ? 
_exptl_crystal.pdbx_crystal_image_url       ? 
_exptl_crystal.pdbx_crystal_image_format    ? 
_exptl_crystal.pdbx_mosaicity               ? 
_exptl_crystal.pdbx_mosaicity_esd           ? 
_exptl_crystal.pdbx_mosaic_method           ? 
_exptl_crystal.pdbx_mosaic_block_size       ? 
_exptl_crystal.pdbx_mosaic_block_size_esd   ? 
# 
_exptl_crystal_grow.apparatus       ? 
_exptl_crystal_grow.atmosphere      ? 
_exptl_crystal_grow.crystal_id      1 
_exptl_crystal_grow.details         ? 
_exptl_crystal_grow.method          'VAPOR DIFFUSION, SITTING DROP' 
_exptl_crystal_grow.method_ref      ? 
_exptl_crystal_grow.pH              ? 
_exptl_crystal_grow.pressure        ? 
_exptl_crystal_grow.pressure_esd    ? 
_exptl_crystal_grow.seeding         ? 
_exptl_crystal_grow.seeding_ref     ? 
_exptl_crystal_grow.temp_details    ? 
_exptl_crystal_grow.temp_esd        ? 
_exptl_crystal_grow.time            ? 
_exptl_crystal_grow.pdbx_details    '35% PEG 3350, 0.5 M LiSO4, Tris pH 8' 
_exptl_crystal_grow.pdbx_pH_range   ? 
_exptl_crystal_grow.temp            277 
# 
_diffrn.ambient_environment              ? 
_diffrn.ambient_temp                     100 
_diffrn.ambient_temp_details             ? 
_diffrn.ambient_temp_esd                 ? 
_diffrn.crystal_id                       1 
_diffrn.crystal_support                  ? 
_diffrn.crystal_treatment                ? 
_diffrn.details                          ? 
_diffrn.id                               1 
_diffrn.ambient_pressure                 ? 
_diffrn.ambient_pressure_esd             ? 
_diffrn.ambient_pressure_gt              ? 
_diffrn.ambient_pressure_lt              ? 
_diffrn.ambient_temp_gt                  ? 
_diffrn.ambient_temp_lt                  ? 
_diffrn.pdbx_serial_crystal_experiment   N 
# 
_diffrn_detector.details                      ? 
_diffrn_detector.detector                     PIXEL 
_diffrn_detector.diffrn_id                    1 
_diffrn_detector.type                         'DECTRIS EIGER X 16M' 
_diffrn_detector.area_resol_mean              ? 
_diffrn_detector.dtime                        ? 
_diffrn_detector.pdbx_frames_total            ? 
_diffrn_detector.pdbx_collection_time_total   ? 
_diffrn_detector.pdbx_collection_date         2022-09-23 
_diffrn_detector.pdbx_frequency               ? 
_diffrn_detector.id                           ? 
_diffrn_detector.number_of_axes               ? 
# 
_diffrn_radiation.collimation                      ? 
_diffrn_radiation.diffrn_id                        1 
_diffrn_radiation.filter_edge                      ? 
_diffrn_radiation.inhomogeneity                    ? 
_diffrn_radiation.monochromator                    ? 
_diffrn_radiation.polarisn_norm                    ? 
_diffrn_radiation.polarisn_ratio                   ? 
_diffrn_radiation.probe                            ? 
_diffrn_radiation.type                             ? 
_diffrn_radiation.xray_symbol                      ? 
_diffrn_radiation.wavelength_id                    1 
_diffrn_radiation.pdbx_monochromatic_or_laue_m_l   M 
_diffrn_radiation.pdbx_wavelength_list             ? 
_diffrn_radiation.pdbx_wavelength                  ? 
_diffrn_radiation.pdbx_diffrn_protocol             'SINGLE WAVELENGTH' 
_diffrn_radiation.pdbx_analyzer                    ? 
_diffrn_radiation.pdbx_scattering_type             x-ray 
# 
_diffrn_radiation_wavelength.id           1 
_diffrn_radiation_wavelength.wavelength   1.000000 
_diffrn_radiation_wavelength.wt           1.0 
# 
_diffrn_source.current                     ? 
_diffrn_source.details                     ? 
_diffrn_source.diffrn_id                   1 
_diffrn_source.power                       ? 
_diffrn_source.size                        ? 
_diffrn_source.source                      SYNCHROTRON 
_diffrn_source.target                      ? 
_diffrn_source.type                        'SLS BEAMLINE X06SA' 
_diffrn_source.voltage                     ? 
_diffrn_source.take-off_angle              ? 
_diffrn_source.pdbx_wavelength_list        1.000000 
_diffrn_source.pdbx_wavelength             ? 
_diffrn_source.pdbx_synchrotron_beamline   X06SA 
_diffrn_source.pdbx_synchrotron_site       SLS 
# 
_reflns.B_iso_Wilson_estimate                          ? 
_reflns.entry_id                                       9HHA 
_reflns.data_reduction_details                         ? 
_reflns.data_reduction_method                          ? 
_reflns.d_resolution_high                              1.90 
_reflns.d_resolution_low                               46.13 
_reflns.details                                        ? 
_reflns.limit_h_max                                    ? 
_reflns.limit_h_min                                    ? 
_reflns.limit_k_max                                    ? 
_reflns.limit_k_min                                    ? 
_reflns.limit_l_max                                    ? 
_reflns.limit_l_min                                    ? 
_reflns.number_all                                     ? 
_reflns.number_obs                                     14965 
_reflns.observed_criterion                             ? 
_reflns.observed_criterion_F_max                       ? 
_reflns.observed_criterion_F_min                       ? 
_reflns.observed_criterion_I_max                       ? 
_reflns.observed_criterion_I_min                       ? 
_reflns.observed_criterion_sigma_F                     ? 
_reflns.observed_criterion_sigma_I                     ? 
_reflns.percent_possible_obs                           100.0 
_reflns.R_free_details                                 ? 
_reflns.Rmerge_F_all                                   ? 
_reflns.Rmerge_F_obs                                   ? 
_reflns.Friedel_coverage                               ? 
_reflns.number_gt                                      ? 
_reflns.threshold_expression                           ? 
_reflns.pdbx_redundancy                                38.9 
_reflns.pdbx_netI_over_av_sigmaI                       ? 
_reflns.pdbx_netI_over_sigmaI                          33.8 
_reflns.pdbx_res_netI_over_av_sigmaI_2                 ? 
_reflns.pdbx_res_netI_over_sigmaI_2                    ? 
_reflns.pdbx_chi_squared                               0.98 
_reflns.pdbx_scaling_rejects                           ? 
_reflns.pdbx_d_res_high_opt                            ? 
_reflns.pdbx_d_res_low_opt                             ? 
_reflns.pdbx_d_res_opt_method                          ? 
_reflns.phase_calculation_details                      ? 
_reflns.pdbx_Rrim_I_all                                0.076 
_reflns.pdbx_Rpim_I_all                                0.012 
_reflns.pdbx_d_opt                                     ? 
_reflns.pdbx_number_measured_all                       582177 
_reflns.pdbx_diffrn_id                                 1 
_reflns.pdbx_ordinal                                   1 
_reflns.pdbx_CC_half                                   1.000 
_reflns.pdbx_CC_star                                   ? 
_reflns.pdbx_R_split                                   ? 
_reflns.pdbx_Rmerge_I_obs                              0.075 
_reflns.pdbx_Rmerge_I_all                              ? 
_reflns.pdbx_Rsym_value                                ? 
_reflns.pdbx_CC_split_method                           ? 
_reflns.pdbx_aniso_diffraction_limit_axis_1_ortho[1]   ? 
_reflns.pdbx_aniso_diffraction_limit_axis_1_ortho[2]   ? 
_reflns.pdbx_aniso_diffraction_limit_axis_1_ortho[3]   ? 
_reflns.pdbx_aniso_diffraction_limit_axis_2_ortho[1]   ? 
_reflns.pdbx_aniso_diffraction_limit_axis_2_ortho[2]   ? 
_reflns.pdbx_aniso_diffraction_limit_axis_2_ortho[3]   ? 
_reflns.pdbx_aniso_diffraction_limit_axis_3_ortho[1]   ? 
_reflns.pdbx_aniso_diffraction_limit_axis_3_ortho[2]   ? 
_reflns.pdbx_aniso_diffraction_limit_axis_3_ortho[3]   ? 
_reflns.pdbx_aniso_diffraction_limit_1                 ? 
_reflns.pdbx_aniso_diffraction_limit_2                 ? 
_reflns.pdbx_aniso_diffraction_limit_3                 ? 
_reflns.pdbx_aniso_B_tensor_eigenvector_1_ortho[1]     ? 
_reflns.pdbx_aniso_B_tensor_eigenvector_1_ortho[2]     ? 
_reflns.pdbx_aniso_B_tensor_eigenvector_1_ortho[3]     ? 
_reflns.pdbx_aniso_B_tensor_eigenvector_2_ortho[1]     ? 
_reflns.pdbx_aniso_B_tensor_eigenvector_2_ortho[2]     ? 
_reflns.pdbx_aniso_B_tensor_eigenvector_2_ortho[3]     ? 
_reflns.pdbx_aniso_B_tensor_eigenvector_3_ortho[1]     ? 
_reflns.pdbx_aniso_B_tensor_eigenvector_3_ortho[2]     ? 
_reflns.pdbx_aniso_B_tensor_eigenvector_3_ortho[3]     ? 
_reflns.pdbx_aniso_B_tensor_eigenvalue_1               ? 
_reflns.pdbx_aniso_B_tensor_eigenvalue_2               ? 
_reflns.pdbx_aniso_B_tensor_eigenvalue_3               ? 
_reflns.pdbx_orthogonalization_convention              ? 
_reflns.pdbx_percent_possible_ellipsoidal              ? 
_reflns.pdbx_percent_possible_spherical                ? 
_reflns.pdbx_percent_possible_ellipsoidal_anomalous    ? 
_reflns.pdbx_percent_possible_spherical_anomalous      ? 
_reflns.pdbx_redundancy_anomalous                      ? 
_reflns.pdbx_CC_half_anomalous                         ? 
_reflns.pdbx_absDiff_over_sigma_anomalous              ? 
_reflns.pdbx_percent_possible_anomalous                ? 
_reflns.pdbx_observed_signal_threshold                 ? 
_reflns.pdbx_signal_type                               ? 
_reflns.pdbx_signal_details                            ? 
_reflns.pdbx_signal_software_id                        ? 
# 
_reflns_shell.d_res_high                                    1.90 
_reflns_shell.d_res_low                                     1.94 
_reflns_shell.meanI_over_sigI_all                           ? 
_reflns_shell.meanI_over_sigI_obs                           ? 
_reflns_shell.number_measured_all                           36438 
_reflns_shell.number_measured_obs                           ? 
_reflns_shell.number_possible                               ? 
_reflns_shell.number_unique_all                             ? 
_reflns_shell.number_unique_obs                             935 
_reflns_shell.percent_possible_obs                          100.0 
_reflns_shell.Rmerge_F_all                                  ? 
_reflns_shell.Rmerge_F_obs                                  ? 
_reflns_shell.meanI_over_sigI_gt                            ? 
_reflns_shell.meanI_over_uI_all                             ? 
_reflns_shell.meanI_over_uI_gt                              ? 
_reflns_shell.number_measured_gt                            ? 
_reflns_shell.number_unique_gt                              ? 
_reflns_shell.percent_possible_gt                           ? 
_reflns_shell.Rmerge_F_gt                                   ? 
_reflns_shell.Rmerge_I_gt                                   ? 
_reflns_shell.pdbx_redundancy                               39.0 
_reflns_shell.pdbx_chi_squared                              1.00 
_reflns_shell.pdbx_netI_over_sigmaI_all                     ? 
_reflns_shell.pdbx_netI_over_sigmaI_obs                     6.1 
_reflns_shell.pdbx_Rrim_I_all                               0.718 
_reflns_shell.pdbx_Rpim_I_all                               0.114 
_reflns_shell.pdbx_rejects                                  ? 
_reflns_shell.pdbx_ordinal                                  1 
_reflns_shell.pdbx_diffrn_id                                1 
_reflns_shell.pdbx_CC_half                                  0.978 
_reflns_shell.pdbx_CC_star                                  ? 
_reflns_shell.pdbx_R_split                                  ? 
_reflns_shell.percent_possible_all                          ? 
_reflns_shell.Rmerge_I_all                                  ? 
_reflns_shell.Rmerge_I_obs                                  0.709 
_reflns_shell.pdbx_Rsym_value                               ? 
_reflns_shell.pdbx_percent_possible_ellipsoidal             ? 
_reflns_shell.pdbx_percent_possible_spherical               ? 
_reflns_shell.pdbx_percent_possible_ellipsoidal_anomalous   ? 
_reflns_shell.pdbx_percent_possible_spherical_anomalous     ? 
_reflns_shell.pdbx_redundancy_anomalous                     ? 
_reflns_shell.pdbx_CC_half_anomalous                        ? 
_reflns_shell.pdbx_absDiff_over_sigma_anomalous             ? 
_reflns_shell.pdbx_percent_possible_anomalous               ? 
# 
_refine.aniso_B[1][1]                            ? 
_refine.aniso_B[1][2]                            ? 
_refine.aniso_B[1][3]                            ? 
_refine.aniso_B[2][2]                            ? 
_refine.aniso_B[2][3]                            ? 
_refine.aniso_B[3][3]                            ? 
_refine.B_iso_max                                ? 
_refine.B_iso_mean                               ? 
_refine.B_iso_min                                ? 
_refine.correlation_coeff_Fo_to_Fc               ? 
_refine.correlation_coeff_Fo_to_Fc_free          ? 
_refine.details                                  ? 
_refine.diff_density_max                         ? 
_refine.diff_density_max_esd                     ? 
_refine.diff_density_min                         ? 
_refine.diff_density_min_esd                     ? 
_refine.diff_density_rms                         ? 
_refine.diff_density_rms_esd                     ? 
_refine.entry_id                                 9HHA 
_refine.pdbx_refine_id                           'X-RAY DIFFRACTION' 
_refine.ls_abs_structure_details                 ? 
_refine.ls_abs_structure_Flack                   ? 
_refine.ls_abs_structure_Flack_esd               ? 
_refine.ls_abs_structure_Rogers                  ? 
_refine.ls_abs_structure_Rogers_esd              ? 
_refine.ls_d_res_high                            1.90 
_refine.ls_d_res_low                             46.13 
_refine.ls_extinction_coef                       ? 
_refine.ls_extinction_coef_esd                   ? 
_refine.ls_extinction_expression                 ? 
_refine.ls_extinction_method                     ? 
_refine.ls_goodness_of_fit_all                   ? 
_refine.ls_goodness_of_fit_all_esd               ? 
_refine.ls_goodness_of_fit_obs                   ? 
_refine.ls_goodness_of_fit_obs_esd               ? 
_refine.ls_hydrogen_treatment                    ? 
_refine.ls_matrix_type                           ? 
_refine.ls_number_constraints                    ? 
_refine.ls_number_parameters                     ? 
_refine.ls_number_reflns_all                     ? 
_refine.ls_number_reflns_obs                     14932 
_refine.ls_number_reflns_R_free                  735 
_refine.ls_number_reflns_R_work                  ? 
_refine.ls_number_restraints                     ? 
_refine.ls_percent_reflns_obs                    99.93 
_refine.ls_percent_reflns_R_free                 4.92 
_refine.ls_R_factor_all                          ? 
_refine.ls_R_factor_obs                          0.1875 
_refine.ls_R_factor_R_free                       0.2068 
_refine.ls_R_factor_R_free_error                 ? 
_refine.ls_R_factor_R_free_error_details         ? 
_refine.ls_R_factor_R_work                       0.1865 
_refine.ls_R_Fsqd_factor_obs                     ? 
_refine.ls_R_I_factor_obs                        ? 
_refine.ls_redundancy_reflns_all                 ? 
_refine.ls_redundancy_reflns_obs                 ? 
_refine.ls_restrained_S_all                      ? 
_refine.ls_restrained_S_obs                      ? 
_refine.ls_shift_over_esd_max                    ? 
_refine.ls_shift_over_esd_mean                   ? 
_refine.ls_structure_factor_coef                 ? 
_refine.ls_weighting_details                     ? 
_refine.ls_weighting_scheme                      ? 
_refine.ls_wR_factor_all                         ? 
_refine.ls_wR_factor_obs                         ? 
_refine.ls_wR_factor_R_free                      ? 
_refine.ls_wR_factor_R_work                      ? 
_refine.occupancy_max                            ? 
_refine.occupancy_min                            ? 
_refine.solvent_model_details                    'FLAT BULK SOLVENT MODEL' 
_refine.solvent_model_param_bsol                 ? 
_refine.solvent_model_param_ksol                 ? 
_refine.pdbx_R_complete                          ? 
_refine.ls_R_factor_gt                           ? 
_refine.ls_goodness_of_fit_gt                    ? 
_refine.ls_goodness_of_fit_ref                   ? 
_refine.ls_shift_over_su_max                     ? 
_refine.ls_shift_over_su_max_lt                  ? 
_refine.ls_shift_over_su_mean                    ? 
_refine.ls_shift_over_su_mean_lt                 ? 
_refine.pdbx_ls_sigma_I                          ? 
_refine.pdbx_ls_sigma_F                          1.35 
_refine.pdbx_ls_sigma_Fsqd                       ? 
_refine.pdbx_data_cutoff_high_absF               ? 
_refine.pdbx_data_cutoff_high_rms_absF           ? 
_refine.pdbx_data_cutoff_low_absF                ? 
_refine.pdbx_isotropic_thermal_model             ? 
_refine.pdbx_ls_cross_valid_method               'FREE R-VALUE' 
_refine.pdbx_method_to_determine_struct          'MOLECULAR REPLACEMENT' 
_refine.pdbx_starting_model                      ? 
_refine.pdbx_stereochemistry_target_values       ML 
_refine.pdbx_R_Free_selection_details            ? 
_refine.pdbx_stereochem_target_val_spec_case     ? 
_refine.pdbx_overall_ESU_R                       ? 
_refine.pdbx_overall_ESU_R_Free                  ? 
_refine.pdbx_solvent_vdw_probe_radii             1.10 
_refine.pdbx_solvent_ion_probe_radii             ? 
_refine.pdbx_solvent_shrinkage_radii             0.90 
_refine.pdbx_real_space_R                        ? 
_refine.pdbx_density_correlation                 ? 
_refine.pdbx_pd_number_of_powder_patterns        ? 
_refine.pdbx_pd_number_of_points                 ? 
_refine.pdbx_pd_meas_number_of_points            ? 
_refine.pdbx_pd_proc_ls_prof_R_factor            ? 
_refine.pdbx_pd_proc_ls_prof_wR_factor           ? 
_refine.pdbx_pd_Marquardt_correlation_coeff      ? 
_refine.pdbx_pd_Fsqrd_R_factor                   ? 
_refine.pdbx_pd_ls_matrix_band_width             ? 
_refine.pdbx_overall_phase_error                 22.75 
_refine.pdbx_overall_SU_R_free_Cruickshank_DPI   ? 
_refine.pdbx_overall_SU_R_free_Blow_DPI          ? 
_refine.pdbx_overall_SU_R_Blow_DPI               ? 
_refine.pdbx_TLS_residual_ADP_flag               ? 
_refine.pdbx_diffrn_id                           1 
_refine.overall_SU_B                             ? 
_refine.overall_SU_ML                            0.23 
_refine.overall_SU_R_Cruickshank_DPI             ? 
_refine.overall_SU_R_free                        ? 
_refine.overall_FOM_free_R_set                   ? 
_refine.overall_FOM_work_R_set                   ? 
_refine.pdbx_average_fsc_overall                 ? 
_refine.pdbx_average_fsc_work                    ? 
_refine.pdbx_average_fsc_free                    ? 
# 
_refine_hist.pdbx_refine_id                   'X-RAY DIFFRACTION' 
_refine_hist.cycle_id                         LAST 
_refine_hist.details                          ? 
_refine_hist.d_res_high                       1.90 
_refine_hist.d_res_low                        46.13 
_refine_hist.number_atoms_solvent             139 
_refine_hist.number_atoms_total               1141 
_refine_hist.number_reflns_all                ? 
_refine_hist.number_reflns_obs                ? 
_refine_hist.number_reflns_R_free             ? 
_refine_hist.number_reflns_R_work             ? 
_refine_hist.R_factor_all                     ? 
_refine_hist.R_factor_obs                     ? 
_refine_hist.R_factor_R_free                  ? 
_refine_hist.R_factor_R_work                  ? 
_refine_hist.pdbx_number_residues_total       ? 
_refine_hist.pdbx_B_iso_mean_ligand           ? 
_refine_hist.pdbx_B_iso_mean_solvent          ? 
_refine_hist.pdbx_number_atoms_protein        969 
_refine_hist.pdbx_number_atoms_nucleic_acid   0 
_refine_hist.pdbx_number_atoms_ligand         33 
_refine_hist.pdbx_number_atoms_lipid          ? 
_refine_hist.pdbx_number_atoms_carb           ? 
_refine_hist.pdbx_pseudo_atom_details         ? 
# 
loop_
_refine_ls_restr.pdbx_refine_id 
_refine_ls_restr.criterion 
_refine_ls_restr.dev_ideal 
_refine_ls_restr.dev_ideal_target 
_refine_ls_restr.number 
_refine_ls_restr.rejects 
_refine_ls_restr.type 
_refine_ls_restr.weight 
_refine_ls_restr.pdbx_restraint_function 
'X-RAY DIFFRACTION' ? 0.003  ? 1061 ? f_bond_d           ? ? 
'X-RAY DIFFRACTION' ? 0.476  ? 1448 ? f_angle_d          ? ? 
'X-RAY DIFFRACTION' ? 17.109 ? 391  ? f_dihedral_angle_d ? ? 
'X-RAY DIFFRACTION' ? 0.037  ? 156  ? f_chiral_restr     ? ? 
'X-RAY DIFFRACTION' ? 0.002  ? 182  ? f_plane_restr      ? ? 
# 
loop_
_refine_ls_shell.pdbx_refine_id 
_refine_ls_shell.d_res_high 
_refine_ls_shell.d_res_low 
_refine_ls_shell.number_reflns_all 
_refine_ls_shell.number_reflns_obs 
_refine_ls_shell.number_reflns_R_free 
_refine_ls_shell.number_reflns_R_work 
_refine_ls_shell.percent_reflns_obs 
_refine_ls_shell.percent_reflns_R_free 
_refine_ls_shell.R_factor_all 
_refine_ls_shell.R_factor_obs 
_refine_ls_shell.R_factor_R_free_error 
_refine_ls_shell.R_factor_R_work 
_refine_ls_shell.redundancy_reflns_all 
_refine_ls_shell.redundancy_reflns_obs 
_refine_ls_shell.wR_factor_all 
_refine_ls_shell.wR_factor_obs 
_refine_ls_shell.wR_factor_R_free 
_refine_ls_shell.wR_factor_R_work 
_refine_ls_shell.pdbx_R_complete 
_refine_ls_shell.pdbx_total_number_of_bins_used 
_refine_ls_shell.pdbx_phase_error 
_refine_ls_shell.pdbx_fsc_work 
_refine_ls_shell.pdbx_fsc_free 
_refine_ls_shell.R_factor_R_free 
'X-RAY DIFFRACTION' 1.90 2.05  . . 149 2756 100.00 . . . . 0.2496 . . . . . . . . . . . 0.2737 
'X-RAY DIFFRACTION' 2.05 2.25  . . 124 2808 100.00 . . . . 0.1987 . . . . . . . . . . . 0.2478 
'X-RAY DIFFRACTION' 2.25 2.58  . . 139 2805 100.00 . . . . 0.2122 . . . . . . . . . . . 0.2252 
'X-RAY DIFFRACTION' 2.58 3.25  . . 167 2819 100.00 . . . . 0.1959 . . . . . . . . . . . 0.2330 
'X-RAY DIFFRACTION' 3.25 46.13 . . 156 3009 100.00 . . . . 0.1652 . . . . . . . . . . . 0.1745 
# 
_struct.entry_id                     9HHA 
_struct.title                        'Crystal Structure of the Plasmodium vivax Bromodomain PvBDP1 in complex with RMM4' 
_struct.pdbx_model_details           ? 
_struct.pdbx_formula_weight          ? 
_struct.pdbx_formula_weight_method   ? 
_struct.pdbx_model_type_details      ? 
_struct.pdbx_CASP_flag               N 
# 
_struct_keywords.entry_id        9HHA 
_struct_keywords.text            'plasmodium, bromodomain, inhibitor, complex, TRANSCRIPTION' 
_struct_keywords.pdbx_keywords   TRANSCRIPTION 
# 
loop_
_struct_asym.id 
_struct_asym.pdbx_blank_PDB_chainid_flag 
_struct_asym.pdbx_modified 
_struct_asym.entity_id 
_struct_asym.details 
A N N 1 ? 
B N N 2 ? 
C N N 2 ? 
D N N 3 ? 
E N N 4 ? 
F N N 5 ? 
# 
_struct_ref.id                         1 
_struct_ref.db_name                    UNP 
_struct_ref.db_code                    A5KDW3_PLAVS 
_struct_ref.pdbx_db_accession          A5KDW3 
_struct_ref.pdbx_db_isoform            ? 
_struct_ref.entity_id                  1 
_struct_ref.pdbx_seq_one_letter_code   
;FNKQWYLLANQIIQSLSKYEGGHIFEKLVDAKKQNCPDYYDVIKNPMSFSCVKTKLKKGQYGLPTEFIKDVQLIFDNCSL
YNTSGSLVAITGKNIEAYFNNQLIVTGYNNFVTKANTINERLQKVEDEN
;
_struct_ref.pdbx_align_begin           318 
# 
_struct_ref_seq.align_id                      1 
_struct_ref_seq.ref_id                        1 
_struct_ref_seq.pdbx_PDB_id_code              9HHA 
_struct_ref_seq.pdbx_strand_id                A 
_struct_ref_seq.seq_align_beg                 2 
_struct_ref_seq.pdbx_seq_align_beg_ins_code   ? 
_struct_ref_seq.seq_align_end                 130 
_struct_ref_seq.pdbx_seq_align_end_ins_code   ? 
_struct_ref_seq.pdbx_db_accession             A5KDW3 
_struct_ref_seq.db_align_beg                  318 
_struct_ref_seq.pdbx_db_align_beg_ins_code    ? 
_struct_ref_seq.db_align_end                  446 
_struct_ref_seq.pdbx_db_align_end_ins_code    ? 
_struct_ref_seq.pdbx_auth_seq_align_beg       2 
_struct_ref_seq.pdbx_auth_seq_align_end       130 
# 
loop_
_struct_ref_seq_dif.align_id 
_struct_ref_seq_dif.pdbx_pdb_id_code 
_struct_ref_seq_dif.mon_id 
_struct_ref_seq_dif.pdbx_pdb_strand_id 
_struct_ref_seq_dif.seq_num 
_struct_ref_seq_dif.pdbx_pdb_ins_code 
_struct_ref_seq_dif.pdbx_seq_db_name 
_struct_ref_seq_dif.pdbx_seq_db_accession_code 
_struct_ref_seq_dif.db_mon_id 
_struct_ref_seq_dif.pdbx_seq_db_seq_num 
_struct_ref_seq_dif.details 
_struct_ref_seq_dif.pdbx_auth_seq_num 
_struct_ref_seq_dif.pdbx_ordinal 
1 9HHA SER A 1   ? UNP A5KDW3 ? ? 'expression tag' 1   1 
1 9HHA LEU A 131 ? UNP A5KDW3 ? ? 'expression tag' 131 2 
1 9HHA GLU A 132 ? UNP A5KDW3 ? ? 'expression tag' 132 3 
# 
_pdbx_struct_assembly.id                   1 
_pdbx_struct_assembly.details              author_defined_assembly 
_pdbx_struct_assembly.method_details       ? 
_pdbx_struct_assembly.oligomeric_details   monomeric 
_pdbx_struct_assembly.oligomeric_count     1 
# 
loop_
_pdbx_struct_assembly_prop.biol_id 
_pdbx_struct_assembly_prop.type 
_pdbx_struct_assembly_prop.value 
_pdbx_struct_assembly_prop.details 
1 'ABSA (A^2)' 360  ? 
1 MORE         -23  ? 
1 'SSA (A^2)'  7220 ? 
# 
_pdbx_struct_assembly_gen.assembly_id       1 
_pdbx_struct_assembly_gen.oper_expression   1 
_pdbx_struct_assembly_gen.asym_id_list      A,B,C,D,E,F 
# 
_pdbx_struct_assembly_auth_evidence.id                     1 
_pdbx_struct_assembly_auth_evidence.assembly_id            1 
_pdbx_struct_assembly_auth_evidence.experimental_support   'gel filtration' 
_pdbx_struct_assembly_auth_evidence.details                ? 
# 
_pdbx_struct_oper_list.id                   1 
_pdbx_struct_oper_list.type                 'identity operation' 
_pdbx_struct_oper_list.name                 1_555 
_pdbx_struct_oper_list.symmetry_operation   x,y,z 
_pdbx_struct_oper_list.matrix[1][1]         1.0000000000 
_pdbx_struct_oper_list.matrix[1][2]         0.0000000000 
_pdbx_struct_oper_list.matrix[1][3]         0.0000000000 
_pdbx_struct_oper_list.vector[1]            0.0000000000 
_pdbx_struct_oper_list.matrix[2][1]         0.0000000000 
_pdbx_struct_oper_list.matrix[2][2]         1.0000000000 
_pdbx_struct_oper_list.matrix[2][3]         0.0000000000 
_pdbx_struct_oper_list.vector[2]            0.0000000000 
_pdbx_struct_oper_list.matrix[3][1]         0.0000000000 
_pdbx_struct_oper_list.matrix[3][2]         0.0000000000 
_pdbx_struct_oper_list.matrix[3][3]         1.0000000000 
_pdbx_struct_oper_list.vector[3]            0.0000000000 
# 
loop_
_struct_conf.conf_type_id 
_struct_conf.id 
_struct_conf.pdbx_PDB_helix_id 
_struct_conf.beg_label_comp_id 
_struct_conf.beg_label_asym_id 
_struct_conf.beg_label_seq_id 
_struct_conf.pdbx_beg_PDB_ins_code 
_struct_conf.end_label_comp_id 
_struct_conf.end_label_asym_id 
_struct_conf.end_label_seq_id 
_struct_conf.pdbx_end_PDB_ins_code 
_struct_conf.beg_auth_comp_id 
_struct_conf.beg_auth_asym_id 
_struct_conf.beg_auth_seq_id 
_struct_conf.end_auth_comp_id 
_struct_conf.end_auth_asym_id 
_struct_conf.end_auth_seq_id 
_struct_conf.pdbx_PDB_helix_class 
_struct_conf.details 
_struct_conf.pdbx_PDB_helix_length 
HELX_P HELX_P1 AA1 SER A 1   ? TYR A 20  ? SER A 1   TYR A 20  1 ? 20 
HELX_P HELX_P2 AA2 GLY A 22  ? GLU A 27  ? GLY A 22  GLU A 27  5 ? 6  
HELX_P HELX_P3 AA3 ASP A 39  ? ILE A 44  ? ASP A 39  ILE A 44  1 ? 6  
HELX_P HELX_P4 AA4 SER A 49  ? GLY A 60  ? SER A 49  GLY A 60  1 ? 12 
HELX_P HELX_P5 AA5 LEU A 64  ? ASN A 83  ? LEU A 64  ASN A 83  1 ? 20 
HELX_P HELX_P6 AA6 SER A 87  ? THR A 107 ? SER A 87  THR A 107 1 ? 21 
HELX_P HELX_P7 AA7 GLY A 108 ? ASN A 120 ? GLY A 108 ASN A 120 1 ? 13 
# 
_struct_conf_type.id          HELX_P 
_struct_conf_type.criteria    ? 
_struct_conf_type.reference   ? 
# 
_pdbx_entry_details.entry_id                   9HHA 
_pdbx_entry_details.nonpolymer_details         ? 
_pdbx_entry_details.sequence_details           ? 
_pdbx_entry_details.compound_details           ? 
_pdbx_entry_details.source_details             ? 
_pdbx_entry_details.has_ligand_of_interest     Y 
_pdbx_entry_details.has_protein_modification   N 
# 
_pdbx_validate_close_contact.id               1 
_pdbx_validate_close_contact.PDB_model_num    1 
_pdbx_validate_close_contact.auth_atom_id_1   O 
_pdbx_validate_close_contact.auth_asym_id_1   A 
_pdbx_validate_close_contact.auth_comp_id_1   HOH 
_pdbx_validate_close_contact.auth_seq_id_1    371 
_pdbx_validate_close_contact.PDB_ins_code_1   ? 
_pdbx_validate_close_contact.label_alt_id_1   ? 
_pdbx_validate_close_contact.auth_atom_id_2   O 
_pdbx_validate_close_contact.auth_asym_id_2   A 
_pdbx_validate_close_contact.auth_comp_id_2   HOH 
_pdbx_validate_close_contact.auth_seq_id_2    420 
_pdbx_validate_close_contact.PDB_ins_code_2   ? 
_pdbx_validate_close_contact.label_alt_id_2   ? 
_pdbx_validate_close_contact.dist             2.19 
# 
_pdbx_validate_symm_contact.id                1 
_pdbx_validate_symm_contact.PDB_model_num     1 
_pdbx_validate_symm_contact.auth_atom_id_1    O 
_pdbx_validate_symm_contact.auth_asym_id_1    A 
_pdbx_validate_symm_contact.auth_comp_id_1    HOH 
_pdbx_validate_symm_contact.auth_seq_id_1     438 
_pdbx_validate_symm_contact.PDB_ins_code_1    ? 
_pdbx_validate_symm_contact.label_alt_id_1    ? 
_pdbx_validate_symm_contact.site_symmetry_1   1_555 
_pdbx_validate_symm_contact.auth_atom_id_2    O 
_pdbx_validate_symm_contact.auth_asym_id_2    A 
_pdbx_validate_symm_contact.auth_comp_id_2    HOH 
_pdbx_validate_symm_contact.auth_seq_id_2     438 
_pdbx_validate_symm_contact.PDB_ins_code_2    ? 
_pdbx_validate_symm_contact.label_alt_id_2    ? 
_pdbx_validate_symm_contact.site_symmetry_2   10_554 
_pdbx_validate_symm_contact.dist              2.19 
# 
_pdbx_struct_special_symmetry.id              1 
_pdbx_struct_special_symmetry.PDB_model_num   1 
_pdbx_struct_special_symmetry.auth_asym_id    A 
_pdbx_struct_special_symmetry.auth_comp_id    HOH 
_pdbx_struct_special_symmetry.auth_seq_id     439 
_pdbx_struct_special_symmetry.PDB_ins_code    ? 
_pdbx_struct_special_symmetry.label_asym_id   F 
_pdbx_struct_special_symmetry.label_comp_id   HOH 
_pdbx_struct_special_symmetry.label_seq_id    . 
# 
_pdbx_distant_solvent_atoms.id                                1 
_pdbx_distant_solvent_atoms.PDB_model_num                     1 
_pdbx_distant_solvent_atoms.auth_atom_id                      O 
_pdbx_distant_solvent_atoms.label_alt_id                      ? 
_pdbx_distant_solvent_atoms.auth_asym_id                      A 
_pdbx_distant_solvent_atoms.auth_comp_id                      HOH 
_pdbx_distant_solvent_atoms.auth_seq_id                       439 
_pdbx_distant_solvent_atoms.PDB_ins_code                      ? 
_pdbx_distant_solvent_atoms.neighbor_macromolecule_distance   6.30 
_pdbx_distant_solvent_atoms.neighbor_ligand_distance          . 
# 
loop_
_pdbx_unobs_or_zero_occ_residues.id 
_pdbx_unobs_or_zero_occ_residues.PDB_model_num 
_pdbx_unobs_or_zero_occ_residues.polymer_flag 
_pdbx_unobs_or_zero_occ_residues.occupancy_flag 
_pdbx_unobs_or_zero_occ_residues.auth_asym_id 
_pdbx_unobs_or_zero_occ_residues.auth_comp_id 
_pdbx_unobs_or_zero_occ_residues.auth_seq_id 
_pdbx_unobs_or_zero_occ_residues.PDB_ins_code 
_pdbx_unobs_or_zero_occ_residues.label_asym_id 
_pdbx_unobs_or_zero_occ_residues.label_comp_id 
_pdbx_unobs_or_zero_occ_residues.label_seq_id 
1  1 Y 1 A ARG 122 ? A ARG 122 
2  1 Y 1 A LEU 123 ? A LEU 123 
3  1 Y 1 A GLN 124 ? A GLN 124 
4  1 Y 1 A LYS 125 ? A LYS 125 
5  1 Y 1 A VAL 126 ? A VAL 126 
6  1 Y 1 A GLU 127 ? A GLU 127 
7  1 Y 1 A ASP 128 ? A ASP 128 
8  1 Y 1 A GLU 129 ? A GLU 129 
9  1 Y 1 A ASN 130 ? A ASN 130 
10 1 Y 1 A LEU 131 ? A LEU 131 
11 1 Y 1 A GLU 132 ? A GLU 132 
# 
loop_
_chem_comp_atom.comp_id 
_chem_comp_atom.atom_id 
_chem_comp_atom.type_symbol 
_chem_comp_atom.pdbx_aromatic_flag 
_chem_comp_atom.pdbx_stereo_config 
_chem_comp_atom.pdbx_ordinal 
A1IUX C14  C  Y N 1   
A1IUX C12  C  Y N 2   
A1IUX C10  C  N N 3   
A1IUX C01  C  N N 4   
A1IUX C02  C  N N 5   
A1IUX C03  C  N N 6   
A1IUX C04  C  N N 7   
A1IUX C05  C  N N 8   
A1IUX C07  C  Y N 9   
A1IUX C08  C  Y N 10  
A1IUX C09  C  Y N 11  
A1IUX C13  C  Y N 12  
A1IUX C15  C  Y N 13  
A1IUX C16  C  Y N 14  
A1IUX C17  C  Y N 15  
A1IUX C18  C  Y N 16  
A1IUX C19  C  N N 17  
A1IUX F20  F  N N 18  
A1IUX F21  F  N N 19  
A1IUX F22  F  N N 20  
A1IUX N11  N  Y N 21  
A1IUX O06  O  N N 22  
A1IUX H1   H  N N 23  
A1IUX H2   H  N N 24  
A1IUX H3   H  N N 25  
A1IUX H4   H  N N 26  
A1IUX H5   H  N N 27  
A1IUX H6   H  N N 28  
A1IUX H7   H  N N 29  
A1IUX H8   H  N N 30  
A1IUX H9   H  N N 31  
A1IUX H10  H  N N 32  
A1IUX H11  H  N N 33  
A1IUX H12  H  N N 34  
A1IUX H13  H  N N 35  
A1IUX H14  H  N N 36  
A1IUX H15  H  N N 37  
A1IUX H16  H  N N 38  
ALA   N    N  N N 39  
ALA   CA   C  N S 40  
ALA   C    C  N N 41  
ALA   O    O  N N 42  
ALA   CB   C  N N 43  
ALA   OXT  O  N N 44  
ALA   H    H  N N 45  
ALA   H2   H  N N 46  
ALA   HA   H  N N 47  
ALA   HB1  H  N N 48  
ALA   HB2  H  N N 49  
ALA   HB3  H  N N 50  
ALA   HXT  H  N N 51  
ARG   N    N  N N 52  
ARG   CA   C  N S 53  
ARG   C    C  N N 54  
ARG   O    O  N N 55  
ARG   CB   C  N N 56  
ARG   CG   C  N N 57  
ARG   CD   C  N N 58  
ARG   NE   N  N N 59  
ARG   CZ   C  N N 60  
ARG   NH1  N  N N 61  
ARG   NH2  N  N N 62  
ARG   OXT  O  N N 63  
ARG   H    H  N N 64  
ARG   H2   H  N N 65  
ARG   HA   H  N N 66  
ARG   HB2  H  N N 67  
ARG   HB3  H  N N 68  
ARG   HG2  H  N N 69  
ARG   HG3  H  N N 70  
ARG   HD2  H  N N 71  
ARG   HD3  H  N N 72  
ARG   HE   H  N N 73  
ARG   HH11 H  N N 74  
ARG   HH12 H  N N 75  
ARG   HH21 H  N N 76  
ARG   HH22 H  N N 77  
ARG   HXT  H  N N 78  
ASN   N    N  N N 79  
ASN   CA   C  N S 80  
ASN   C    C  N N 81  
ASN   O    O  N N 82  
ASN   CB   C  N N 83  
ASN   CG   C  N N 84  
ASN   OD1  O  N N 85  
ASN   ND2  N  N N 86  
ASN   OXT  O  N N 87  
ASN   H    H  N N 88  
ASN   H2   H  N N 89  
ASN   HA   H  N N 90  
ASN   HB2  H  N N 91  
ASN   HB3  H  N N 92  
ASN   HD21 H  N N 93  
ASN   HD22 H  N N 94  
ASN   HXT  H  N N 95  
ASP   N    N  N N 96  
ASP   CA   C  N S 97  
ASP   C    C  N N 98  
ASP   O    O  N N 99  
ASP   CB   C  N N 100 
ASP   CG   C  N N 101 
ASP   OD1  O  N N 102 
ASP   OD2  O  N N 103 
ASP   OXT  O  N N 104 
ASP   H    H  N N 105 
ASP   H2   H  N N 106 
ASP   HA   H  N N 107 
ASP   HB2  H  N N 108 
ASP   HB3  H  N N 109 
ASP   HD2  H  N N 110 
ASP   HXT  H  N N 111 
CL    CL   CL N N 112 
CYS   N    N  N N 113 
CYS   CA   C  N R 114 
CYS   C    C  N N 115 
CYS   O    O  N N 116 
CYS   CB   C  N N 117 
CYS   SG   S  N N 118 
CYS   OXT  O  N N 119 
CYS   H    H  N N 120 
CYS   H2   H  N N 121 
CYS   HA   H  N N 122 
CYS   HB2  H  N N 123 
CYS   HB3  H  N N 124 
CYS   HG   H  N N 125 
CYS   HXT  H  N N 126 
GLN   N    N  N N 127 
GLN   CA   C  N S 128 
GLN   C    C  N N 129 
GLN   O    O  N N 130 
GLN   CB   C  N N 131 
GLN   CG   C  N N 132 
GLN   CD   C  N N 133 
GLN   OE1  O  N N 134 
GLN   NE2  N  N N 135 
GLN   OXT  O  N N 136 
GLN   H    H  N N 137 
GLN   H2   H  N N 138 
GLN   HA   H  N N 139 
GLN   HB2  H  N N 140 
GLN   HB3  H  N N 141 
GLN   HG2  H  N N 142 
GLN   HG3  H  N N 143 
GLN   HE21 H  N N 144 
GLN   HE22 H  N N 145 
GLN   HXT  H  N N 146 
GLU   N    N  N N 147 
GLU   CA   C  N S 148 
GLU   C    C  N N 149 
GLU   O    O  N N 150 
GLU   CB   C  N N 151 
GLU   CG   C  N N 152 
GLU   CD   C  N N 153 
GLU   OE1  O  N N 154 
GLU   OE2  O  N N 155 
GLU   OXT  O  N N 156 
GLU   H    H  N N 157 
GLU   H2   H  N N 158 
GLU   HA   H  N N 159 
GLU   HB2  H  N N 160 
GLU   HB3  H  N N 161 
GLU   HG2  H  N N 162 
GLU   HG3  H  N N 163 
GLU   HE2  H  N N 164 
GLU   HXT  H  N N 165 
GLY   N    N  N N 166 
GLY   CA   C  N N 167 
GLY   C    C  N N 168 
GLY   O    O  N N 169 
GLY   OXT  O  N N 170 
GLY   H    H  N N 171 
GLY   H2   H  N N 172 
GLY   HA2  H  N N 173 
GLY   HA3  H  N N 174 
GLY   HXT  H  N N 175 
HIS   N    N  N N 176 
HIS   CA   C  N S 177 
HIS   C    C  N N 178 
HIS   O    O  N N 179 
HIS   CB   C  N N 180 
HIS   CG   C  Y N 181 
HIS   ND1  N  Y N 182 
HIS   CD2  C  Y N 183 
HIS   CE1  C  Y N 184 
HIS   NE2  N  Y N 185 
HIS   OXT  O  N N 186 
HIS   H    H  N N 187 
HIS   H2   H  N N 188 
HIS   HA   H  N N 189 
HIS   HB2  H  N N 190 
HIS   HB3  H  N N 191 
HIS   HD1  H  N N 192 
HIS   HD2  H  N N 193 
HIS   HE1  H  N N 194 
HIS   HE2  H  N N 195 
HIS   HXT  H  N N 196 
HOH   O    O  N N 197 
HOH   H1   H  N N 198 
HOH   H2   H  N N 199 
ILE   N    N  N N 200 
ILE   CA   C  N S 201 
ILE   C    C  N N 202 
ILE   O    O  N N 203 
ILE   CB   C  N S 204 
ILE   CG1  C  N N 205 
ILE   CG2  C  N N 206 
ILE   CD1  C  N N 207 
ILE   OXT  O  N N 208 
ILE   H    H  N N 209 
ILE   H2   H  N N 210 
ILE   HA   H  N N 211 
ILE   HB   H  N N 212 
ILE   HG12 H  N N 213 
ILE   HG13 H  N N 214 
ILE   HG21 H  N N 215 
ILE   HG22 H  N N 216 
ILE   HG23 H  N N 217 
ILE   HD11 H  N N 218 
ILE   HD12 H  N N 219 
ILE   HD13 H  N N 220 
ILE   HXT  H  N N 221 
LEU   N    N  N N 222 
LEU   CA   C  N S 223 
LEU   C    C  N N 224 
LEU   O    O  N N 225 
LEU   CB   C  N N 226 
LEU   CG   C  N N 227 
LEU   CD1  C  N N 228 
LEU   CD2  C  N N 229 
LEU   OXT  O  N N 230 
LEU   H    H  N N 231 
LEU   H2   H  N N 232 
LEU   HA   H  N N 233 
LEU   HB2  H  N N 234 
LEU   HB3  H  N N 235 
LEU   HG   H  N N 236 
LEU   HD11 H  N N 237 
LEU   HD12 H  N N 238 
LEU   HD13 H  N N 239 
LEU   HD21 H  N N 240 
LEU   HD22 H  N N 241 
LEU   HD23 H  N N 242 
LEU   HXT  H  N N 243 
LYS   N    N  N N 244 
LYS   CA   C  N S 245 
LYS   C    C  N N 246 
LYS   O    O  N N 247 
LYS   CB   C  N N 248 
LYS   CG   C  N N 249 
LYS   CD   C  N N 250 
LYS   CE   C  N N 251 
LYS   NZ   N  N N 252 
LYS   OXT  O  N N 253 
LYS   H    H  N N 254 
LYS   H2   H  N N 255 
LYS   HA   H  N N 256 
LYS   HB2  H  N N 257 
LYS   HB3  H  N N 258 
LYS   HG2  H  N N 259 
LYS   HG3  H  N N 260 
LYS   HD2  H  N N 261 
LYS   HD3  H  N N 262 
LYS   HE2  H  N N 263 
LYS   HE3  H  N N 264 
LYS   HZ1  H  N N 265 
LYS   HZ2  H  N N 266 
LYS   HZ3  H  N N 267 
LYS   HXT  H  N N 268 
MET   N    N  N N 269 
MET   CA   C  N S 270 
MET   C    C  N N 271 
MET   O    O  N N 272 
MET   CB   C  N N 273 
MET   CG   C  N N 274 
MET   SD   S  N N 275 
MET   CE   C  N N 276 
MET   OXT  O  N N 277 
MET   H    H  N N 278 
MET   H2   H  N N 279 
MET   HA   H  N N 280 
MET   HB2  H  N N 281 
MET   HB3  H  N N 282 
MET   HG2  H  N N 283 
MET   HG3  H  N N 284 
MET   HE1  H  N N 285 
MET   HE2  H  N N 286 
MET   HE3  H  N N 287 
MET   HXT  H  N N 288 
PHE   N    N  N N 289 
PHE   CA   C  N S 290 
PHE   C    C  N N 291 
PHE   O    O  N N 292 
PHE   CB   C  N N 293 
PHE   CG   C  Y N 294 
PHE   CD1  C  Y N 295 
PHE   CD2  C  Y N 296 
PHE   CE1  C  Y N 297 
PHE   CE2  C  Y N 298 
PHE   CZ   C  Y N 299 
PHE   OXT  O  N N 300 
PHE   H    H  N N 301 
PHE   H2   H  N N 302 
PHE   HA   H  N N 303 
PHE   HB2  H  N N 304 
PHE   HB3  H  N N 305 
PHE   HD1  H  N N 306 
PHE   HD2  H  N N 307 
PHE   HE1  H  N N 308 
PHE   HE2  H  N N 309 
PHE   HZ   H  N N 310 
PHE   HXT  H  N N 311 
PRO   N    N  N N 312 
PRO   CA   C  N S 313 
PRO   C    C  N N 314 
PRO   O    O  N N 315 
PRO   CB   C  N N 316 
PRO   CG   C  N N 317 
PRO   CD   C  N N 318 
PRO   OXT  O  N N 319 
PRO   H    H  N N 320 
PRO   HA   H  N N 321 
PRO   HB2  H  N N 322 
PRO   HB3  H  N N 323 
PRO   HG2  H  N N 324 
PRO   HG3  H  N N 325 
PRO   HD2  H  N N 326 
PRO   HD3  H  N N 327 
PRO   HXT  H  N N 328 
SER   N    N  N N 329 
SER   CA   C  N S 330 
SER   C    C  N N 331 
SER   O    O  N N 332 
SER   CB   C  N N 333 
SER   OG   O  N N 334 
SER   OXT  O  N N 335 
SER   H    H  N N 336 
SER   H2   H  N N 337 
SER   HA   H  N N 338 
SER   HB2  H  N N 339 
SER   HB3  H  N N 340 
SER   HG   H  N N 341 
SER   HXT  H  N N 342 
SO4   S    S  N N 343 
SO4   O1   O  N N 344 
SO4   O2   O  N N 345 
SO4   O3   O  N N 346 
SO4   O4   O  N N 347 
THR   N    N  N N 348 
THR   CA   C  N S 349 
THR   C    C  N N 350 
THR   O    O  N N 351 
THR   CB   C  N R 352 
THR   OG1  O  N N 353 
THR   CG2  C  N N 354 
THR   OXT  O  N N 355 
THR   H    H  N N 356 
THR   H2   H  N N 357 
THR   HA   H  N N 358 
THR   HB   H  N N 359 
THR   HG1  H  N N 360 
THR   HG21 H  N N 361 
THR   HG22 H  N N 362 
THR   HG23 H  N N 363 
THR   HXT  H  N N 364 
TRP   N    N  N N 365 
TRP   CA   C  N S 366 
TRP   C    C  N N 367 
TRP   O    O  N N 368 
TRP   CB   C  N N 369 
TRP   CG   C  Y N 370 
TRP   CD1  C  Y N 371 
TRP   CD2  C  Y N 372 
TRP   NE1  N  Y N 373 
TRP   CE2  C  Y N 374 
TRP   CE3  C  Y N 375 
TRP   CZ2  C  Y N 376 
TRP   CZ3  C  Y N 377 
TRP   CH2  C  Y N 378 
TRP   OXT  O  N N 379 
TRP   H    H  N N 380 
TRP   H2   H  N N 381 
TRP   HA   H  N N 382 
TRP   HB2  H  N N 383 
TRP   HB3  H  N N 384 
TRP   HD1  H  N N 385 
TRP   HE1  H  N N 386 
TRP   HE3  H  N N 387 
TRP   HZ2  H  N N 388 
TRP   HZ3  H  N N 389 
TRP   HH2  H  N N 390 
TRP   HXT  H  N N 391 
TYR   N    N  N N 392 
TYR   CA   C  N S 393 
TYR   C    C  N N 394 
TYR   O    O  N N 395 
TYR   CB   C  N N 396 
TYR   CG   C  Y N 397 
TYR   CD1  C  Y N 398 
TYR   CD2  C  Y N 399 
TYR   CE1  C  Y N 400 
TYR   CE2  C  Y N 401 
TYR   CZ   C  Y N 402 
TYR   OH   O  N N 403 
TYR   OXT  O  N N 404 
TYR   H    H  N N 405 
TYR   H2   H  N N 406 
TYR   HA   H  N N 407 
TYR   HB2  H  N N 408 
TYR   HB3  H  N N 409 
TYR   HD1  H  N N 410 
TYR   HD2  H  N N 411 
TYR   HE1  H  N N 412 
TYR   HE2  H  N N 413 
TYR   HH   H  N N 414 
TYR   HXT  H  N N 415 
VAL   N    N  N N 416 
VAL   CA   C  N S 417 
VAL   C    C  N N 418 
VAL   O    O  N N 419 
VAL   CB   C  N N 420 
VAL   CG1  C  N N 421 
VAL   CG2  C  N N 422 
VAL   OXT  O  N N 423 
VAL   H    H  N N 424 
VAL   H2   H  N N 425 
VAL   HA   H  N N 426 
VAL   HB   H  N N 427 
VAL   HG11 H  N N 428 
VAL   HG12 H  N N 429 
VAL   HG13 H  N N 430 
VAL   HG21 H  N N 431 
VAL   HG22 H  N N 432 
VAL   HG23 H  N N 433 
VAL   HXT  H  N N 434 
# 
loop_
_chem_comp_bond.comp_id 
_chem_comp_bond.atom_id_1 
_chem_comp_bond.atom_id_2 
_chem_comp_bond.value_order 
_chem_comp_bond.pdbx_aromatic_flag 
_chem_comp_bond.pdbx_stereo_config 
_chem_comp_bond.pdbx_ordinal 
A1IUX C01 C02  sing N N 1   
A1IUX C01 C08  sing N N 2   
A1IUX C04 C03  sing N N 3   
A1IUX C04 C05  sing N N 4   
A1IUX C02 C03  sing N N 5   
A1IUX C15 C14  doub Y N 6   
A1IUX C15 C16  sing Y N 7   
A1IUX C08 C07  sing Y N 8   
A1IUX C08 C12  doub Y N 9   
A1IUX C14 C13  sing Y N 10  
A1IUX C05 C07  sing N N 11  
A1IUX C05 O06  doub N N 12  
A1IUX C16 C17  doub Y N 13  
A1IUX F21 C19  sing N N 14  
A1IUX C13 C12  sing N N 15  
A1IUX C13 C18  doub Y N 16  
A1IUX C07 C09  doub Y N 17  
A1IUX C17 C18  sing Y N 18  
A1IUX C12 N11  sing Y N 19  
A1IUX C18 C19  sing N N 20  
A1IUX C19 F20  sing N N 21  
A1IUX C19 F22  sing N N 22  
A1IUX C09 N11  sing Y N 23  
A1IUX C09 C10  sing N N 24  
A1IUX C14 H1   sing N N 25  
A1IUX C10 H2   sing N N 26  
A1IUX C10 H3   sing N N 27  
A1IUX C10 H4   sing N N 28  
A1IUX C01 H5   sing N N 29  
A1IUX C01 H6   sing N N 30  
A1IUX C02 H7   sing N N 31  
A1IUX C02 H8   sing N N 32  
A1IUX C03 H9   sing N N 33  
A1IUX C03 H10  sing N N 34  
A1IUX C04 H11  sing N N 35  
A1IUX C04 H12  sing N N 36  
A1IUX C15 H13  sing N N 37  
A1IUX C16 H14  sing N N 38  
A1IUX C17 H15  sing N N 39  
A1IUX N11 H16  sing N N 40  
ALA   N   CA   sing N N 41  
ALA   N   H    sing N N 42  
ALA   N   H2   sing N N 43  
ALA   CA  C    sing N N 44  
ALA   CA  CB   sing N N 45  
ALA   CA  HA   sing N N 46  
ALA   C   O    doub N N 47  
ALA   C   OXT  sing N N 48  
ALA   CB  HB1  sing N N 49  
ALA   CB  HB2  sing N N 50  
ALA   CB  HB3  sing N N 51  
ALA   OXT HXT  sing N N 52  
ARG   N   CA   sing N N 53  
ARG   N   H    sing N N 54  
ARG   N   H2   sing N N 55  
ARG   CA  C    sing N N 56  
ARG   CA  CB   sing N N 57  
ARG   CA  HA   sing N N 58  
ARG   C   O    doub N N 59  
ARG   C   OXT  sing N N 60  
ARG   CB  CG   sing N N 61  
ARG   CB  HB2  sing N N 62  
ARG   CB  HB3  sing N N 63  
ARG   CG  CD   sing N N 64  
ARG   CG  HG2  sing N N 65  
ARG   CG  HG3  sing N N 66  
ARG   CD  NE   sing N N 67  
ARG   CD  HD2  sing N N 68  
ARG   CD  HD3  sing N N 69  
ARG   NE  CZ   sing N N 70  
ARG   NE  HE   sing N N 71  
ARG   CZ  NH1  sing N N 72  
ARG   CZ  NH2  doub N N 73  
ARG   NH1 HH11 sing N N 74  
ARG   NH1 HH12 sing N N 75  
ARG   NH2 HH21 sing N N 76  
ARG   NH2 HH22 sing N N 77  
ARG   OXT HXT  sing N N 78  
ASN   N   CA   sing N N 79  
ASN   N   H    sing N N 80  
ASN   N   H2   sing N N 81  
ASN   CA  C    sing N N 82  
ASN   CA  CB   sing N N 83  
ASN   CA  HA   sing N N 84  
ASN   C   O    doub N N 85  
ASN   C   OXT  sing N N 86  
ASN   CB  CG   sing N N 87  
ASN   CB  HB2  sing N N 88  
ASN   CB  HB3  sing N N 89  
ASN   CG  OD1  doub N N 90  
ASN   CG  ND2  sing N N 91  
ASN   ND2 HD21 sing N N 92  
ASN   ND2 HD22 sing N N 93  
ASN   OXT HXT  sing N N 94  
ASP   N   CA   sing N N 95  
ASP   N   H    sing N N 96  
ASP   N   H2   sing N N 97  
ASP   CA  C    sing N N 98  
ASP   CA  CB   sing N N 99  
ASP   CA  HA   sing N N 100 
ASP   C   O    doub N N 101 
ASP   C   OXT  sing N N 102 
ASP   CB  CG   sing N N 103 
ASP   CB  HB2  sing N N 104 
ASP   CB  HB3  sing N N 105 
ASP   CG  OD1  doub N N 106 
ASP   CG  OD2  sing N N 107 
ASP   OD2 HD2  sing N N 108 
ASP   OXT HXT  sing N N 109 
CYS   N   CA   sing N N 110 
CYS   N   H    sing N N 111 
CYS   N   H2   sing N N 112 
CYS   CA  C    sing N N 113 
CYS   CA  CB   sing N N 114 
CYS   CA  HA   sing N N 115 
CYS   C   O    doub N N 116 
CYS   C   OXT  sing N N 117 
CYS   CB  SG   sing N N 118 
CYS   CB  HB2  sing N N 119 
CYS   CB  HB3  sing N N 120 
CYS   SG  HG   sing N N 121 
CYS   OXT HXT  sing N N 122 
GLN   N   CA   sing N N 123 
GLN   N   H    sing N N 124 
GLN   N   H2   sing N N 125 
GLN   CA  C    sing N N 126 
GLN   CA  CB   sing N N 127 
GLN   CA  HA   sing N N 128 
GLN   C   O    doub N N 129 
GLN   C   OXT  sing N N 130 
GLN   CB  CG   sing N N 131 
GLN   CB  HB2  sing N N 132 
GLN   CB  HB3  sing N N 133 
GLN   CG  CD   sing N N 134 
GLN   CG  HG2  sing N N 135 
GLN   CG  HG3  sing N N 136 
GLN   CD  OE1  doub N N 137 
GLN   CD  NE2  sing N N 138 
GLN   NE2 HE21 sing N N 139 
GLN   NE2 HE22 sing N N 140 
GLN   OXT HXT  sing N N 141 
GLU   N   CA   sing N N 142 
GLU   N   H    sing N N 143 
GLU   N   H2   sing N N 144 
GLU   CA  C    sing N N 145 
GLU   CA  CB   sing N N 146 
GLU   CA  HA   sing N N 147 
GLU   C   O    doub N N 148 
GLU   C   OXT  sing N N 149 
GLU   CB  CG   sing N N 150 
GLU   CB  HB2  sing N N 151 
GLU   CB  HB3  sing N N 152 
GLU   CG  CD   sing N N 153 
GLU   CG  HG2  sing N N 154 
GLU   CG  HG3  sing N N 155 
GLU   CD  OE1  doub N N 156 
GLU   CD  OE2  sing N N 157 
GLU   OE2 HE2  sing N N 158 
GLU   OXT HXT  sing N N 159 
GLY   N   CA   sing N N 160 
GLY   N   H    sing N N 161 
GLY   N   H2   sing N N 162 
GLY   CA  C    sing N N 163 
GLY   CA  HA2  sing N N 164 
GLY   CA  HA3  sing N N 165 
GLY   C   O    doub N N 166 
GLY   C   OXT  sing N N 167 
GLY   OXT HXT  sing N N 168 
HIS   N   CA   sing N N 169 
HIS   N   H    sing N N 170 
HIS   N   H2   sing N N 171 
HIS   CA  C    sing N N 172 
HIS   CA  CB   sing N N 173 
HIS   CA  HA   sing N N 174 
HIS   C   O    doub N N 175 
HIS   C   OXT  sing N N 176 
HIS   CB  CG   sing N N 177 
HIS   CB  HB2  sing N N 178 
HIS   CB  HB3  sing N N 179 
HIS   CG  ND1  sing Y N 180 
HIS   CG  CD2  doub Y N 181 
HIS   ND1 CE1  doub Y N 182 
HIS   ND1 HD1  sing N N 183 
HIS   CD2 NE2  sing Y N 184 
HIS   CD2 HD2  sing N N 185 
HIS   CE1 NE2  sing Y N 186 
HIS   CE1 HE1  sing N N 187 
HIS   NE2 HE2  sing N N 188 
HIS   OXT HXT  sing N N 189 
HOH   O   H1   sing N N 190 
HOH   O   H2   sing N N 191 
ILE   N   CA   sing N N 192 
ILE   N   H    sing N N 193 
ILE   N   H2   sing N N 194 
ILE   CA  C    sing N N 195 
ILE   CA  CB   sing N N 196 
ILE   CA  HA   sing N N 197 
ILE   C   O    doub N N 198 
ILE   C   OXT  sing N N 199 
ILE   CB  CG1  sing N N 200 
ILE   CB  CG2  sing N N 201 
ILE   CB  HB   sing N N 202 
ILE   CG1 CD1  sing N N 203 
ILE   CG1 HG12 sing N N 204 
ILE   CG1 HG13 sing N N 205 
ILE   CG2 HG21 sing N N 206 
ILE   CG2 HG22 sing N N 207 
ILE   CG2 HG23 sing N N 208 
ILE   CD1 HD11 sing N N 209 
ILE   CD1 HD12 sing N N 210 
ILE   CD1 HD13 sing N N 211 
ILE   OXT HXT  sing N N 212 
LEU   N   CA   sing N N 213 
LEU   N   H    sing N N 214 
LEU   N   H2   sing N N 215 
LEU   CA  C    sing N N 216 
LEU   CA  CB   sing N N 217 
LEU   CA  HA   sing N N 218 
LEU   C   O    doub N N 219 
LEU   C   OXT  sing N N 220 
LEU   CB  CG   sing N N 221 
LEU   CB  HB2  sing N N 222 
LEU   CB  HB3  sing N N 223 
LEU   CG  CD1  sing N N 224 
LEU   CG  CD2  sing N N 225 
LEU   CG  HG   sing N N 226 
LEU   CD1 HD11 sing N N 227 
LEU   CD1 HD12 sing N N 228 
LEU   CD1 HD13 sing N N 229 
LEU   CD2 HD21 sing N N 230 
LEU   CD2 HD22 sing N N 231 
LEU   CD2 HD23 sing N N 232 
LEU   OXT HXT  sing N N 233 
LYS   N   CA   sing N N 234 
LYS   N   H    sing N N 235 
LYS   N   H2   sing N N 236 
LYS   CA  C    sing N N 237 
LYS   CA  CB   sing N N 238 
LYS   CA  HA   sing N N 239 
LYS   C   O    doub N N 240 
LYS   C   OXT  sing N N 241 
LYS   CB  CG   sing N N 242 
LYS   CB  HB2  sing N N 243 
LYS   CB  HB3  sing N N 244 
LYS   CG  CD   sing N N 245 
LYS   CG  HG2  sing N N 246 
LYS   CG  HG3  sing N N 247 
LYS   CD  CE   sing N N 248 
LYS   CD  HD2  sing N N 249 
LYS   CD  HD3  sing N N 250 
LYS   CE  NZ   sing N N 251 
LYS   CE  HE2  sing N N 252 
LYS   CE  HE3  sing N N 253 
LYS   NZ  HZ1  sing N N 254 
LYS   NZ  HZ2  sing N N 255 
LYS   NZ  HZ3  sing N N 256 
LYS   OXT HXT  sing N N 257 
MET   N   CA   sing N N 258 
MET   N   H    sing N N 259 
MET   N   H2   sing N N 260 
MET   CA  C    sing N N 261 
MET   CA  CB   sing N N 262 
MET   CA  HA   sing N N 263 
MET   C   O    doub N N 264 
MET   C   OXT  sing N N 265 
MET   CB  CG   sing N N 266 
MET   CB  HB2  sing N N 267 
MET   CB  HB3  sing N N 268 
MET   CG  SD   sing N N 269 
MET   CG  HG2  sing N N 270 
MET   CG  HG3  sing N N 271 
MET   SD  CE   sing N N 272 
MET   CE  HE1  sing N N 273 
MET   CE  HE2  sing N N 274 
MET   CE  HE3  sing N N 275 
MET   OXT HXT  sing N N 276 
PHE   N   CA   sing N N 277 
PHE   N   H    sing N N 278 
PHE   N   H2   sing N N 279 
PHE   CA  C    sing N N 280 
PHE   CA  CB   sing N N 281 
PHE   CA  HA   sing N N 282 
PHE   C   O    doub N N 283 
PHE   C   OXT  sing N N 284 
PHE   CB  CG   sing N N 285 
PHE   CB  HB2  sing N N 286 
PHE   CB  HB3  sing N N 287 
PHE   CG  CD1  doub Y N 288 
PHE   CG  CD2  sing Y N 289 
PHE   CD1 CE1  sing Y N 290 
PHE   CD1 HD1  sing N N 291 
PHE   CD2 CE2  doub Y N 292 
PHE   CD2 HD2  sing N N 293 
PHE   CE1 CZ   doub Y N 294 
PHE   CE1 HE1  sing N N 295 
PHE   CE2 CZ   sing Y N 296 
PHE   CE2 HE2  sing N N 297 
PHE   CZ  HZ   sing N N 298 
PHE   OXT HXT  sing N N 299 
PRO   N   CA   sing N N 300 
PRO   N   CD   sing N N 301 
PRO   N   H    sing N N 302 
PRO   CA  C    sing N N 303 
PRO   CA  CB   sing N N 304 
PRO   CA  HA   sing N N 305 
PRO   C   O    doub N N 306 
PRO   C   OXT  sing N N 307 
PRO   CB  CG   sing N N 308 
PRO   CB  HB2  sing N N 309 
PRO   CB  HB3  sing N N 310 
PRO   CG  CD   sing N N 311 
PRO   CG  HG2  sing N N 312 
PRO   CG  HG3  sing N N 313 
PRO   CD  HD2  sing N N 314 
PRO   CD  HD3  sing N N 315 
PRO   OXT HXT  sing N N 316 
SER   N   CA   sing N N 317 
SER   N   H    sing N N 318 
SER   N   H2   sing N N 319 
SER   CA  C    sing N N 320 
SER   CA  CB   sing N N 321 
SER   CA  HA   sing N N 322 
SER   C   O    doub N N 323 
SER   C   OXT  sing N N 324 
SER   CB  OG   sing N N 325 
SER   CB  HB2  sing N N 326 
SER   CB  HB3  sing N N 327 
SER   OG  HG   sing N N 328 
SER   OXT HXT  sing N N 329 
SO4   S   O1   doub N N 330 
SO4   S   O2   doub N N 331 
SO4   S   O3   sing N N 332 
SO4   S   O4   sing N N 333 
THR   N   CA   sing N N 334 
THR   N   H    sing N N 335 
THR   N   H2   sing N N 336 
THR   CA  C    sing N N 337 
THR   CA  CB   sing N N 338 
THR   CA  HA   sing N N 339 
THR   C   O    doub N N 340 
THR   C   OXT  sing N N 341 
THR   CB  OG1  sing N N 342 
THR   CB  CG2  sing N N 343 
THR   CB  HB   sing N N 344 
THR   OG1 HG1  sing N N 345 
THR   CG2 HG21 sing N N 346 
THR   CG2 HG22 sing N N 347 
THR   CG2 HG23 sing N N 348 
THR   OXT HXT  sing N N 349 
TRP   N   CA   sing N N 350 
TRP   N   H    sing N N 351 
TRP   N   H2   sing N N 352 
TRP   CA  C    sing N N 353 
TRP   CA  CB   sing N N 354 
TRP   CA  HA   sing N N 355 
TRP   C   O    doub N N 356 
TRP   C   OXT  sing N N 357 
TRP   CB  CG   sing N N 358 
TRP   CB  HB2  sing N N 359 
TRP   CB  HB3  sing N N 360 
TRP   CG  CD1  doub Y N 361 
TRP   CG  CD2  sing Y N 362 
TRP   CD1 NE1  sing Y N 363 
TRP   CD1 HD1  sing N N 364 
TRP   CD2 CE2  doub Y N 365 
TRP   CD2 CE3  sing Y N 366 
TRP   NE1 CE2  sing Y N 367 
TRP   NE1 HE1  sing N N 368 
TRP   CE2 CZ2  sing Y N 369 
TRP   CE3 CZ3  doub Y N 370 
TRP   CE3 HE3  sing N N 371 
TRP   CZ2 CH2  doub Y N 372 
TRP   CZ2 HZ2  sing N N 373 
TRP   CZ3 CH2  sing Y N 374 
TRP   CZ3 HZ3  sing N N 375 
TRP   CH2 HH2  sing N N 376 
TRP   OXT HXT  sing N N 377 
TYR   N   CA   sing N N 378 
TYR   N   H    sing N N 379 
TYR   N   H2   sing N N 380 
TYR   CA  C    sing N N 381 
TYR   CA  CB   sing N N 382 
TYR   CA  HA   sing N N 383 
TYR   C   O    doub N N 384 
TYR   C   OXT  sing N N 385 
TYR   CB  CG   sing N N 386 
TYR   CB  HB2  sing N N 387 
TYR   CB  HB3  sing N N 388 
TYR   CG  CD1  doub Y N 389 
TYR   CG  CD2  sing Y N 390 
TYR   CD1 CE1  sing Y N 391 
TYR   CD1 HD1  sing N N 392 
TYR   CD2 CE2  doub Y N 393 
TYR   CD2 HD2  sing N N 394 
TYR   CE1 CZ   doub Y N 395 
TYR   CE1 HE1  sing N N 396 
TYR   CE2 CZ   sing Y N 397 
TYR   CE2 HE2  sing N N 398 
TYR   CZ  OH   sing N N 399 
TYR   OH  HH   sing N N 400 
TYR   OXT HXT  sing N N 401 
VAL   N   CA   sing N N 402 
VAL   N   H    sing N N 403 
VAL   N   H2   sing N N 404 
VAL   CA  C    sing N N 405 
VAL   CA  CB   sing N N 406 
VAL   CA  HA   sing N N 407 
VAL   C   O    doub N N 408 
VAL   C   OXT  sing N N 409 
VAL   CB  CG1  sing N N 410 
VAL   CB  CG2  sing N N 411 
VAL   CB  HB   sing N N 412 
VAL   CG1 HG11 sing N N 413 
VAL   CG1 HG12 sing N N 414 
VAL   CG1 HG13 sing N N 415 
VAL   CG2 HG21 sing N N 416 
VAL   CG2 HG22 sing N N 417 
VAL   CG2 HG23 sing N N 418 
VAL   OXT HXT  sing N N 419 
# 
_pdbx_audit_support.funding_organization   'German Research Foundation (DFG)' 
_pdbx_audit_support.country                Germany 
_pdbx_audit_support.grant_number           RTG2202 
_pdbx_audit_support.ordinal                1 
# 
_pdbx_initial_refinement_model.id               1 
_pdbx_initial_refinement_model.entity_id_list   ? 
_pdbx_initial_refinement_model.type             'in silico model' 
_pdbx_initial_refinement_model.source_name      AlphaFold 
_pdbx_initial_refinement_model.accession_code   ? 
_pdbx_initial_refinement_model.details          ? 
# 
_atom_sites.entry_id                    9HHA 
_atom_sites.Cartn_transf_matrix[1][1]   ? 
_atom_sites.Cartn_transf_matrix[1][2]   ? 
_atom_sites.Cartn_transf_matrix[1][3]   ? 
_atom_sites.Cartn_transf_matrix[2][1]   ? 
_atom_sites.Cartn_transf_matrix[2][2]   ? 
_atom_sites.Cartn_transf_matrix[2][3]   ? 
_atom_sites.Cartn_transf_matrix[3][1]   ? 
_atom_sites.Cartn_transf_matrix[3][2]   ? 
_atom_sites.Cartn_transf_matrix[3][3]   ? 
_atom_sites.Cartn_transf_vector[1]      ? 
_atom_sites.Cartn_transf_vector[2]      ? 
_atom_sites.Cartn_transf_vector[3]      ? 
_atom_sites.Cartn_transform_axes        ? 
_atom_sites.fract_transf_matrix[1][1]   -0.00772532 
_atom_sites.fract_transf_matrix[1][2]   0.00625973 
_atom_sites.fract_transf_matrix[1][3]   0.00760142 
_atom_sites.fract_transf_matrix[2][1]   -0.01107604 
_atom_sites.fract_transf_matrix[2][2]   -0.00493078 
_atom_sites.fract_transf_matrix[2][3]   0.00310791 
_atom_sites.fract_transf_matrix[3][1]   0.00576067 
_atom_sites.fract_transf_matrix[3][2]   -0.00608934 
_atom_sites.fract_transf_matrix[3][3]   0.01086912 
_atom_sites.fract_transf_vector[1]      0.131448 
_atom_sites.fract_transf_vector[2]      -0.278896 
_atom_sites.fract_transf_vector[3]      -0.012982 
_atom_sites.solution_primary            ? 
_atom_sites.solution_secondary          ? 
_atom_sites.solution_hydrogens          ? 
_atom_sites.special_details             ? 
# 
loop_
_atom_type.symbol 
C  
CL 
F  
N  
O  
S  
# 
loop_
_atom_site.group_PDB 
_atom_site.id 
_atom_site.type_symbol 
_atom_site.label_atom_id 
_atom_site.label_alt_id 
_atom_site.label_comp_id 
_atom_site.label_asym_id 
_atom_site.label_entity_id 
_atom_site.label_seq_id 
_atom_site.pdbx_PDB_ins_code 
_atom_site.Cartn_x 
_atom_site.Cartn_y 
_atom_site.Cartn_z 
_atom_site.occupancy 
_atom_site.B_iso_or_equiv 
_atom_site.pdbx_formal_charge 
_atom_site.auth_seq_id 
_atom_site.auth_comp_id 
_atom_site.auth_asym_id 
_atom_site.auth_atom_id 
_atom_site.pdbx_PDB_model_num 
ATOM   1    N  N   . SER   A 1 1   ? -11.205 -1.445  20.801  1.00 32.42  ? 1   SER   A N   1 
ATOM   2    C  CA  . SER   A 1 1   ? -11.781 -2.718  20.376  1.00 29.27  ? 1   SER   A CA  1 
ATOM   3    C  C   . SER   A 1 1   ? -11.031 -3.285  19.169  1.00 30.88  ? 1   SER   A C   1 
ATOM   4    O  O   . SER   A 1 1   ? -10.145 -2.626  18.625  1.00 29.86  ? 1   SER   A O   1 
ATOM   5    C  CB  . SER   A 1 1   ? -13.267 -2.549  20.055  1.00 36.45  ? 1   SER   A CB  1 
ATOM   6    O  OG  . SER   A 1 1   ? -13.474 -1.489  19.140  1.00 43.76  ? 1   SER   A OG  1 
ATOM   7    N  N   . PHE   A 1 2   ? -11.412 -4.499  18.753  1.00 29.80  ? 2   PHE   A N   1 
ATOM   8    C  CA  . PHE   A 1 2   ? -10.619 -5.266  17.793  1.00 30.56  ? 2   PHE   A CA  1 
ATOM   9    C  C   . PHE   A 1 2   ? -10.365 -4.490  16.504  1.00 31.58  ? 2   PHE   A C   1 
ATOM   10   O  O   . PHE   A 1 2   ? -9.217  -4.342  16.071  1.00 32.71  ? 2   PHE   A O   1 
ATOM   11   C  CB  . PHE   A 1 2   ? -11.316 -6.594  17.484  1.00 28.29  ? 2   PHE   A CB  1 
ATOM   12   C  CG  . PHE   A 1 2   ? -10.569 -7.459  16.501  1.00 23.59  ? 2   PHE   A CG  1 
ATOM   13   C  CD1 . PHE   A 1 2   ? -9.550  -8.292  16.931  1.00 29.66  ? 2   PHE   A CD1 1 
ATOM   14   C  CD2 . PHE   A 1 2   ? -10.886 -7.437  15.151  1.00 26.45  ? 2   PHE   A CD2 1 
ATOM   15   C  CE1 . PHE   A 1 2   ? -8.859  -9.090  16.033  1.00 31.76  ? 2   PHE   A CE1 1 
ATOM   16   C  CE2 . PHE   A 1 2   ? -10.196 -8.232  14.246  1.00 32.58  ? 2   PHE   A CE2 1 
ATOM   17   C  CZ  . PHE   A 1 2   ? -9.182  -9.058  14.691  1.00 29.87  ? 2   PHE   A CZ  1 
ATOM   18   N  N   . ASN   A 1 3   ? -11.432 -4.008  15.861  1.00 26.48  ? 3   ASN   A N   1 
ATOM   19   C  CA  . ASN   A 1 3   ? -11.264 -3.330  14.578  1.00 34.53  ? 3   ASN   A CA  1 
ATOM   20   C  C   . ASN   A 1 3   ? -10.579 -1.981  14.749  1.00 38.19  ? 3   ASN   A C   1 
ATOM   21   O  O   . ASN   A 1 3   ? -9.796  -1.563  13.886  1.00 28.28  ? 3   ASN   A O   1 
ATOM   22   C  CB  . ASN   A 1 3   ? -12.617 -3.169  13.885  1.00 27.49  ? 3   ASN   A CB  1 
ATOM   23   C  CG  . ASN   A 1 3   ? -13.173 -4.489  13.381  1.00 28.08  ? 3   ASN   A CG  1 
ATOM   24   O  OD1 . ASN   A 1 3   ? -12.431 -5.359  12.929  1.00 30.85  ? 3   ASN   A OD1 1 
ATOM   25   N  ND2 . ASN   A 1 3   ? -14.489 -4.643  13.457  1.00 32.86  ? 3   ASN   A ND2 1 
ATOM   26   N  N   . LYS   A 1 4   ? -10.856 -1.285  15.856  1.00 29.18  ? 4   LYS   A N   1 
ATOM   27   C  CA  . LYS   A 1 4   ? -10.159 -0.035  16.131  1.00 30.15  ? 4   LYS   A CA  1 
ATOM   28   C  C   . LYS   A 1 4   ? -8.658  -0.254  16.275  1.00 35.76  ? 4   LYS   A C   1 
ATOM   29   O  O   . LYS   A 1 4   ? -7.859  0.605   15.883  1.00 30.45  ? 4   LYS   A O   1 
ATOM   30   C  CB  . LYS   A 1 4   ? -10.719 0.619   17.394  1.00 28.82  ? 4   LYS   A CB  1 
ATOM   31   C  CG  . LYS   A 1 4   ? -12.163 1.078   17.282  1.00 44.52  ? 4   LYS   A CG  1 
ATOM   32   C  CD  . LYS   A 1 4   ? -12.541 1.971   18.459  1.00 57.81  ? 4   LYS   A CD  1 
ATOM   33   C  CE  . LYS   A 1 4   ? -13.989 2.427   18.373  1.00 68.17  ? 4   LYS   A CE  1 
ATOM   34   N  NZ  . LYS   A 1 4   ? -14.309 3.465   19.394  1.00 72.59  ? 4   LYS   A NZ  1 
ATOM   35   N  N   . GLN   A 1 5   ? -8.255  -1.405  16.820  1.00 30.46  ? 5   GLN   A N   1 
ATOM   36   C  CA  A GLN   A 1 5   ? -6.835  -1.619  17.062  0.50 30.03  ? 5   GLN   A CA  1 
ATOM   37   C  CA  B GLN   A 1 5   ? -6.838  -1.677  17.065  0.50 30.10  ? 5   GLN   A CA  1 
ATOM   38   C  C   . GLN   A 1 5   ? -6.061  -1.806  15.757  1.00 32.16  ? 5   GLN   A C   1 
ATOM   39   O  O   . GLN   A 1 5   ? -4.978  -1.231  15.600  1.00 29.83  ? 5   GLN   A O   1 
ATOM   40   C  CB  A GLN   A 1 5   ? -6.632  -2.803  18.006  0.50 36.77  ? 5   GLN   A CB  1 
ATOM   41   C  CB  B GLN   A 1 5   ? -6.680  -2.956  17.890  0.50 36.28  ? 5   GLN   A CB  1 
ATOM   42   C  CG  A GLN   A 1 5   ? -6.991  -2.476  19.452  0.50 37.86  ? 5   GLN   A CG  1 
ATOM   43   C  CG  B GLN   A 1 5   ? -7.075  -2.851  19.352  0.50 45.30  ? 5   GLN   A CG  1 
ATOM   44   C  CD  A GLN   A 1 5   ? -6.402  -1.153  19.919  0.50 43.81  ? 5   GLN   A CD  1 
ATOM   45   C  CD  B GLN   A 1 5   ? -6.942  -4.180  20.078  0.50 42.36  ? 5   GLN   A CD  1 
ATOM   46   O  OE1 A GLN   A 1 5   ? -5.203  -0.906  19.776  0.50 47.60  ? 5   GLN   A OE1 1 
ATOM   47   O  OE1 B GLN   A 1 5   ? -5.837  -4.684  20.283  0.50 29.37  ? 5   GLN   A OE1 1 
ATOM   48   N  NE2 A GLN   A 1 5   ? -7.248  -0.293  20.477  0.50 52.12  ? 5   GLN   A NE2 1 
ATOM   49   N  NE2 B GLN   A 1 5   ? -8.075  -4.760  20.461  0.50 31.60  ? 5   GLN   A NE2 1 
ATOM   50   N  N   . TRP   A 1 6   ? -6.588  -2.586  14.811  1.00 31.12  ? 6   TRP   A N   1 
ATOM   51   C  CA  . TRP   A 1 6   ? -5.828  -2.756  13.576  1.00 29.15  ? 6   TRP   A CA  1 
ATOM   52   C  C   . TRP   A 1 6   ? -6.041  -1.612  12.592  1.00 36.34  ? 6   TRP   A C   1 
ATOM   53   O  O   . TRP   A 1 6   ? -5.194  -1.406  11.716  1.00 28.44  ? 6   TRP   A O   1 
ATOM   54   C  CB  . TRP   A 1 6   ? -6.125  -4.114  12.920  1.00 26.71  ? 6   TRP   A CB  1 
ATOM   55   C  CG  . TRP   A 1 6   ? -7.522  -4.387  12.417  1.00 27.16  ? 6   TRP   A CG  1 
ATOM   56   C  CD1 . TRP   A 1 6   ? -8.478  -5.146  13.031  1.00 31.44  ? 6   TRP   A CD1 1 
ATOM   57   C  CD2 . TRP   A 1 6   ? -8.087  -3.971  11.164  1.00 28.32  ? 6   TRP   A CD2 1 
ATOM   58   N  NE1 . TRP   A 1 6   ? -9.611  -5.205  12.253  1.00 27.07  ? 6   TRP   A NE1 1 
ATOM   59   C  CE2 . TRP   A 1 6   ? -9.397  -4.488  11.103  1.00 30.85  ? 6   TRP   A CE2 1 
ATOM   60   C  CE3 . TRP   A 1 6   ? -7.618  -3.196  10.095  1.00 30.83  ? 6   TRP   A CE3 1 
ATOM   61   C  CZ2 . TRP   A 1 6   ? -10.244 -4.257  10.017  1.00 32.02  ? 6   TRP   A CZ2 1 
ATOM   62   C  CZ3 . TRP   A 1 6   ? -8.462  -2.966  9.019   1.00 28.50  ? 6   TRP   A CZ3 1 
ATOM   63   C  CH2 . TRP   A 1 6   ? -9.759  -3.497  8.989   1.00 32.28  ? 6   TRP   A CH2 1 
ATOM   64   N  N   . TYR   A 1 7   ? -7.128  -0.847  12.730  1.00 24.82  ? 7   TYR   A N   1 
ATOM   65   C  CA  . TYR   A 1 7   ? -7.226  0.417   12.003  1.00 27.36  ? 7   TYR   A CA  1 
ATOM   66   C  C   . TYR   A 1 7   ? -6.122  1.375   12.426  1.00 35.88  ? 7   TYR   A C   1 
ATOM   67   O  O   . TYR   A 1 7   ? -5.493  2.026   11.580  1.00 27.05  ? 7   TYR   A O   1 
ATOM   68   C  CB  . TYR   A 1 7   ? -8.599  1.050   12.231  1.00 24.65  ? 7   TYR   A CB  1 
ATOM   69   C  CG  . TYR   A 1 7   ? -9.562  0.886   11.076  1.00 27.89  ? 7   TYR   A CG  1 
ATOM   70   C  CD1 . TYR   A 1 7   ? -10.188 -0.330  10.835  1.00 27.05  ? 7   TYR   A CD1 1 
ATOM   71   C  CD2 . TYR   A 1 7   ? -9.854  1.952   10.235  1.00 26.37  ? 7   TYR   A CD2 1 
ATOM   72   C  CE1 . TYR   A 1 7   ? -11.073 -0.483  9.784   1.00 28.60  ? 7   TYR   A CE1 1 
ATOM   73   C  CE2 . TYR   A 1 7   ? -10.739 1.809   9.179   1.00 24.18  ? 7   TYR   A CE2 1 
ATOM   74   C  CZ  . TYR   A 1 7   ? -11.345 0.588   8.960   1.00 24.41  ? 7   TYR   A CZ  1 
ATOM   75   O  OH  . TYR   A 1 7   ? -12.230 0.434   7.914   1.00 29.11  ? 7   TYR   A OH  1 
ATOM   76   N  N   . LEU   A 1 8   ? -5.873  1.477   13.735  1.00 29.35  ? 8   LEU   A N   1 
ATOM   77   C  CA  A LEU   A 1 8   ? -4.816  2.357   14.224  0.43 31.20  ? 8   LEU   A CA  1 
ATOM   78   C  CA  B LEU   A 1 8   ? -4.817  2.359   14.221  0.57 31.18  ? 8   LEU   A CA  1 
ATOM   79   C  C   . LEU   A 1 8   ? -3.448  1.899   13.735  1.00 33.95  ? 8   LEU   A C   1 
ATOM   80   O  O   . LEU   A 1 8   ? -2.623  2.718   13.311  1.00 29.95  ? 8   LEU   A O   1 
ATOM   81   C  CB  A LEU   A 1 8   ? -4.841  2.414   15.751  0.43 33.74  ? 8   LEU   A CB  1 
ATOM   82   C  CB  B LEU   A 1 8   ? -4.852  2.426   15.747  0.57 33.76  ? 8   LEU   A CB  1 
ATOM   83   C  CG  A LEU   A 1 8   ? -5.967  3.208   16.411  0.43 29.32  ? 8   LEU   A CG  1 
ATOM   84   C  CG  B LEU   A 1 8   ? -3.776  3.281   16.419  0.57 37.10  ? 8   LEU   A CG  1 
ATOM   85   C  CD1 A LEU   A 1 8   ? -5.947  3.004   17.918  0.43 37.73  ? 8   LEU   A CD1 1 
ATOM   86   C  CD1 B LEU   A 1 8   ? -3.856  4.722   15.937  0.57 35.61  ? 8   LEU   A CD1 1 
ATOM   87   C  CD2 A LEU   A 1 8   ? -5.845  4.685   16.069  0.43 35.47  ? 8   LEU   A CD2 1 
ATOM   88   C  CD2 B LEU   A 1 8   ? -3.906  3.211   17.931  0.57 44.46  ? 8   LEU   A CD2 1 
ATOM   89   N  N   A LEU   A 1 9   ? -3.197  0.589   13.777  0.46 27.33  ? 9   LEU   A N   1 
ATOM   90   N  N   B LEU   A 1 9   ? -3.184  0.591   13.808  0.54 27.34  ? 9   LEU   A N   1 
ATOM   91   C  CA  A LEU   A 1 9   ? -1.913  0.060   13.335  0.46 25.71  ? 9   LEU   A CA  1 
ATOM   92   C  CA  B LEU   A 1 9   ? -1.909  0.063   13.329  0.54 25.74  ? 9   LEU   A CA  1 
ATOM   93   C  C   A LEU   A 1 9   ? -1.722  0.253   11.835  0.46 33.18  ? 9   LEU   A C   1 
ATOM   94   C  C   B LEU   A 1 9   ? -1.735  0.313   11.837  0.54 33.18  ? 9   LEU   A C   1 
ATOM   95   O  O   A LEU   A 1 9   ? -0.610  0.542   11.377  0.46 32.11  ? 9   LEU   A O   1 
ATOM   96   O  O   B LEU   A 1 9   ? -0.647  0.692   11.386  0.54 32.36  ? 9   LEU   A O   1 
ATOM   97   C  CB  A LEU   A 1 9   ? -1.807  -1.417  13.710  0.46 31.59  ? 9   LEU   A CB  1 
ATOM   98   C  CB  B LEU   A 1 9   ? -1.810  -1.432  13.629  0.54 31.63  ? 9   LEU   A CB  1 
ATOM   99   C  CG  A LEU   A 1 9   ? -0.416  -2.045  13.678  0.46 35.97  ? 9   LEU   A CG  1 
ATOM   100  C  CG  B LEU   A 1 9   ? -1.369  -1.857  15.030  0.54 36.98  ? 9   LEU   A CG  1 
ATOM   101  C  CD1 A LEU   A 1 9   ? 0.551   -1.206  14.494  0.46 40.55  ? 9   LEU   A CD1 1 
ATOM   102  C  CD1 B LEU   A 1 9   ? -1.261  -3.371  15.104  0.54 34.53  ? 9   LEU   A CD1 1 
ATOM   103  C  CD2 A LEU   A 1 9   ? -0.479  -3.461  14.215  0.46 34.14  ? 9   LEU   A CD2 1 
ATOM   104  C  CD2 B LEU   A 1 9   ? -0.045  -1.206  15.394  0.54 40.78  ? 9   LEU   A CD2 1 
ATOM   105  N  N   . ALA   A 1 10  ? -2.795  0.098   11.054  1.00 27.87  ? 10  ALA   A N   1 
ATOM   106  C  CA  . ALA   A 1 10  ? -2.707  0.323   9.614   1.00 26.29  ? 10  ALA   A CA  1 
ATOM   107  C  C   . ALA   A 1 10  ? -2.420  1.786   9.303   1.00 30.41  ? 10  ALA   A C   1 
ATOM   108  O  O   . ALA   A 1 10  ? -1.669  2.094   8.369   1.00 27.94  ? 10  ALA   A O   1 
ATOM   109  C  CB  . ALA   A 1 10  ? -3.998  -0.129  8.932   1.00 25.53  ? 10  ALA   A CB  1 
ATOM   110  N  N   . ASN   A 1 11  ? -3.013  2.701   10.072  1.00 25.60  ? 11  ASN   A N   1 
ATOM   111  C  CA  . ASN   A 1 11  ? -2.717  4.120   9.895   1.00 29.78  ? 11  ASN   A CA  1 
ATOM   112  C  C   . ASN   A 1 11  ? -1.255  4.419   10.199  1.00 33.73  ? 11  ASN   A C   1 
ATOM   113  O  O   . ASN   A 1 11  ? -0.629  5.247   9.527   1.00 32.46  ? 11  ASN   A O   1 
ATOM   114  C  CB  . ASN   A 1 11  ? -3.634  4.960   10.783  1.00 28.24  ? 11  ASN   A CB  1 
ATOM   115  C  CG  . ASN   A 1 11  ? -4.871  5.439   10.053  1.00 42.82  ? 11  ASN   A CG  1 
ATOM   116  O  OD1 . ASN   A 1 11  ? -4.777  6.074   9.001   1.00 45.04  ? 11  ASN   A OD1 1 
ATOM   117  N  ND2 . ASN   A 1 11  ? -6.041  5.131   10.602  1.00 51.01  ? 11  ASN   A ND2 1 
ATOM   118  N  N   . GLN   A 1 12  ? -0.692  3.754   11.208  1.00 30.10  ? 12  GLN   A N   1 
ATOM   119  C  CA  . GLN   A 1 12  ? 0.717   3.965   11.525  1.00 29.99  ? 12  GLN   A CA  1 
ATOM   120  C  C   . GLN   A 1 12  ? 1.619   3.382   10.443  1.00 37.37  ? 12  GLN   A C   1 
ATOM   121  O  O   . GLN   A 1 12  ? 2.617   4.003   10.061  1.00 30.32  ? 12  GLN   A O   1 
ATOM   122  C  CB  . GLN   A 1 12  ? 1.038   3.364   12.892  1.00 30.69  ? 12  GLN   A CB  1 
ATOM   123  C  CG  . GLN   A 1 12  ? 0.499   4.194   14.049  1.00 37.26  ? 12  GLN   A CG  1 
ATOM   124  C  CD  . GLN   A 1 12  ? 0.399   3.416   15.347  1.00 62.59  ? 12  GLN   A CD  1 
ATOM   125  O  OE1 . GLN   A 1 12  ? 0.750   2.237   15.410  1.00 63.45  ? 12  GLN   A OE1 1 
ATOM   126  N  NE2 . GLN   A 1 12  ? -0.090  4.075   16.394  1.00 64.89  ? 12  GLN   A NE2 1 
ATOM   127  N  N   . ILE   A 1 13  ? 1.275   2.201   9.925   1.00 26.82  ? 13  ILE   A N   1 
ATOM   128  C  CA  . ILE   A 1 13  ? 2.108   1.572   8.903   1.00 32.55  ? 13  ILE   A CA  1 
ATOM   129  C  C   . ILE   A 1 13  ? 2.082   2.388   7.616   1.00 35.17  ? 13  ILE   A C   1 
ATOM   130  O  O   . ILE   A 1 13  ? 3.124   2.634   6.998   1.00 32.45  ? 13  ILE   A O   1 
ATOM   131  C  CB  . ILE   A 1 13  ? 1.661   0.120   8.659   1.00 30.96  ? 13  ILE   A CB  1 
ATOM   132  C  CG1 . ILE   A 1 13  ? 1.926   -0.738  9.898   1.00 25.99  ? 13  ILE   A CG1 1 
ATOM   133  C  CG2 . ILE   A 1 13  ? 2.377   -0.456  7.448   1.00 28.49  ? 13  ILE   A CG2 1 
ATOM   134  C  CD1 . ILE   A 1 13  ? 1.364   -2.139  9.795   1.00 31.42  ? 13  ILE   A CD1 1 
ATOM   135  N  N   . ILE   A 1 14  ? 0.891   2.825   7.196   1.00 28.61  ? 14  ILE   A N   1 
ATOM   136  C  CA  . ILE   A 1 14  ? 0.787   3.565   5.939   1.00 28.67  ? 14  ILE   A CA  1 
ATOM   137  C  C   . ILE   A 1 14  ? 1.554   4.879   6.030   1.00 29.97  ? 14  ILE   A C   1 
ATOM   138  O  O   . ILE   A 1 14  ? 2.211   5.299   5.070   1.00 32.98  ? 14  ILE   A O   1 
ATOM   139  C  CB  . ILE   A 1 14  ? -0.692  3.780   5.552   1.00 26.65  ? 14  ILE   A CB  1 
ATOM   140  C  CG1 . ILE   A 1 14  ? -0.808  4.201   4.084   1.00 30.20  ? 14  ILE   A CG1 1 
ATOM   141  C  CG2 . ILE   A 1 14  ? -1.372  4.811   6.453   1.00 26.70  ? 14  ILE   A CG2 1 
ATOM   142  C  CD1 . ILE   A 1 14  ? -0.353  3.136   3.104   1.00 32.05  ? 14  ILE   A CD1 1 
ATOM   143  N  N   . GLN   A 1 15  ? 1.518   5.528   7.196   1.00 32.44  ? 15  GLN   A N   1 
ATOM   144  C  CA  . GLN   A 1 15  ? 2.256   6.774   7.359   1.00 32.57  ? 15  GLN   A CA  1 
ATOM   145  C  C   . GLN   A 1 15  ? 3.759   6.532   7.351   1.00 29.55  ? 15  GLN   A C   1 
ATOM   146  O  O   . GLN   A 1 15  ? 4.522   7.383   6.875   1.00 31.69  ? 15  GLN   A O   1 
ATOM   147  C  CB  . GLN   A 1 15  ? 1.829   7.477   8.648   1.00 41.15  ? 15  GLN   A CB  1 
ATOM   148  C  CG  . GLN   A 1 15  ? 2.407   8.876   8.816   1.00 62.06  ? 15  GLN   A CG  1 
ATOM   149  C  CD  . GLN   A 1 15  ? 1.847   9.876   7.817   1.00 81.55  ? 15  GLN   A CD  1 
ATOM   150  O  OE1 . GLN   A 1 15  ? 2.170   9.840   6.628   1.00 57.97  ? 15  GLN   A OE1 1 
ATOM   151  N  NE2 . GLN   A 1 15  ? 1.004   10.781  8.301   1.00 81.58  ? 15  GLN   A NE2 1 
ATOM   152  N  N   . SER   A 1 16  ? 4.204   5.377   7.856   1.00 27.10  ? 16  SER   A N   1 
ATOM   153  C  CA  . SER   A 1 16  ? 5.627   5.056   7.800   1.00 31.53  ? 16  SER   A CA  1 
ATOM   154  C  C   . SER   A 1 16  ? 6.075   4.771   6.373   1.00 46.76  ? 16  SER   A C   1 
ATOM   155  O  O   . SER   A 1 16  ? 7.237   5.018   6.028   1.00 30.19  ? 16  SER   A O   1 
ATOM   156  C  CB  . SER   A 1 16  ? 5.947   3.867   8.710   1.00 31.98  ? 16  SER   A CB  1 
ATOM   157  O  OG  . SER   A 1 16  ? 5.627   2.631   8.093   1.00 30.99  ? 16  SER   A OG  1 
ATOM   158  N  N   . LEU   A 1 17  ? 5.177   4.250   5.532   1.00 25.36  ? 17  LEU   A N   1 
ATOM   159  C  CA  . LEU   A 1 17  ? 5.499   4.107   4.115   1.00 26.64  ? 17  LEU   A CA  1 
ATOM   160  C  C   . LEU   A 1 17  ? 5.588   5.468   3.438   1.00 37.61  ? 17  LEU   A C   1 
ATOM   161  O  O   . LEU   A 1 17  ? 6.488   5.705   2.623   1.00 27.17  ? 17  LEU   A O   1 
ATOM   162  C  CB  . LEU   A 1 17  ? 4.460   3.232   3.413   1.00 26.70  ? 17  LEU   A CB  1 
ATOM   163  C  CG  . LEU   A 1 17  ? 4.167   1.830   3.955   1.00 32.98  ? 17  LEU   A CG  1 
ATOM   164  C  CD1 . LEU   A 1 17  ? 3.256   1.074   2.995   1.00 28.40  ? 17  LEU   A CD1 1 
ATOM   165  C  CD2 . LEU   A 1 17  ? 5.445   1.049   4.205   1.00 27.28  ? 17  LEU   A CD2 1 
ATOM   166  N  N   . SER   A 1 18  ? 4.662   6.375   3.765   1.00 27.14  ? 18  SER   A N   1 
ATOM   167  C  CA  . SER   A 1 18  ? 4.698   7.717   3.193   1.00 29.49  ? 18  SER   A CA  1 
ATOM   168  C  C   . SER   A 1 18  ? 6.008   8.425   3.505   1.00 37.15  ? 18  SER   A C   1 
ATOM   169  O  O   . SER   A 1 18  ? 6.507   9.197   2.678   1.00 32.90  ? 18  SER   A O   1 
ATOM   170  C  CB  . SER   A 1 18  ? 3.522   8.547   3.713   1.00 26.22  ? 18  SER   A CB  1 
ATOM   171  O  OG  . SER   A 1 18  ? 2.280   7.999   3.300   1.00 31.56  ? 18  SER   A OG  1 
ATOM   172  N  N   . LYS   A 1 19  ? 6.578   8.177   4.684   1.00 33.42  ? 19  LYS   A N   1 
ATOM   173  C  CA  . LYS   A 1 19  ? 7.798   8.850   5.113   1.00 31.32  ? 19  LYS   A CA  1 
ATOM   174  C  C   . LYS   A 1 19  ? 9.066   8.104   4.724   1.00 35.58  ? 19  LYS   A C   1 
ATOM   175  O  O   . LYS   A 1 19  ? 10.163  8.633   4.938   1.00 34.90  ? 19  LYS   A O   1 
ATOM   176  C  CB  . LYS   A 1 19  ? 7.781   9.057   6.630   1.00 35.98  ? 19  LYS   A CB  1 
ATOM   177  C  CG  . LYS   A 1 19  ? 6.636   9.921   7.126   1.00 43.26  ? 19  LYS   A CG  1 
ATOM   178  C  CD  . LYS   A 1 19  ? 6.662   10.032  8.641   1.00 59.12  ? 19  LYS   A CD  1 
ATOM   179  C  CE  . LYS   A 1 19  ? 5.474   10.823  9.163   1.00 76.37  ? 19  LYS   A CE  1 
ATOM   180  N  NZ  . LYS   A 1 19  ? 5.363   10.716  10.644  1.00 67.82  ? 19  LYS   A NZ  1 
ATOM   181  N  N   . TYR   A 1 20  ? 8.949   6.896   4.182   1.00 28.86  ? 20  TYR   A N   1 
ATOM   182  C  CA  . TYR   A 1 20  ? 10.124  6.163   3.735   1.00 31.12  ? 20  TYR   A CA  1 
ATOM   183  C  C   . TYR   A 1 20  ? 10.801  6.908   2.590   1.00 27.93  ? 20  TYR   A C   1 
ATOM   184  O  O   . TYR   A 1 20  ? 10.149  7.580   1.783   1.00 31.21  ? 20  TYR   A O   1 
ATOM   185  C  CB  . TYR   A 1 20  ? 9.733   4.750   3.295   1.00 31.25  ? 20  TYR   A CB  1 
ATOM   186  C  CG  . TYR   A 1 20  ? 10.888  3.775   3.193   1.00 34.48  ? 20  TYR   A CG  1 
ATOM   187  C  CD1 . TYR   A 1 20  ? 11.605  3.635   2.013   1.00 35.43  ? 20  TYR   A CD1 1 
ATOM   188  C  CD2 . TYR   A 1 20  ? 11.251  2.985   4.277   1.00 48.44  ? 20  TYR   A CD2 1 
ATOM   189  C  CE1 . TYR   A 1 20  ? 12.656  2.736   1.914   1.00 45.45  ? 20  TYR   A CE1 1 
ATOM   190  C  CE2 . TYR   A 1 20  ? 12.302  2.085   4.189   1.00 48.15  ? 20  TYR   A CE2 1 
ATOM   191  C  CZ  . TYR   A 1 20  ? 13.001  1.965   3.006   1.00 39.43  ? 20  TYR   A CZ  1 
ATOM   192  O  OH  . TYR   A 1 20  ? 14.046  1.073   2.914   1.00 62.84  ? 20  TYR   A OH  1 
ATOM   193  N  N   . GLU   A 1 21  ? 12.124  6.797   2.538   1.00 35.42  ? 21  GLU   A N   1 
ATOM   194  C  CA  . GLU   A 1 21  ? 12.914  7.445   1.497   1.00 39.79  ? 21  GLU   A CA  1 
ATOM   195  C  C   . GLU   A 1 21  ? 12.404  7.072   0.112   1.00 27.90  ? 21  GLU   A C   1 
ATOM   196  O  O   . GLU   A 1 21  ? 12.446  5.905   -0.287  1.00 33.47  ? 21  GLU   A O   1 
ATOM   197  C  CB  . GLU   A 1 21  ? 14.383  7.047   1.660   1.00 44.99  ? 21  GLU   A CB  1 
ATOM   198  C  CG  . GLU   A 1 21  ? 15.265  7.345   0.466   1.00 56.04  ? 21  GLU   A CG  1 
ATOM   199  C  CD  . GLU   A 1 21  ? 16.739  7.227   0.803   1.00 42.51  ? 21  GLU   A CD  1 
ATOM   200  O  OE1 . GLU   A 1 21  ? 17.249  8.104   1.534   1.00 48.09  ? 21  GLU   A OE1 1 
ATOM   201  O  OE2 . GLU   A 1 21  ? 17.384  6.258   0.347   1.00 46.54  ? 21  GLU   A OE2 1 
ATOM   202  N  N   . GLY   A 1 22  ? 11.901  8.070   -0.615  1.00 27.95  ? 22  GLY   A N   1 
ATOM   203  C  CA  . GLY   A 1 22  ? 11.325  7.854   -1.926  1.00 30.94  ? 22  GLY   A CA  1 
ATOM   204  C  C   . GLY   A 1 22  ? 9.850   7.511   -1.932  1.00 32.64  ? 22  GLY   A C   1 
ATOM   205  O  O   . GLY   A 1 22  ? 9.270   7.377   -3.018  1.00 28.69  ? 22  GLY   A O   1 
ATOM   206  N  N   . GLY   A 1 23  ? 9.223   7.377   -0.762  1.00 28.91  ? 23  GLY   A N   1 
ATOM   207  C  CA  . GLY   A 1 23  ? 7.824   6.984   -0.694  1.00 28.02  ? 23  GLY   A CA  1 
ATOM   208  C  C   . GLY   A 1 23  ? 6.865   7.971   -1.323  1.00 26.33  ? 23  GLY   A C   1 
ATOM   209  O  O   . GLY   A 1 23  ? 5.722   7.606   -1.625  1.00 29.40  ? 23  GLY   A O   1 
ATOM   210  N  N   . HIS   A 1 24  ? 7.302   9.213   -1.541  1.00 24.41  ? 24  HIS   A N   1 
ATOM   211  C  CA  . HIS   A 1 24  ? 6.419   10.220  -2.115  1.00 26.61  ? 24  HIS   A CA  1 
ATOM   212  C  C   . HIS   A 1 24  ? 5.932   9.840   -3.507  1.00 22.50  ? 24  HIS   A C   1 
ATOM   213  O  O   . HIS   A 1 24  ? 4.870   10.311  -3.928  1.00 26.30  ? 24  HIS   A O   1 
ATOM   214  C  CB  . HIS   A 1 24  ? 7.130   11.573  -2.158  1.00 31.72  ? 24  HIS   A CB  1 
ATOM   215  C  CG  . HIS   A 1 24  ? 8.300   11.609  -3.091  1.00 26.23  ? 24  HIS   A CG  1 
ATOM   216  N  ND1 . HIS   A 1 24  ? 9.545   11.129  -2.744  1.00 31.62  ? 24  HIS   A ND1 1 
ATOM   217  C  CD2 . HIS   A 1 24  ? 8.412   12.062  -4.361  1.00 30.63  ? 24  HIS   A CD2 1 
ATOM   218  C  CE1 . HIS   A 1 24  ? 10.373  11.285  -3.762  1.00 25.19  ? 24  HIS   A CE1 1 
ATOM   219  N  NE2 . HIS   A 1 24  ? 9.710   11.849  -4.756  1.00 27.87  ? 24  HIS   A NE2 1 
ATOM   220  N  N   . ILE   A 1 25  ? 6.667   8.987   -4.227  1.00 21.53  ? 25  ILE   A N   1 
ATOM   221  C  CA  . ILE   A 1 25  ? 6.243   8.622   -5.575  1.00 22.63  ? 25  ILE   A CA  1 
ATOM   222  C  C   . ILE   A 1 25  ? 4.998   7.742   -5.560  1.00 22.50  ? 25  ILE   A C   1 
ATOM   223  O  O   . ILE   A 1 25  ? 4.345   7.590   -6.598  1.00 23.46  ? 25  ILE   A O   1 
ATOM   224  C  CB  . ILE   A 1 25  ? 7.380   7.925   -6.348  1.00 24.36  ? 25  ILE   A CB  1 
ATOM   225  C  CG1 . ILE   A 1 25  ? 7.627   6.517   -5.806  1.00 24.66  ? 25  ILE   A CG1 1 
ATOM   226  C  CG2 . ILE   A 1 25  ? 8.655   8.764   -6.287  1.00 24.35  ? 25  ILE   A CG2 1 
ATOM   227  C  CD1 . ILE   A 1 25  ? 8.608   5.700   -6.644  1.00 24.50  ? 25  ILE   A CD1 1 
ATOM   228  N  N   . PHE   A 1 26  ? 4.655   7.152   -4.415  1.00 26.25  ? 26  PHE   A N   1 
ATOM   229  C  CA  . PHE   A 1 26  ? 3.436   6.358   -4.274  1.00 22.76  ? 26  PHE   A CA  1 
ATOM   230  C  C   . PHE   A 1 26  ? 2.335   7.089   -3.520  1.00 25.69  ? 26  PHE   A C   1 
ATOM   231  O  O   . PHE   A 1 26  ? 1.259   6.514   -3.311  1.00 22.55  ? 26  PHE   A O   1 
ATOM   232  C  CB  . PHE   A 1 26  ? 3.741   5.035   -3.562  1.00 22.23  ? 26  PHE   A CB  1 
ATOM   233  C  CG  . PHE   A 1 26  ? 4.811   4.219   -4.229  1.00 23.01  ? 26  PHE   A CG  1 
ATOM   234  C  CD1 . PHE   A 1 26  ? 4.581   3.629   -5.460  1.00 21.83  ? 26  PHE   A CD1 1 
ATOM   235  C  CD2 . PHE   A 1 26  ? 6.043   4.036   -3.621  1.00 27.34  ? 26  PHE   A CD2 1 
ATOM   236  C  CE1 . PHE   A 1 26  ? 5.568   2.875   -6.082  1.00 25.86  ? 26  PHE   A CE1 1 
ATOM   237  C  CE2 . PHE   A 1 26  ? 7.031   3.281   -4.234  1.00 27.65  ? 26  PHE   A CE2 1 
ATOM   238  C  CZ  . PHE   A 1 26  ? 6.792   2.705   -5.466  1.00 26.97  ? 26  PHE   A CZ  1 
ATOM   239  N  N   . GLU   A 1 27  ? 2.569   8.338   -3.114  1.00 25.38  ? 27  GLU   A N   1 
ATOM   240  C  CA  . GLU   A 1 27  ? 1.612   9.036   -2.258  1.00 24.02  ? 27  GLU   A CA  1 
ATOM   241  C  C   . GLU   A 1 27  ? 0.321   9.350   -3.004  1.00 28.22  ? 27  GLU   A C   1 
ATOM   242  O  O   . GLU   A 1 27  ? -0.777  9.153   -2.472  1.00 22.54  ? 27  GLU   A O   1 
ATOM   243  C  CB  . GLU   A 1 27  ? 2.235   10.321  -1.711  1.00 26.69  ? 27  GLU   A CB  1 
ATOM   244  C  CG  . GLU   A 1 27  ? 1.369   11.025  -0.671  1.00 26.68  ? 27  GLU   A CG  1 
ATOM   245  C  CD  . GLU   A 1 27  ? 1.235   10.221  0.607   1.00 28.16  ? 27  GLU   A CD  1 
ATOM   246  O  OE1 . GLU   A 1 27  ? 2.182   9.484   0.945   1.00 27.76  ? 27  GLU   A OE1 1 
ATOM   247  O  OE2 . GLU   A 1 27  ? 0.182   10.320  1.274   1.00 28.02  ? 27  GLU   A OE2 1 
ATOM   248  N  N   . LYS   A 1 28  ? 0.431   9.851   -4.231  1.00 23.15  ? 28  LYS   A N   1 
ATOM   249  C  CA  . LYS   A 1 28  ? -0.724  10.212  -5.036  1.00 24.11  ? 28  LYS   A CA  1 
ATOM   250  C  C   . LYS   A 1 28  ? -0.790  9.326   -6.272  1.00 26.72  ? 28  LYS   A C   1 
ATOM   251  O  O   . LYS   A 1 28  ? 0.202   8.710   -6.673  1.00 25.94  ? 28  LYS   A O   1 
ATOM   252  C  CB  . LYS   A 1 28  ? -0.674  11.685  -5.463  1.00 26.40  ? 28  LYS   A CB  1 
ATOM   253  C  CG  . LYS   A 1 28  ? -0.491  12.672  -4.312  1.00 26.95  ? 28  LYS   A CG  1 
ATOM   254  C  CD  . LYS   A 1 28  ? -1.709  12.714  -3.408  1.00 33.66  ? 28  LYS   A CD  1 
ATOM   255  C  CE  . LYS   A 1 28  ? -1.551  13.796  -2.344  1.00 59.23  ? 28  LYS   A CE  1 
ATOM   256  N  NZ  . LYS   A 1 28  ? -2.712  13.849  -1.418  1.00 58.51  ? 28  LYS   A NZ  1 
ATOM   257  N  N   . LEU   A 1 29  ? -1.977  9.269   -6.872  1.00 22.70  ? 29  LEU   A N   1 
ATOM   258  C  CA  . LEU   A 1 29  ? -2.146  8.538   -8.119  1.00 27.75  ? 29  LEU   A CA  1 
ATOM   259  C  C   . LEU   A 1 29  ? -1.321  9.193   -9.219  1.00 26.40  ? 29  LEU   A C   1 
ATOM   260  O  O   . LEU   A 1 29  ? -1.155  10.416  -9.252  1.00 23.78  ? 29  LEU   A O   1 
ATOM   261  C  CB  . LEU   A 1 29  ? -3.624  8.488   -8.510  1.00 26.05  ? 29  LEU   A CB  1 
ATOM   262  C  CG  . LEU   A 1 29  ? -4.500  7.613   -7.607  1.00 27.54  ? 29  LEU   A CG  1 
ATOM   263  C  CD1 . LEU   A 1 29  ? -5.974  7.943   -7.783  1.00 27.27  ? 29  LEU   A CD1 1 
ATOM   264  C  CD2 . LEU   A 1 29  ? -4.244  6.139   -7.896  1.00 25.08  ? 29  LEU   A CD2 1 
ATOM   265  N  N   . VAL   A 1 30  ? -0.785  8.362   -10.114 1.00 23.00  ? 30  VAL   A N   1 
ATOM   266  C  CA  . VAL   A 1 30  ? 0.063   8.859   -11.188 1.00 25.73  ? 30  VAL   A CA  1 
ATOM   267  C  C   . VAL   A 1 30  ? -0.744  9.770   -12.100 1.00 25.29  ? 30  VAL   A C   1 
ATOM   268  O  O   . VAL   A 1 30  ? -1.863  9.437   -12.509 1.00 25.81  ? 30  VAL   A O   1 
ATOM   269  C  CB  . VAL   A 1 30  ? 0.672   7.682   -11.967 1.00 24.58  ? 30  VAL   A CB  1 
ATOM   270  C  CG1 . VAL   A 1 30  ? 1.301   8.168   -13.252 1.00 25.22  ? 30  VAL   A CG1 1 
ATOM   271  C  CG2 . VAL   A 1 30  ? 1.694   6.953   -11.112 1.00 25.73  ? 30  VAL   A CG2 1 
ATOM   272  N  N   . ASP   A 1 31  ? -0.188  10.936  -12.406 1.00 23.80  ? 31  ASP   A N   1 
ATOM   273  C  CA  . ASP   A 1 31  ? -0.735  11.809  -13.438 1.00 26.60  ? 31  ASP   A CA  1 
ATOM   274  C  C   . ASP   A 1 31  ? -0.065  11.417  -14.749 1.00 27.24  ? 31  ASP   A C   1 
ATOM   275  O  O   . ASP   A 1 31  ? 1.114   11.719  -14.963 1.00 27.81  ? 31  ASP   A O   1 
ATOM   276  C  CB  . ASP   A 1 31  ? -0.494  13.277  -13.094 1.00 27.15  ? 31  ASP   A CB  1 
ATOM   277  C  CG  . ASP   A 1 31  ? -1.247  14.231  -14.009 1.00 33.26  ? 31  ASP   A CG  1 
ATOM   278  O  OD1 . ASP   A 1 31  ? -1.236  14.033  -15.244 1.00 30.17  ? 31  ASP   A OD1 1 
ATOM   279  O  OD2 . ASP   A 1 31  ? -1.848  15.195  -13.489 1.00 30.86  ? 31  ASP   A OD2 1 
ATOM   280  N  N   . ALA   A 1 32  ? -0.812  10.726  -15.615 1.00 26.39  ? 32  ALA   A N   1 
ATOM   281  C  CA  . ALA   A 1 32  ? -0.218  10.134  -16.812 1.00 28.27  ? 32  ALA   A CA  1 
ATOM   282  C  C   . ALA   A 1 32  ? 0.477   11.182  -17.673 1.00 37.42  ? 32  ALA   A C   1 
ATOM   283  O  O   . ALA   A 1 32  ? 1.580   10.945  -18.178 1.00 33.09  ? 32  ALA   A O   1 
ATOM   284  C  CB  . ALA   A 1 32  ? -1.291  9.406   -17.618 1.00 27.21  ? 32  ALA   A CB  1 
ATOM   285  N  N   . LYS   A 1 33  ? -0.144  12.350  -17.843 1.00 31.97  ? 33  LYS   A N   1 
ATOM   286  C  CA  . LYS   A 1 33  ? 0.448   13.384  -18.682 1.00 35.14  ? 33  LYS   A CA  1 
ATOM   287  C  C   . LYS   A 1 33  ? 1.612   14.076  -17.977 1.00 34.40  ? 33  LYS   A C   1 
ATOM   288  O  O   . LYS   A 1 33  ? 2.693   14.232  -18.557 1.00 34.63  ? 33  LYS   A O   1 
ATOM   289  C  CB  . LYS   A 1 33  ? -0.617  14.402  -19.089 1.00 39.01  ? 33  LYS   A CB  1 
ATOM   290  C  CG  . LYS   A 1 33  ? -0.155  15.403  -20.136 1.00 57.61  ? 33  LYS   A CG  1 
ATOM   291  N  N   . LYS   A 1 34  ? 1.416   14.488  -16.721 1.00 30.02  ? 34  LYS   A N   1 
ATOM   292  C  CA  . LYS   A 1 34  ? 2.458   15.239  -16.027 1.00 37.52  ? 34  LYS   A CA  1 
ATOM   293  C  C   . LYS   A 1 34  ? 3.693   14.390  -15.752 1.00 35.20  ? 34  LYS   A C   1 
ATOM   294  O  O   . LYS   A 1 34  ? 4.809   14.919  -15.726 1.00 30.45  ? 34  LYS   A O   1 
ATOM   295  C  CB  . LYS   A 1 34  ? 1.919   15.826  -14.723 1.00 33.97  ? 34  LYS   A CB  1 
ATOM   296  C  CG  . LYS   A 1 34  ? 0.826   16.864  -14.920 1.00 60.83  ? 34  LYS   A CG  1 
ATOM   297  C  CD  . LYS   A 1 34  ? 1.043   18.084  -14.031 1.00 62.78  ? 34  LYS   A CD  1 
ATOM   298  C  CE  . LYS   A 1 34  ? 1.003   17.723  -12.555 1.00 66.24  ? 34  LYS   A CE  1 
ATOM   299  N  NZ  . LYS   A 1 34  ? 1.150   18.928  -11.688 1.00 94.75  ? 34  LYS   A NZ  1 
ATOM   300  N  N   A GLN   A 1 35  ? 3.525   13.085  -15.542 0.55 29.77  ? 35  GLN   A N   1 
ATOM   301  N  N   B GLN   A 1 35  ? 3.518   13.087  -15.540 0.45 29.80  ? 35  GLN   A N   1 
ATOM   302  C  CA  A GLN   A 1 35  ? 4.656   12.195  -15.313 0.55 31.71  ? 35  GLN   A CA  1 
ATOM   303  C  CA  B GLN   A 1 35  ? 4.632   12.177  -15.308 0.45 31.75  ? 35  GLN   A CA  1 
ATOM   304  C  C   A GLN   A 1 35  ? 5.194   11.585  -16.601 0.55 34.65  ? 35  GLN   A C   1 
ATOM   305  C  C   B GLN   A 1 35  ? 5.182   11.576  -16.597 0.45 34.62  ? 35  GLN   A C   1 
ATOM   306  O  O   A GLN   A 1 35  ? 6.039   10.684  -16.539 0.55 30.02  ? 35  GLN   A O   1 
ATOM   307  O  O   B GLN   A 1 35  ? 6.025   10.675  -16.534 0.45 30.05  ? 35  GLN   A O   1 
ATOM   308  C  CB  A GLN   A 1 35  ? 4.271   11.084  -14.332 0.55 31.31  ? 35  GLN   A CB  1 
ATOM   309  C  CB  B GLN   A 1 35  ? 4.213   11.058  -14.348 0.45 31.34  ? 35  GLN   A CB  1 
ATOM   310  C  CG  A GLN   A 1 35  ? 3.887   11.588  -12.949 0.55 28.47  ? 35  GLN   A CG  1 
ATOM   311  C  CG  B GLN   A 1 35  ? 4.462   11.357  -12.871 0.45 30.17  ? 35  GLN   A CG  1 
ATOM   312  C  CD  A GLN   A 1 35  ? 4.979   12.425  -12.305 0.55 31.35  ? 35  GLN   A CD  1 
ATOM   313  C  CD  B GLN   A 1 35  ? 3.492   12.368  -12.285 0.45 41.50  ? 35  GLN   A CD  1 
ATOM   314  O  OE1 A GLN   A 1 35  ? 6.168   12.224  -12.560 0.55 34.64  ? 35  GLN   A OE1 1 
ATOM   315  O  OE1 B GLN   A 1 35  ? 2.342   12.043  -11.986 0.45 32.23  ? 35  GLN   A OE1 1 
ATOM   316  N  NE2 A GLN   A 1 35  ? 4.578   13.371  -11.465 0.55 37.83  ? 35  GLN   A NE2 1 
ATOM   317  N  NE2 B GLN   A 1 35  ? 3.958   13.598  -12.103 0.45 34.64  ? 35  GLN   A NE2 1 
ATOM   318  N  N   . ASN   A 1 36  ? 4.721   12.051  -17.757 1.00 25.70  ? 36  ASN   A N   1 
ATOM   319  C  CA  . ASN   A 1 36  ? 5.214   11.594  -19.061 1.00 29.52  ? 36  ASN   A CA  1 
ATOM   320  C  C   . ASN   A 1 36  ? 5.079   10.082  -19.238 1.00 36.99  ? 36  ASN   A C   1 
ATOM   321  O  O   . ASN   A 1 36  ? 5.969   9.418   -19.771 1.00 32.19  ? 36  ASN   A O   1 
ATOM   322  C  CB  . ASN   A 1 36  ? 6.658   12.048  -19.289 1.00 27.86  ? 36  ASN   A CB  1 
ATOM   323  C  CG  . ASN   A 1 36  ? 6.808   13.557  -19.222 1.00 31.79  ? 36  ASN   A CG  1 
ATOM   324  O  OD1 . ASN   A 1 36  ? 6.295   14.280  -20.077 1.00 43.01  ? 36  ASN   A OD1 1 
ATOM   325  N  ND2 . ASN   A 1 36  ? 7.518   14.039  -18.206 1.00 35.77  ? 36  ASN   A ND2 1 
ATOM   326  N  N   . CYS   A 1 37  ? 3.959   9.530   -18.784 1.00 25.48  ? 37  CYS   A N   1 
ATOM   327  C  CA  A CYS   A 1 37  ? 3.629   8.119   -18.991 0.54 25.13  ? 37  CYS   A CA  1 
ATOM   328  C  CA  B CYS   A 1 37  ? 3.623   8.119   -18.974 0.46 25.14  ? 37  CYS   A CA  1 
ATOM   329  C  C   . CYS   A 1 37  ? 2.196   8.031   -19.498 1.00 33.64  ? 37  CYS   A C   1 
ATOM   330  O  O   . CYS   A 1 37  ? 1.290   7.560   -18.796 1.00 27.20  ? 37  CYS   A O   1 
ATOM   331  C  CB  A CYS   A 1 37  ? 3.835   7.304   -17.713 0.54 30.60  ? 37  CYS   A CB  1 
ATOM   332  C  CB  B CYS   A 1 37  ? 3.778   7.332   -17.672 0.46 30.71  ? 37  CYS   A CB  1 
ATOM   333  S  SG  A CYS   A 1 37  ? 3.143   8.035   -16.226 0.54 26.68  ? 37  CYS   A SG  1 
ATOM   334  S  SG  B CYS   A 1 37  ? 5.413   7.417   -16.923 0.46 36.82  ? 37  CYS   A SG  1 
ATOM   335  N  N   . PRO   A 1 38  ? 1.957   8.478   -20.735 1.00 27.77  ? 38  PRO   A N   1 
ATOM   336  C  CA  . PRO   A 1 38  ? 0.577   8.550   -21.244 1.00 27.66  ? 38  PRO   A CA  1 
ATOM   337  C  C   . PRO   A 1 38  ? -0.113  7.202   -21.379 1.00 28.07  ? 38  PRO   A C   1 
ATOM   338  O  O   . PRO   A 1 38  ? -1.340  7.176   -21.533 1.00 32.31  ? 38  PRO   A O   1 
ATOM   339  C  CB  . PRO   A 1 38  ? 0.743   9.228   -22.610 1.00 41.28  ? 38  PRO   A CB  1 
ATOM   340  C  CG  . PRO   A 1 38  ? 2.155   8.940   -23.008 1.00 36.37  ? 38  PRO   A CG  1 
ATOM   341  C  CD  . PRO   A 1 38  ? 2.941   8.930   -21.735 1.00 34.14  ? 38  PRO   A CD  1 
ATOM   342  N  N   . ASP   A 1 39  ? 0.618   6.091   -21.321 1.00 28.63  ? 39  ASP   A N   1 
ATOM   343  C  CA  . ASP   A 1 39  ? 0.022   4.765   -21.417 1.00 30.44  ? 39  ASP   A CA  1 
ATOM   344  C  C   . ASP   A 1 39  ? -0.197  4.116   -20.056 1.00 29.07  ? 39  ASP   A C   1 
ATOM   345  O  O   . ASP   A 1 39  ? -0.533  2.930   -19.997 1.00 29.43  ? 39  ASP   A O   1 
ATOM   346  C  CB  . ASP   A 1 39  ? 0.895   3.859   -22.286 1.00 28.97  ? 39  ASP   A CB  1 
ATOM   347  C  CG  . ASP   A 1 39  ? 2.262   3.602   -21.674 1.00 33.67  ? 39  ASP   A CG  1 
ATOM   348  O  OD1 . ASP   A 1 39  ? 2.683   4.388   -20.799 1.00 36.66  ? 39  ASP   A OD1 1 
ATOM   349  O  OD2 . ASP   A 1 39  ? 2.918   2.614   -22.071 1.00 40.04  ? 39  ASP   A OD2 1 
ATOM   350  N  N   . TYR   A 1 40  ? -0.021  4.868   -18.964 1.00 26.68  ? 40  TYR   A N   1 
ATOM   351  C  CA  . TYR   A 1 40  ? -0.015  4.259   -17.636 1.00 22.68  ? 40  TYR   A CA  1 
ATOM   352  C  C   . TYR   A 1 40  ? -1.336  3.560   -17.338 1.00 25.01  ? 40  TYR   A C   1 
ATOM   353  O  O   . TYR   A 1 40  ? -1.353  2.421   -16.859 1.00 26.71  ? 40  TYR   A O   1 
ATOM   354  C  CB  . TYR   A 1 40  ? 0.285   5.311   -16.567 1.00 24.27  ? 40  TYR   A CB  1 
ATOM   355  C  CG  . TYR   A 1 40  ? 0.353   4.729   -15.171 1.00 22.18  ? 40  TYR   A CG  1 
ATOM   356  C  CD1 . TYR   A 1 40  ? 1.524   4.148   -14.696 1.00 22.73  ? 40  TYR   A CD1 1 
ATOM   357  C  CD2 . TYR   A 1 40  ? -0.755  4.750   -14.333 1.00 30.88  ? 40  TYR   A CD2 1 
ATOM   358  C  CE1 . TYR   A 1 40  ? 1.589   3.609   -13.423 1.00 25.57  ? 40  TYR   A CE1 1 
ATOM   359  C  CE2 . TYR   A 1 40  ? -0.700  4.209   -13.061 1.00 25.43  ? 40  TYR   A CE2 1 
ATOM   360  C  CZ  . TYR   A 1 40  ? 0.471   3.642   -12.610 1.00 26.81  ? 40  TYR   A CZ  1 
ATOM   361  O  OH  . TYR   A 1 40  ? 0.518   3.111   -11.339 1.00 27.17  ? 40  TYR   A OH  1 
ATOM   362  N  N   . TYR   A 1 41  ? -2.455  4.230   -17.602 1.00 24.56  ? 41  TYR   A N   1 
ATOM   363  C  CA  . TYR   A 1 41  ? -3.750  3.645   -17.283 1.00 27.64  ? 41  TYR   A CA  1 
ATOM   364  C  C   . TYR   A 1 41  ? -4.257  2.710   -18.370 1.00 28.05  ? 41  TYR   A C   1 
ATOM   365  O  O   . TYR   A 1 41  ? -5.330  2.116   -18.207 1.00 34.87  ? 41  TYR   A O   1 
ATOM   366  C  CB  . TYR   A 1 41  ? -4.758  4.757   -16.980 1.00 25.76  ? 41  TYR   A CB  1 
ATOM   367  C  CG  . TYR   A 1 41  ? -4.383  5.498   -15.718 1.00 24.95  ? 41  TYR   A CG  1 
ATOM   368  C  CD1 . TYR   A 1 41  ? -4.525  4.893   -14.476 1.00 23.58  ? 41  TYR   A CD1 1 
ATOM   369  C  CD2 . TYR   A 1 41  ? -3.849  6.779   -15.767 1.00 23.69  ? 41  TYR   A CD2 1 
ATOM   370  C  CE1 . TYR   A 1 41  ? -4.171  5.551   -13.314 1.00 23.59  ? 41  TYR   A CE1 1 
ATOM   371  C  CE2 . TYR   A 1 41  ? -3.489  7.448   -14.608 1.00 24.60  ? 41  TYR   A CE2 1 
ATOM   372  C  CZ  . TYR   A 1 41  ? -3.650  6.824   -13.386 1.00 26.86  ? 41  TYR   A CZ  1 
ATOM   373  O  OH  . TYR   A 1 41  ? -3.298  7.472   -12.227 1.00 26.27  ? 41  TYR   A OH  1 
ATOM   374  N  N   . ASP   A 1 42  ? -3.509  2.558   -19.465 1.00 28.23  ? 42  ASP   A N   1 
ATOM   375  C  CA  . ASP   A 1 42  ? -3.708  1.430   -20.366 1.00 32.95  ? 42  ASP   A CA  1 
ATOM   376  C  C   . ASP   A 1 42  ? -3.087  0.150   -19.825 1.00 36.12  ? 42  ASP   A C   1 
ATOM   377  O  O   . ASP   A 1 42  ? -3.519  -0.943  -20.206 1.00 47.82  ? 42  ASP   A O   1 
ATOM   378  C  CB  . ASP   A 1 42  ? -3.116  1.737   -21.744 1.00 35.04  ? 42  ASP   A CB  1 
ATOM   379  C  CG  . ASP   A 1 42  ? -3.786  2.919   -22.417 1.00 40.07  ? 42  ASP   A CG  1 
ATOM   380  O  OD1 . ASP   A 1 42  ? -5.009  3.091   -22.236 1.00 39.14  ? 42  ASP   A OD1 1 
ATOM   381  O  OD2 . ASP   A 1 42  ? -3.091  3.672   -23.129 1.00 48.07  ? 42  ASP   A OD2 1 
ATOM   382  N  N   . VAL   A 1 43  ? -2.091  0.264   -18.953 1.00 25.51  ? 43  VAL   A N   1 
ATOM   383  C  CA  . VAL   A 1 43  ? -1.426  -0.887  -18.358 1.00 23.61  ? 43  VAL   A CA  1 
ATOM   384  C  C   . VAL   A 1 43  ? -1.957  -1.185  -16.961 1.00 28.22  ? 43  VAL   A C   1 
ATOM   385  O  O   . VAL   A 1 43  ? -2.145  -2.348  -16.598 1.00 25.66  ? 43  VAL   A O   1 
ATOM   386  C  CB  . VAL   A 1 43  ? 0.099   -0.650  -18.332 1.00 27.07  ? 43  VAL   A CB  1 
ATOM   387  C  CG1 . VAL   A 1 43  ? 0.822   -1.848  -17.729 1.00 27.26  ? 43  VAL   A CG1 1 
ATOM   388  C  CG2 . VAL   A 1 43  ? 0.618   -0.347  -19.731 1.00 26.19  ? 43  VAL   A CG2 1 
ATOM   389  N  N   . ILE   A 1 44  ? -2.201  -0.146  -16.166 1.00 29.02  ? 44  ILE   A N   1 
ATOM   390  C  CA  . ILE   A 1 44  ? -2.609  -0.289  -14.773 1.00 21.79  ? 44  ILE   A CA  1 
ATOM   391  C  C   . ILE   A 1 44  ? -4.117  -0.078  -14.716 1.00 24.52  ? 44  ILE   A C   1 
ATOM   392  O  O   . ILE   A 1 44  ? -4.605  1.053   -14.801 1.00 26.03  ? 44  ILE   A O   1 
ATOM   393  C  CB  . ILE   A 1 44  ? -1.863  0.688   -13.861 1.00 22.39  ? 44  ILE   A CB  1 
ATOM   394  C  CG1 . ILE   A 1 44  ? -0.355  0.430   -13.921 1.00 20.57  ? 44  ILE   A CG1 1 
ATOM   395  C  CG2 . ILE   A 1 44  ? -2.368  0.572   -12.433 1.00 24.64  ? 44  ILE   A CG2 1 
ATOM   396  C  CD1 . ILE   A 1 44  ? 0.027   -1.036  -13.740 1.00 23.83  ? 44  ILE   A CD1 1 
ATOM   397  N  N   . LYS   A 1 45  ? -4.862  -1.172  -14.563 1.00 25.45  ? 45  LYS   A N   1 
ATOM   398  C  CA  . LYS   A 1 45  ? -6.316  -1.109  -14.540 1.00 25.24  ? 45  LYS   A CA  1 
ATOM   399  C  C   . LYS   A 1 45  ? -6.886  -0.897  -13.144 1.00 31.09  ? 45  LYS   A C   1 
ATOM   400  O  O   . LYS   A 1 45  ? -8.029  -0.442  -13.020 1.00 31.96  ? 45  LYS   A O   1 
ATOM   401  C  CB  . LYS   A 1 45  ? -6.905  -2.385  -15.151 1.00 26.45  ? 45  LYS   A CB  1 
ATOM   402  C  CG  . LYS   A 1 45  ? -6.599  -2.528  -16.632 1.00 42.41  ? 45  LYS   A CG  1 
ATOM   403  C  CD  . LYS   A 1 45  ? -7.003  -1.266  -17.380 1.00 50.99  ? 45  LYS   A CD  1 
ATOM   404  C  CE  . LYS   A 1 45  ? -6.539  -1.289  -18.826 1.00 59.50  ? 45  LYS   A CE  1 
ATOM   405  N  NZ  . LYS   A 1 45  ? -6.886  -0.016  -19.521 1.00 53.75  ? 45  LYS   A NZ  1 
ATOM   406  N  N   . ASN   A 1 46  ? -6.122  -1.196  -12.092 1.00 24.82  ? 46  ASN   A N   1 
ATOM   407  C  CA  . ASN   A 1 46  ? -6.557  -0.983  -10.712 1.00 23.48  ? 46  ASN   A CA  1 
ATOM   408  C  C   . ASN   A 1 46  ? -5.524  -0.121  -9.996  1.00 23.08  ? 46  ASN   A C   1 
ATOM   409  O  O   . ASN   A 1 46  ? -4.742  -0.624  -9.174  1.00 27.08  ? 46  ASN   A O   1 
ATOM   410  C  CB  . ASN   A 1 46  ? -6.764  -2.312  -9.988  1.00 28.48  ? 46  ASN   A CB  1 
ATOM   411  C  CG  . ASN   A 1 46  ? -7.874  -3.139  -10.603 1.00 42.06  ? 46  ASN   A CG  1 
ATOM   412  O  OD1 . ASN   A 1 46  ? -9.037  -2.741  -10.592 1.00 41.58  ? 46  ASN   A OD1 1 
ATOM   413  N  ND2 . ASN   A 1 46  ? -7.520  -4.300  -11.141 1.00 41.52  ? 46  ASN   A ND2 1 
ATOM   414  N  N   . PRO   A 1 47  ? -5.498  1.181   -10.269 1.00 25.05  ? 47  PRO   A N   1 
ATOM   415  C  CA  . PRO   A 1 47  ? -4.492  2.048   -9.645  1.00 27.86  ? 47  PRO   A CA  1 
ATOM   416  C  C   . PRO   A 1 47  ? -4.740  2.215   -8.152  1.00 30.59  ? 47  PRO   A C   1 
ATOM   417  O  O   . PRO   A 1 47  ? -5.860  2.072   -7.657  1.00 24.74  ? 47  PRO   A O   1 
ATOM   418  C  CB  . PRO   A 1 47  ? -4.657  3.377   -10.389 1.00 28.43  ? 47  PRO   A CB  1 
ATOM   419  C  CG  . PRO   A 1 47  ? -6.074  3.365   -10.858 1.00 28.14  ? 47  PRO   A CG  1 
ATOM   420  C  CD  . PRO   A 1 47  ? -6.381  1.926   -11.184 1.00 25.68  ? 47  PRO   A CD  1 
ATOM   421  N  N   . MET   A 1 48  ? -3.663  2.525   -7.432  1.00 21.19  ? 48  MET   A N   1 
ATOM   422  C  CA  . MET   A 1 48  ? -3.724  2.660   -5.982  1.00 22.04  ? 48  MET   A CA  1 
ATOM   423  C  C   . MET   A 1 48  ? -2.546  3.504   -5.516  1.00 24.84  ? 48  MET   A C   1 
ATOM   424  O  O   . MET   A 1 48  ? -1.460  3.446   -6.097  1.00 23.66  ? 48  MET   A O   1 
ATOM   425  C  CB  . MET   A 1 48  ? -3.711  1.286   -5.298  1.00 21.41  ? 48  MET   A CB  1 
ATOM   426  C  CG  . MET   A 1 48  ? -3.982  1.307   -3.797  1.00 23.45  ? 48  MET   A CG  1 
ATOM   427  S  SD  . MET   A 1 48  ? -5.634  1.907   -3.388  1.00 27.29  ? 48  MET   A SD  1 
ATOM   428  C  CE  . MET   A 1 48  ? -6.661  0.753   -4.291  1.00 26.39  ? 48  MET   A CE  1 
ATOM   429  N  N   . SER   A 1 49  ? -2.776  4.286   -4.461  1.00 23.50  ? 49  SER   A N   1 
ATOM   430  C  CA  . SER   A 1 49  ? -1.755  5.149   -3.884  1.00 23.00  ? 49  SER   A CA  1 
ATOM   431  C  C   . SER   A 1 49  ? -1.908  5.156   -2.367  1.00 25.01  ? 49  SER   A C   1 
ATOM   432  O  O   . SER   A 1 49  ? -2.934  4.737   -1.823  1.00 26.13  ? 49  SER   A O   1 
ATOM   433  C  CB  . SER   A 1 49  ? -1.851  6.577   -4.433  1.00 23.71  ? 49  SER   A CB  1 
ATOM   434  O  OG  . SER   A 1 49  ? -3.008  7.232   -3.940  1.00 28.93  ? 49  SER   A OG  1 
ATOM   435  N  N   . PHE   A 1 50  ? -0.870  5.650   -1.682  1.00 23.79  ? 50  PHE   A N   1 
ATOM   436  C  CA  . PHE   A 1 50  ? -0.923  5.748   -0.223  1.00 28.21  ? 50  PHE   A CA  1 
ATOM   437  C  C   . PHE   A 1 50  ? -2.107  6.594   0.231   1.00 27.48  ? 50  PHE   A C   1 
ATOM   438  O  O   . PHE   A 1 50  ? -2.760  6.277   1.234   1.00 25.13  ? 50  PHE   A O   1 
ATOM   439  C  CB  . PHE   A 1 50  ? 0.382   6.336   0.323   1.00 23.33  ? 50  PHE   A CB  1 
ATOM   440  C  CG  . PHE   A 1 50  ? 1.584   5.440   0.167   1.00 24.06  ? 50  PHE   A CG  1 
ATOM   441  C  CD1 . PHE   A 1 50  ? 1.440   4.089   -0.087  1.00 25.90  ? 50  PHE   A CD1 1 
ATOM   442  C  CD2 . PHE   A 1 50  ? 2.869   5.960   0.285   1.00 22.80  ? 50  PHE   A CD2 1 
ATOM   443  C  CE1 . PHE   A 1 50  ? 2.550   3.267   -0.229  1.00 25.19  ? 50  PHE   A CE1 1 
ATOM   444  C  CE2 . PHE   A 1 50  ? 3.981   5.149   0.151   1.00 22.12  ? 50  PHE   A CE2 1 
ATOM   445  C  CZ  . PHE   A 1 50  ? 3.824   3.799   -0.112  1.00 27.92  ? 50  PHE   A CZ  1 
ATOM   446  N  N   . SER   A 1 51  ? -2.397  7.677   -0.493  1.00 22.07  ? 51  SER   A N   1 
ATOM   447  C  CA  . SER   A 1 51  ? -3.497  8.550   -0.098  1.00 31.59  ? 51  SER   A CA  1 
ATOM   448  C  C   . SER   A 1 51  ? -4.849  7.877   -0.304  1.00 32.81  ? 51  SER   A C   1 
ATOM   449  O  O   . SER   A 1 51  ? -5.792  8.149   0.449   1.00 28.66  ? 51  SER   A O   1 
ATOM   450  C  CB  . SER   A 1 51  ? -3.428  9.874   -0.862  1.00 32.36  ? 51  SER   A CB  1 
ATOM   451  O  OG  . SER   A 1 51  ? -3.575  9.688   -2.259  1.00 28.95  ? 51  SER   A OG  1 
ATOM   452  N  N   . CYS   A 1 52  ? -4.965  6.999   -1.305  1.00 21.80  ? 52  CYS   A N   1 
ATOM   453  C  CA  . CYS   A 1 52  ? -6.182  6.201   -1.443  1.00 26.10  ? 52  CYS   A CA  1 
ATOM   454  C  C   . CYS   A 1 52  ? -6.405  5.341   -0.207  1.00 31.68  ? 52  CYS   A C   1 
ATOM   455  O  O   . CYS   A 1 52  ? -7.519  5.272   0.330   1.00 27.41  ? 52  CYS   A O   1 
ATOM   456  C  CB  . CYS   A 1 52  ? -6.105  5.315   -2.690  1.00 28.41  ? 52  CYS   A CB  1 
ATOM   457  S  SG  . CYS   A 1 52  ? -5.905  6.154   -4.281  1.00 29.20  ? 52  CYS   A SG  1 
ATOM   458  N  N   . VAL   A 1 53  ? -5.348  4.670   0.256   1.00 24.50  ? 53  VAL   A N   1 
ATOM   459  C  CA  . VAL   A 1 53  ? -5.453  3.808   1.431   1.00 25.70  ? 53  VAL   A CA  1 
ATOM   460  C  C   . VAL   A 1 53  ? -5.759  4.634   2.676   1.00 30.29  ? 53  VAL   A C   1 
ATOM   461  O  O   . VAL   A 1 53  ? -6.579  4.240   3.516   1.00 24.25  ? 53  VAL   A O   1 
ATOM   462  C  CB  . VAL   A 1 53  ? -4.162  2.985   1.592   1.00 24.40  ? 53  VAL   A CB  1 
ATOM   463  C  CG1 . VAL   A 1 53  ? -4.208  2.161   2.867   1.00 23.13  ? 53  VAL   A CG1 1 
ATOM   464  C  CG2 . VAL   A 1 53  ? -3.947  2.084   0.374   1.00 22.86  ? 53  VAL   A CG2 1 
ATOM   465  N  N   . LYS   A 1 54  ? -5.107  5.791   2.818   1.00 24.75  ? 54  LYS   A N   1 
ATOM   466  C  CA  . LYS   A 1 54  ? -5.394  6.667   3.951   1.00 23.04  ? 54  LYS   A CA  1 
ATOM   467  C  C   . LYS   A 1 54  ? -6.856  7.101   3.955   1.00 25.67  ? 54  LYS   A C   1 
ATOM   468  O  O   . LYS   A 1 54  ? -7.488  7.167   5.016   1.00 25.88  ? 54  LYS   A O   1 
ATOM   469  C  CB  . LYS   A 1 54  ? -4.475  7.888   3.923   1.00 24.14  ? 54  LYS   A CB  1 
ATOM   470  C  CG  . LYS   A 1 54  ? -3.033  7.602   4.299   1.00 20.72  ? 54  LYS   A CG  1 
ATOM   471  C  CD  . LYS   A 1 54  ? -2.159  8.813   3.981   1.00 28.45  ? 54  LYS   A CD  1 
ATOM   472  C  CE  . LYS   A 1 54  ? -0.713  8.578   4.366   1.00 26.87  ? 54  LYS   A CE  1 
ATOM   473  N  NZ  . LYS   A 1 54  ? 0.115   9.795   4.099   1.00 26.46  ? 54  LYS   A NZ  1 
ATOM   474  N  N   . THR   A 1 55  ? -7.410  7.401   2.778   1.00 25.34  ? 55  THR   A N   1 
ATOM   475  C  CA  . THR   A 1 55  ? -8.820  7.774   2.697   1.00 26.02  ? 55  THR   A CA  1 
ATOM   476  C  C   . THR   A 1 55  ? -9.725  6.615   3.101   1.00 29.02  ? 55  THR   A C   1 
ATOM   477  O  O   . THR   A 1 55  ? -10.697 6.809   3.839   1.00 26.73  ? 55  THR   A O   1 
ATOM   478  C  CB  . THR   A 1 55  ? -9.151  8.254   1.282   1.00 30.64  ? 55  THR   A CB  1 
ATOM   479  O  OG1 . THR   A 1 55  ? -8.457  9.480   1.019   1.00 29.60  ? 55  THR   A OG1 1 
ATOM   480  C  CG2 . THR   A 1 55  ? -10.654 8.477   1.118   1.00 31.12  ? 55  THR   A CG2 1 
ATOM   481  N  N   . LYS   A 1 56  ? -9.420  5.400   2.635   1.00 23.88  ? 56  LYS   A N   1 
ATOM   482  C  CA  . LYS   A 1 56  ? -10.224 4.243   3.021   1.00 24.43  ? 56  LYS   A CA  1 
ATOM   483  C  C   . LYS   A 1 56  ? -10.181 4.017   4.527   1.00 29.31  ? 56  LYS   A C   1 
ATOM   484  O  O   . LYS   A 1 56  ? -11.199 3.667   5.139   1.00 27.95  ? 56  LYS   A O   1 
ATOM   485  C  CB  . LYS   A 1 56  ? -9.744  3.000   2.277   1.00 23.19  ? 56  LYS   A CB  1 
ATOM   486  C  CG  . LYS   A 1 56  ? -10.045 3.008   0.790   1.00 24.55  ? 56  LYS   A CG  1 
ATOM   487  C  CD  . LYS   A 1 56  ? -9.542  1.727   0.147   1.00 31.81  ? 56  LYS   A CD  1 
ATOM   488  C  CE  . LYS   A 1 56  ? -10.189 1.479   -1.200  1.00 35.16  ? 56  LYS   A CE  1 
ATOM   489  N  NZ  . LYS   A 1 56  ? -10.000 0.066   -1.642  1.00 30.15  ? 56  LYS   A NZ  1 
ATOM   490  N  N   . LEU   A 1 57  ? -9.013  4.218   5.146   1.00 27.54  ? 57  LEU   A N   1 
ATOM   491  C  CA  . LEU   A 1 57  ? -8.909  4.090   6.596   1.00 27.11  ? 57  LEU   A CA  1 
ATOM   492  C  C   . LEU   A 1 57  ? -9.695  5.186   7.304   1.00 32.89  ? 57  LEU   A C   1 
ATOM   493  O  O   . LEU   A 1 57  ? -10.372 4.922   8.307   1.00 30.23  ? 57  LEU   A O   1 
ATOM   494  C  CB  . LEU   A 1 57  ? -7.439  4.123   7.023   1.00 22.46  ? 57  LEU   A CB  1 
ATOM   495  C  CG  . LEU   A 1 57  ? -6.586  2.899   6.683   1.00 30.05  ? 57  LEU   A CG  1 
ATOM   496  C  CD1 . LEU   A 1 57  ? -5.101  3.215   6.864   1.00 26.51  ? 57  LEU   A CD1 1 
ATOM   497  C  CD2 . LEU   A 1 57  ? -6.986  1.702   7.536   1.00 25.19  ? 57  LEU   A CD2 1 
ATOM   498  N  N   . LYS   A 1 58  ? -9.619  6.418   6.796   1.00 23.83  ? 58  LYS   A N   1 
ATOM   499  C  CA  . LYS   A 1 58  ? -10.334 7.529   7.417   1.00 28.19  ? 58  LYS   A CA  1 
ATOM   500  C  C   . LYS   A 1 58  ? -11.845 7.343   7.329   1.00 25.33  ? 58  LYS   A C   1 
ATOM   501  O  O   . LYS   A 1 58  ? -12.569 7.629   8.290   1.00 29.84  ? 58  LYS   A O   1 
ATOM   502  C  CB  . LYS   A 1 58  ? -9.915  8.845   6.758   1.00 26.19  ? 58  LYS   A CB  1 
ATOM   503  C  CG  . LYS   A 1 58  ? -10.652 10.075  7.268   1.00 30.07  ? 58  LYS   A CG  1 
ATOM   504  C  CD  . LYS   A 1 58  ? -10.266 11.310  6.460   1.00 37.31  ? 58  LYS   A CD  1 
ATOM   505  C  CE  . LYS   A 1 58  ? -10.997 12.558  6.936   1.00 44.35  ? 58  LYS   A CE  1 
ATOM   506  N  NZ  . LYS   A 1 58  ? -10.687 13.742  6.081   1.00 39.25  ? 58  LYS   A NZ  1 
ATOM   507  N  N   . LYS   A 1 59  ? -12.342 6.866   6.186   1.00 22.64  ? 59  LYS   A N   1 
ATOM   508  C  CA  . LYS   A 1 59  ? -13.779 6.730   5.972   1.00 28.33  ? 59  LYS   A CA  1 
ATOM   509  C  C   . LYS   A 1 59  ? -14.360 5.441   6.545   1.00 27.87  ? 59  LYS   A C   1 
ATOM   510  O  O   . LYS   A 1 59  ? -15.587 5.332   6.653   1.00 25.45  ? 59  LYS   A O   1 
ATOM   511  C  CB  . LYS   A 1 59  ? -14.097 6.802   4.475   1.00 26.19  ? 59  LYS   A CB  1 
ATOM   512  C  CG  . LYS   A 1 59  ? -13.585 8.053   3.780   1.00 25.45  ? 59  LYS   A CG  1 
ATOM   513  C  CD  . LYS   A 1 59  ? -14.317 9.299   4.231   1.00 26.56  ? 59  LYS   A CD  1 
ATOM   514  C  CE  . LYS   A 1 59  ? -13.876 10.507  3.412   1.00 29.93  ? 59  LYS   A CE  1 
ATOM   515  N  NZ  . LYS   A 1 59  ? -14.739 11.690  3.640   1.00 29.62  ? 59  LYS   A NZ  1 
ATOM   516  N  N   . GLY   A 1 60  ? -13.525 4.469   6.909   1.00 26.21  ? 60  GLY   A N   1 
ATOM   517  C  CA  . GLY   A 1 60  ? -14.019 3.199   7.401   1.00 32.26  ? 60  GLY   A CA  1 
ATOM   518  C  C   . GLY   A 1 60  ? -14.385 2.200   6.327   1.00 37.37  ? 60  GLY   A C   1 
ATOM   519  O  O   . GLY   A 1 60  ? -15.321 1.414   6.516   1.00 29.01  ? 60  GLY   A O   1 
ATOM   520  N  N   . GLN   A 1 61  ? -13.665 2.193   5.202   1.00 26.06  ? 61  GLN   A N   1 
ATOM   521  C  CA  . GLN   A 1 61  ? -14.030 1.334   4.083   1.00 24.93  ? 61  GLN   A CA  1 
ATOM   522  C  C   . GLN   A 1 61  ? -13.542 -0.100  4.239   1.00 34.70  ? 61  GLN   A C   1 
ATOM   523  O  O   . GLN   A 1 61  ? -14.042 -0.986  3.538   1.00 39.38  ? 61  GLN   A O   1 
ATOM   524  C  CB  . GLN   A 1 61  ? -13.485 1.910   2.774   1.00 27.76  ? 61  GLN   A CB  1 
ATOM   525  C  CG  . GLN   A 1 61  ? -14.034 3.279   2.423   1.00 33.25  ? 61  GLN   A CG  1 
ATOM   526  C  CD  . GLN   A 1 61  ? -13.662 3.714   1.019   1.00 32.24  ? 61  GLN   A CD  1 
ATOM   527  O  OE1 . GLN   A 1 61  ? -13.628 2.902   0.094   1.00 31.80  ? 61  GLN   A OE1 1 
ATOM   528  N  NE2 . GLN   A 1 61  ? -13.374 4.999   0.855   1.00 42.41  ? 61  GLN   A NE2 1 
ATOM   529  N  N   . TYR   A 1 62  ? -12.587 -0.354  5.129   1.00 27.95  ? 62  TYR   A N   1 
ATOM   530  C  CA  . TYR   A 1 62  ? -12.064 -1.699  5.328   1.00 26.57  ? 62  TYR   A CA  1 
ATOM   531  C  C   . TYR   A 1 62  ? -12.879 -2.449  6.375   1.00 26.50  ? 62  TYR   A C   1 
ATOM   532  O  O   . TYR   A 1 62  ? -13.188 -1.912  7.442   1.00 32.23  ? 62  TYR   A O   1 
ATOM   533  C  CB  . TYR   A 1 62  ? -10.599 -1.648  5.758   1.00 28.09  ? 62  TYR   A CB  1 
ATOM   534  C  CG  . TYR   A 1 62  ? -9.645  -1.161  4.688   1.00 26.40  ? 62  TYR   A CG  1 
ATOM   535  C  CD1 . TYR   A 1 62  ? -9.722  -1.639  3.384   1.00 26.48  ? 62  TYR   A CD1 1 
ATOM   536  C  CD2 . TYR   A 1 62  ? -8.667  -0.222  4.985   1.00 28.13  ? 62  TYR   A CD2 1 
ATOM   537  C  CE1 . TYR   A 1 62  ? -8.838  -1.193  2.403   1.00 28.12  ? 62  TYR   A CE1 1 
ATOM   538  C  CE2 . TYR   A 1 62  ? -7.788  0.232   4.016   1.00 28.22  ? 62  TYR   A CE2 1 
ATOM   539  C  CZ  . TYR   A 1 62  ? -7.876  -0.256  2.729   1.00 29.03  ? 62  TYR   A CZ  1 
ATOM   540  O  OH  . TYR   A 1 62  ? -6.996  0.205   1.772   1.00 26.66  ? 62  TYR   A OH  1 
ATOM   541  N  N   . GLY   A 1 63  ? -13.209 -3.701  6.069   1.00 31.67  ? 63  GLY   A N   1 
ATOM   542  C  CA  . GLY   A 1 63  ? -13.920 -4.540  7.012   1.00 36.53  ? 63  GLY   A CA  1 
ATOM   543  C  C   . GLY   A 1 63  ? -13.044 -5.622  7.611   1.00 38.76  ? 63  GLY   A C   1 
ATOM   544  O  O   . GLY   A 1 63  ? -13.335 -6.145  8.692   1.00 32.05  ? 63  GLY   A O   1 
ATOM   545  N  N   . LEU   A 1 64  ? -11.959 -5.963  6.917   1.00 28.65  ? 64  LEU   A N   1 
ATOM   546  C  CA  . LEU   A 1 64  ? -11.038 -7.005  7.339   1.00 24.46  ? 64  LEU   A CA  1 
ATOM   547  C  C   . LEU   A 1 64  ? -9.607  -6.497  7.231   1.00 27.63  ? 64  LEU   A C   1 
ATOM   548  O  O   . LEU   A 1 64  ? -9.288  -5.740  6.308   1.00 28.99  ? 64  LEU   A O   1 
ATOM   549  C  CB  . LEU   A 1 64  ? -11.203 -8.267  6.477   1.00 31.73  ? 64  LEU   A CB  1 
ATOM   550  C  CG  . LEU   A 1 64  ? -12.567 -8.961  6.512   1.00 37.38  ? 64  LEU   A CG  1 
ATOM   551  C  CD1 . LEU   A 1 64  ? -12.682 -9.971  5.377   1.00 44.07  ? 64  LEU   A CD1 1 
ATOM   552  C  CD2 . LEU   A 1 64  ? -12.788 -9.633  7.859   1.00 43.36  ? 64  LEU   A CD2 1 
ATOM   553  N  N   . PRO   A 1 65  ? -8.726  -6.896  8.151   1.00 30.77  ? 65  PRO   A N   1 
ATOM   554  C  CA  . PRO   A 1 65  ? -7.345  -6.390  8.102   1.00 28.94  ? 65  PRO   A CA  1 
ATOM   555  C  C   . PRO   A 1 65  ? -6.606  -6.753  6.825   1.00 29.34  ? 65  PRO   A C   1 
ATOM   556  O  O   . PRO   A 1 65  ? -5.708  -6.007  6.416   1.00 29.50  ? 65  PRO   A O   1 
ATOM   557  C  CB  . PRO   A 1 65  ? -6.692  -7.028  9.338   1.00 29.45  ? 65  PRO   A CB  1 
ATOM   558  C  CG  . PRO   A 1 65  ? -7.575  -8.171  9.705   1.00 36.48  ? 65  PRO   A CG  1 
ATOM   559  C  CD  . PRO   A 1 65  ? -8.961  -7.752  9.324   1.00 29.95  ? 65  PRO   A CD  1 
ATOM   560  N  N   . THR   A 1 66  ? -6.958  -7.868  6.178   1.00 31.68  ? 66  THR   A N   1 
ATOM   561  C  CA  . THR   A 1 66  ? -6.293  -8.247  4.935   1.00 24.36  ? 66  THR   A CA  1 
ATOM   562  C  C   . THR   A 1 66  ? -6.614  -7.301  3.787   1.00 27.46  ? 66  THR   A C   1 
ATOM   563  O  O   . THR   A 1 66  ? -5.838  -7.232  2.827   1.00 25.34  ? 66  THR   A O   1 
ATOM   564  C  CB  . THR   A 1 66  ? -6.678  -9.671  4.527   1.00 32.19  ? 66  THR   A CB  1 
ATOM   565  O  OG1 . THR   A 1 66  ? -8.099  -9.830  4.629   1.00 44.98  ? 66  THR   A OG1 1 
ATOM   566  C  CG2 . THR   A 1 66  ? -5.990  -10.687 5.417   1.00 35.93  ? 66  THR   A CG2 1 
ATOM   567  N  N   . GLU   A 1 67  ? -7.740  -6.588  3.850   1.00 25.83  ? 67  GLU   A N   1 
ATOM   568  C  CA  . GLU   A 1 67  ? -8.080  -5.658  2.777   1.00 27.05  ? 67  GLU   A CA  1 
ATOM   569  C  C   . GLU   A 1 67  ? -7.083  -4.509  2.710   1.00 27.61  ? 67  GLU   A C   1 
ATOM   570  O  O   . GLU   A 1 67  ? -6.749  -4.030  1.619   1.00 30.09  ? 67  GLU   A O   1 
ATOM   571  C  CB  . GLU   A 1 67  ? -9.505  -5.138  2.967   1.00 27.99  ? 67  GLU   A CB  1 
ATOM   572  C  CG  . GLU   A 1 67  ? -10.570 -6.224  2.804   1.00 24.34  ? 67  GLU   A CG  1 
ATOM   573  C  CD  . GLU   A 1 67  ? -11.951 -5.771  3.246   1.00 36.77  ? 67  GLU   A CD  1 
ATOM   574  O  OE1 . GLU   A 1 67  ? -12.083 -4.633  3.741   1.00 37.17  ? 67  GLU   A OE1 1 
ATOM   575  O  OE2 . GLU   A 1 67  ? -12.906 -6.561  3.100   1.00 39.38  ? 67  GLU   A OE2 1 
ATOM   576  N  N   . PHE   A 1 68  ? -6.604  -4.050  3.868   1.00 24.50  ? 68  PHE   A N   1 
ATOM   577  C  CA  . PHE   A 1 68  ? -5.553  -3.039  3.902   1.00 24.74  ? 68  PHE   A CA  1 
ATOM   578  C  C   . PHE   A 1 68  ? -4.293  -3.547  3.210   1.00 28.02  ? 68  PHE   A C   1 
ATOM   579  O  O   . PHE   A 1 68  ? -3.716  -2.856  2.362   1.00 26.61  ? 68  PHE   A O   1 
ATOM   580  C  CB  . PHE   A 1 68  ? -5.274  -2.649  5.358   1.00 27.47  ? 68  PHE   A CB  1 
ATOM   581  C  CG  . PHE   A 1 68  ? -3.991  -1.886  5.567   1.00 28.63  ? 68  PHE   A CG  1 
ATOM   582  C  CD1 . PHE   A 1 68  ? -3.893  -0.548  5.215   1.00 23.19  ? 68  PHE   A CD1 1 
ATOM   583  C  CD2 . PHE   A 1 68  ? -2.896  -2.498  6.160   1.00 27.89  ? 68  PHE   A CD2 1 
ATOM   584  C  CE1 . PHE   A 1 68  ? -2.717  0.158   5.428   1.00 22.84  ? 68  PHE   A CE1 1 
ATOM   585  C  CE2 . PHE   A 1 68  ? -1.720  -1.796  6.376   1.00 28.93  ? 68  PHE   A CE2 1 
ATOM   586  C  CZ  . PHE   A 1 68  ? -1.632  -0.467  6.007   1.00 25.93  ? 68  PHE   A CZ  1 
ATOM   587  N  N   . ILE   A 1 69  ? -3.869  -4.769  3.542   1.00 25.51  ? 69  ILE   A N   1 
ATOM   588  C  CA  . ILE   A 1 69  ? -2.661  -5.338  2.945   1.00 28.80  ? 69  ILE   A CA  1 
ATOM   589  C  C   . ILE   A 1 69  ? -2.820  -5.468  1.435   1.00 31.81  ? 69  ILE   A C   1 
ATOM   590  O  O   . ILE   A 1 69  ? -1.918  -5.116  0.666   1.00 27.37  ? 69  ILE   A O   1 
ATOM   591  C  CB  . ILE   A 1 69  ? -2.327  -6.696  3.588   1.00 24.38  ? 69  ILE   A CB  1 
ATOM   592  C  CG1 . ILE   A 1 69  ? -2.034  -6.530  5.079   1.00 28.01  ? 69  ILE   A CG1 1 
ATOM   593  C  CG2 . ILE   A 1 69  ? -1.128  -7.335  2.887   1.00 31.57  ? 69  ILE   A CG2 1 
ATOM   594  C  CD1 . ILE   A 1 69  ? -1.697  -7.829  5.778   1.00 38.14  ? 69  ILE   A CD1 1 
ATOM   595  N  N   . LYS   A 1 70  ? -3.970  -5.983  0.988   1.00 32.13  ? 70  LYS   A N   1 
ATOM   596  C  CA  . LYS   A 1 70  ? -4.174  -6.202  -0.441  1.00 29.68  ? 70  LYS   A CA  1 
ATOM   597  C  C   . LYS   A 1 70  ? -4.048  -4.902  -1.229  1.00 24.48  ? 70  LYS   A C   1 
ATOM   598  O  O   . LYS   A 1 70  ? -3.502  -4.892  -2.338  1.00 26.05  ? 70  LYS   A O   1 
ATOM   599  C  CB  . LYS   A 1 70  ? -5.536  -6.852  -0.693  1.00 32.12  ? 70  LYS   A CB  1 
ATOM   600  C  CG  . LYS   A 1 70  ? -5.619  -8.310  -0.267  1.00 39.82  ? 70  LYS   A CG  1 
ATOM   601  C  CD  . LYS   A 1 70  ? -6.692  -9.058  -1.046  1.00 67.85  ? 70  LYS   A CD  1 
ATOM   602  C  CE  . LYS   A 1 70  ? -6.315  -9.187  -2.518  1.00 100.11 ? 70  LYS   A CE  1 
ATOM   603  N  NZ  . LYS   A 1 70  ? -7.300  -9.998  -3.290  1.00 92.06  ? 70  LYS   A NZ  1 
ATOM   604  N  N   . ASP   A 1 71  ? -4.536  -3.794  -0.669  1.00 23.10  ? 71  ASP   A N   1 
ATOM   605  C  CA  . ASP   A 1 71  ? -4.438  -2.513  -1.363  1.00 23.56  ? 71  ASP   A CA  1 
ATOM   606  C  C   . ASP   A 1 71  ? -2.997  -2.027  -1.423  1.00 24.83  ? 71  ASP   A C   1 
ATOM   607  O  O   . ASP   A 1 71  ? -2.531  -1.570  -2.472  1.00 24.06  ? 71  ASP   A O   1 
ATOM   608  C  CB  . ASP   A 1 71  ? -5.319  -1.469  -0.677  1.00 22.54  ? 71  ASP   A CB  1 
ATOM   609  C  CG  . ASP   A 1 71  ? -6.770  -1.552  -1.107  1.00 29.75  ? 71  ASP   A CG  1 
ATOM   610  O  OD1 . ASP   A 1 71  ? -7.090  -2.362  -2.002  1.00 29.04  ? 71  ASP   A OD1 1 
ATOM   611  O  OD2 . ASP   A 1 71  ? -7.591  -0.802  -0.547  1.00 26.41  ? 71  ASP   A OD2 1 
ATOM   612  N  N   . VAL   A 1 72  ? -2.280  -2.097  -0.297  1.00 24.06  ? 72  VAL   A N   1 
ATOM   613  C  CA  . VAL   A 1 72  ? -0.884  -1.664  -0.282  1.00 26.84  ? 72  VAL   A CA  1 
ATOM   614  C  C   . VAL   A 1 72  ? -0.053  -2.525  -1.228  1.00 28.27  ? 72  VAL   A C   1 
ATOM   615  O  O   . VAL   A 1 72  ? 0.760   -2.014  -2.004  1.00 26.17  ? 72  VAL   A O   1 
ATOM   616  C  CB  . VAL   A 1 72  ? -0.321  -1.689  1.150   1.00 27.38  ? 72  VAL   A CB  1 
ATOM   617  C  CG1 . VAL   A 1 72  ? 1.174   -1.375  1.134   1.00 29.32  ? 72  VAL   A CG1 1 
ATOM   618  C  CG2 . VAL   A 1 72  ? -1.068  -0.695  2.035   1.00 19.94  ? 72  VAL   A CG2 1 
ATOM   619  N  N   . GLN   A 1 73  ? -0.256  -3.846  -1.185  1.00 22.92  ? 73  GLN   A N   1 
ATOM   620  C  CA  . GLN   A 1 73  ? 0.467   -4.726  -2.101  1.00 24.46  ? 73  GLN   A CA  1 
ATOM   621  C  C   . GLN   A 1 73  ? 0.136   -4.413  -3.556  1.00 25.91  ? 73  GLN   A C   1 
ATOM   622  O  O   . GLN   A 1 73  ? 0.995   -4.560  -4.433  1.00 30.58  ? 73  GLN   A O   1 
ATOM   623  C  CB  . GLN   A 1 73  ? 0.150   -6.191  -1.792  1.00 24.42  ? 73  GLN   A CB  1 
ATOM   624  C  CG  . GLN   A 1 73  ? 0.958   -7.175  -2.623  1.00 31.24  ? 73  GLN   A CG  1 
ATOM   625  C  CD  . GLN   A 1 73  ? 2.455   -6.961  -2.479  1.00 35.81  ? 73  GLN   A CD  1 
ATOM   626  O  OE1 . GLN   A 1 73  ? 2.969   -6.810  -1.372  1.00 31.29  ? 73  GLN   A OE1 1 
ATOM   627  N  NE2 . GLN   A 1 73  ? 3.160   -6.934  -3.605  1.00 29.93  ? 73  GLN   A NE2 1 
ATOM   628  N  N   . LEU   A 1 74  ? -1.098  -3.978  -3.827  1.00 22.44  ? 74  LEU   A N   1 
ATOM   629  C  CA  . LEU   A 1 74  ? -1.481  -3.593  -5.182  1.00 22.66  ? 74  LEU   A CA  1 
ATOM   630  C  C   . LEU   A 1 74  ? -0.644  -2.421  -5.684  1.00 24.69  ? 74  LEU   A C   1 
ATOM   631  O  O   . LEU   A 1 74  ? -0.302  -2.356  -6.872  1.00 24.88  ? 74  LEU   A O   1 
ATOM   632  C  CB  . LEU   A 1 74  ? -2.973  -3.251  -5.219  1.00 25.15  ? 74  LEU   A CB  1 
ATOM   633  C  CG  . LEU   A 1 74  ? -3.537  -2.627  -6.496  1.00 27.96  ? 74  LEU   A CG  1 
ATOM   634  C  CD1 . LEU   A 1 74  ? -3.346  -3.557  -7.693  1.00 25.16  ? 74  LEU   A CD1 1 
ATOM   635  C  CD2 . LEU   A 1 74  ? -5.014  -2.278  -6.300  1.00 26.94  ? 74  LEU   A CD2 1 
ATOM   636  N  N   . ILE   A 1 75  ? -0.305  -1.483  -4.796  1.00 22.24  ? 75  ILE   A N   1 
ATOM   637  C  CA  . ILE   A 1 75  ? 0.591   -0.391  -5.175  1.00 20.38  ? 75  ILE   A CA  1 
ATOM   638  C  C   . ILE   A 1 75  ? 1.903   -0.946  -5.714  1.00 23.60  ? 75  ILE   A C   1 
ATOM   639  O  O   . ILE   A 1 75  ? 2.387   -0.536  -6.776  1.00 24.60  ? 75  ILE   A O   1 
ATOM   640  C  CB  . ILE   A 1 75  ? 0.837   0.543   -3.976  1.00 20.00  ? 75  ILE   A CB  1 
ATOM   641  C  CG1 . ILE   A 1 75  ? -0.479  1.110   -3.446  1.00 22.44  ? 75  ILE   A CG1 1 
ATOM   642  C  CG2 . ILE   A 1 75  ? 1.785   1.678   -4.359  1.00 22.24  ? 75  ILE   A CG2 1 
ATOM   643  C  CD1 . ILE   A 1 75  ? -0.294  1.961   -2.215  1.00 23.48  ? 75  ILE   A CD1 1 
ATOM   644  N  N   . PHE   A 1 76  ? 2.491   -1.902  -4.994  1.00 22.92  ? 76  PHE   A N   1 
ATOM   645  C  CA  . PHE   A 1 76  ? 3.791   -2.431  -5.387  1.00 28.19  ? 76  PHE   A CA  1 
ATOM   646  C  C   . PHE   A 1 76  ? 3.685   -3.358  -6.590  1.00 31.58  ? 76  PHE   A C   1 
ATOM   647  O  O   . PHE   A 1 76  ? 4.620   -3.431  -7.399  1.00 25.06  ? 76  PHE   A O   1 
ATOM   648  C  CB  . PHE   A 1 76  ? 4.431   -3.141  -4.194  1.00 26.50  ? 76  PHE   A CB  1 
ATOM   649  C  CG  . PHE   A 1 76  ? 4.560   -2.266  -2.978  1.00 27.38  ? 76  PHE   A CG  1 
ATOM   650  C  CD1 . PHE   A 1 76  ? 5.011   -0.962  -3.097  1.00 28.81  ? 76  PHE   A CD1 1 
ATOM   651  C  CD2 . PHE   A 1 76  ? 4.200   -2.733  -1.723  1.00 33.02  ? 76  PHE   A CD2 1 
ATOM   652  C  CE1 . PHE   A 1 76  ? 5.125   -0.143  -1.983  1.00 40.36  ? 76  PHE   A CE1 1 
ATOM   653  C  CE2 . PHE   A 1 76  ? 4.310   -1.919  -0.608  1.00 29.14  ? 76  PHE   A CE2 1 
ATOM   654  C  CZ  . PHE   A 1 76  ? 4.772   -0.623  -0.739  1.00 34.74  ? 76  PHE   A CZ  1 
ATOM   655  N  N   . ASP   A 1 77  ? 2.564   -4.068  -6.732  1.00 22.54  ? 77  ASP   A N   1 
ATOM   656  C  CA  . ASP   A 1 77  ? 2.372   -4.903  -7.914  1.00 19.23  ? 77  ASP   A CA  1 
ATOM   657  C  C   . ASP   A 1 77  ? 2.193   -4.052  -9.166  1.00 25.43  ? 77  ASP   A C   1 
ATOM   658  O  O   . ASP   A 1 77  ? 2.724   -4.390  -10.234 1.00 24.53  ? 77  ASP   A O   1 
ATOM   659  C  CB  . ASP   A 1 77  ? 1.174   -5.832  -7.716  1.00 26.13  ? 77  ASP   A CB  1 
ATOM   660  C  CG  . ASP   A 1 77  ? 1.453   -6.936  -6.716  1.00 36.17  ? 77  ASP   A CG  1 
ATOM   661  O  OD1 . ASP   A 1 77  ? 2.630   -7.118  -6.340  1.00 30.59  ? 77  ASP   A OD1 1 
ATOM   662  O  OD2 . ASP   A 1 77  ? 0.495   -7.620  -6.302  1.00 34.08  ? 77  ASP   A OD2 1 
ATOM   663  N  N   . ASN   A 1 78  ? 1.449   -2.948  -9.057  1.00 22.58  ? 78  ASN   A N   1 
ATOM   664  C  CA  . ASN   A 1 78  ? 1.350   -2.009  -10.172 1.00 25.76  ? 78  ASN   A CA  1 
ATOM   665  C  C   . ASN   A 1 78  ? 2.715   -1.449  -10.533 1.00 25.31  ? 78  ASN   A C   1 
ATOM   666  O  O   . ASN   A 1 78  ? 3.053   -1.320  -11.717 1.00 23.92  ? 78  ASN   A O   1 
ATOM   667  C  CB  . ASN   A 1 78  ? 0.395   -0.865  -9.823  1.00 20.82  ? 78  ASN   A CB  1 
ATOM   668  C  CG  . ASN   A 1 78  ? -1.054  -1.301  -9.794  1.00 25.53  ? 78  ASN   A CG  1 
ATOM   669  O  OD1 . ASN   A 1 78  ? -1.412  -2.332  -10.353 1.00 22.43  ? 78  ASN   A OD1 1 
ATOM   670  N  ND2 . ASN   A 1 78  ? -1.899  -0.502  -9.152  1.00 24.46  ? 78  ASN   A ND2 1 
ATOM   671  N  N   . CYS   A 1 79  ? 3.512   -1.106  -9.520  1.00 22.98  ? 79  CYS   A N   1 
ATOM   672  C  CA  . CYS   A 1 79  ? 4.838   -0.546  -9.761  1.00 17.01  ? 79  CYS   A CA  1 
ATOM   673  C  C   . CYS   A 1 79  ? 5.712   -1.517  -10.548 1.00 24.46  ? 79  CYS   A C   1 
ATOM   674  O  O   . CYS   A 1 79  ? 6.329   -1.145  -11.553 1.00 26.52  ? 79  CYS   A O   1 
ATOM   675  C  CB  . CYS   A 1 79  ? 5.491   -0.183  -8.428  1.00 19.91  ? 79  CYS   A CB  1 
ATOM   676  S  SG  . CYS   A 1 79  ? 7.162   0.488   -8.595  1.00 24.31  ? 79  CYS   A SG  1 
ATOM   677  N  N   . SER   A 1 80  ? 5.770   -2.775  -10.109 1.00 25.50  ? 80  SER   A N   1 
ATOM   678  C  CA  . SER   A 1 80  ? 6.610   -3.751  -10.792 1.00 24.57  ? 80  SER   A CA  1 
ATOM   679  C  C   . SER   A 1 80  ? 6.065   -4.106  -12.171 1.00 25.24  ? 80  SER   A C   1 
ATOM   680  O  O   . SER   A 1 80  ? 6.843   -4.438  -13.074 1.00 30.60  ? 80  SER   A O   1 
ATOM   681  C  CB  . SER   A 1 80  ? 6.755   -5.005  -9.929  1.00 29.91  ? 80  SER   A CB  1 
ATOM   682  O  OG  . SER   A 1 80  ? 5.495   -5.602  -9.701  1.00 43.55  ? 80  SER   A OG  1 
ATOM   683  N  N   . LEU   A 1 81  ? 4.744   -4.039  -12.362 1.00 25.27  ? 81  LEU   A N   1 
ATOM   684  C  CA  . LEU   A 1 81  ? 4.173   -4.339  -13.672 1.00 25.15  ? 81  LEU   A CA  1 
ATOM   685  C  C   . LEU   A 1 81  ? 4.511   -3.253  -14.686 1.00 30.70  ? 81  LEU   A C   1 
ATOM   686  O  O   . LEU   A 1 81  ? 4.944   -3.551  -15.805 1.00 25.14  ? 81  LEU   A O   1 
ATOM   687  C  CB  . LEU   A 1 81  ? 2.657   -4.516  -13.563 1.00 30.20  ? 81  LEU   A CB  1 
ATOM   688  C  CG  . LEU   A 1 81  ? 1.918   -4.688  -14.894 1.00 28.11  ? 81  LEU   A CG  1 
ATOM   689  C  CD1 . LEU   A 1 81  ? 2.428   -5.914  -15.650 1.00 27.03  ? 81  LEU   A CD1 1 
ATOM   690  C  CD2 . LEU   A 1 81  ? 0.411   -4.780  -14.675 1.00 26.21  ? 81  LEU   A CD2 1 
ATOM   691  N  N   . TYR   A 1 82  ? 4.320   -1.983  -14.318 1.00 23.41  ? 82  TYR   A N   1 
ATOM   692  C  CA  . TYR   A 1 82  ? 4.527   -0.918  -15.295 1.00 26.32  ? 82  TYR   A CA  1 
ATOM   693  C  C   . TYR   A 1 82  ? 6.007   -0.632  -15.519 1.00 24.81  ? 82  TYR   A C   1 
ATOM   694  O  O   . TYR   A 1 82  ? 6.428   -0.385  -16.654 1.00 24.82  ? 82  TYR   A O   1 
ATOM   695  C  CB  . TYR   A 1 82  ? 3.813   0.363   -14.870 1.00 25.37  ? 82  TYR   A CB  1 
ATOM   696  C  CG  . TYR   A 1 82  ? 3.928   1.443   -15.920 1.00 20.89  ? 82  TYR   A CG  1 
ATOM   697  C  CD1 . TYR   A 1 82  ? 3.087   1.454   -17.022 1.00 28.08  ? 82  TYR   A CD1 1 
ATOM   698  C  CD2 . TYR   A 1 82  ? 4.901   2.431   -15.829 1.00 24.37  ? 82  TYR   A CD2 1 
ATOM   699  C  CE1 . TYR   A 1 82  ? 3.192   2.430   -17.994 1.00 25.32  ? 82  TYR   A CE1 1 
ATOM   700  C  CE2 . TYR   A 1 82  ? 5.013   3.416   -16.797 1.00 29.02  ? 82  TYR   A CE2 1 
ATOM   701  C  CZ  . TYR   A 1 82  ? 4.155   3.406   -17.877 1.00 26.75  ? 82  TYR   A CZ  1 
ATOM   702  O  OH  . TYR   A 1 82  ? 4.261   4.372   -18.852 1.00 29.55  ? 82  TYR   A OH  1 
ATOM   703  N  N   . ASN   A 1 83  ? 6.808   -0.640  -14.456 1.00 23.26  ? 83  ASN   A N   1 
ATOM   704  C  CA  . ASN   A 1 83  ? 8.184   -0.169  -14.522 1.00 23.93  ? 83  ASN   A CA  1 
ATOM   705  C  C   . ASN   A 1 83  ? 9.157   -1.319  -14.743 1.00 27.25  ? 83  ASN   A C   1 
ATOM   706  O  O   . ASN   A 1 83  ? 9.025   -2.389  -14.142 1.00 26.60  ? 83  ASN   A O   1 
ATOM   707  C  CB  . ASN   A 1 83  ? 8.544   0.593   -13.247 1.00 24.93  ? 83  ASN   A CB  1 
ATOM   708  C  CG  . ASN   A 1 83  ? 7.657   1.795   -13.037 1.00 25.32  ? 83  ASN   A CG  1 
ATOM   709  O  OD1 . ASN   A 1 83  ? 7.859   2.837   -13.657 1.00 24.07  ? 83  ASN   A OD1 1 
ATOM   710  N  ND2 . ASN   A 1 83  ? 6.646   1.650   -12.183 1.00 22.24  ? 83  ASN   A ND2 1 
ATOM   711  N  N   . THR   A 1 84  ? 10.141  -1.086  -15.608 1.00 26.23  ? 84  THR   A N   1 
ATOM   712  C  CA  . THR   A 1 84  ? 11.147  -2.097  -15.902 1.00 27.88  ? 84  THR   A CA  1 
ATOM   713  C  C   . THR   A 1 84  ? 11.995  -2.379  -14.669 1.00 22.97  ? 84  THR   A C   1 
ATOM   714  O  O   . THR   A 1 84  ? 12.363  -1.463  -13.930 1.00 25.15  ? 84  THR   A O   1 
ATOM   715  C  CB  . THR   A 1 84  ? 12.031  -1.626  -17.054 1.00 30.46  ? 84  THR   A CB  1 
ATOM   716  O  OG1 . THR   A 1 84  ? 11.208  -1.348  -18.194 1.00 31.95  ? 84  THR   A OG1 1 
ATOM   717  C  CG2 . THR   A 1 84  ? 13.064  -2.685  -17.419 1.00 36.97  ? 84  THR   A CG2 1 
ATOM   718  N  N   . SER   A 1 85  ? 12.293  -3.657  -14.438 1.00 28.24  ? 85  SER   A N   1 
ATOM   719  C  CA  A SER   A 1 85  ? 13.133  -4.028  -13.308 0.23 34.24  ? 85  SER   A CA  1 
ATOM   720  C  CA  B SER   A 1 85  ? 13.133  -4.026  -13.307 0.77 34.34  ? 85  SER   A CA  1 
ATOM   721  C  C   . SER   A 1 85  ? 14.474  -3.309  -13.389 1.00 33.37  ? 85  SER   A C   1 
ATOM   722  O  O   . SER   A 1 85  ? 15.074  -3.196  -14.460 1.00 34.90  ? 85  SER   A O   1 
ATOM   723  C  CB  A SER   A 1 85  ? 13.342  -5.541  -13.280 0.23 30.94  ? 85  SER   A CB  1 
ATOM   724  C  CB  B SER   A 1 85  ? 13.344  -5.540  -13.269 0.77 30.65  ? 85  SER   A CB  1 
ATOM   725  O  OG  A SER   A 1 85  ? 13.942  -5.985  -14.485 0.23 38.90  ? 85  SER   A OG  1 
ATOM   726  O  OG  B SER   A 1 85  ? 12.113  -6.216  -13.090 0.77 52.66  ? 85  SER   A OG  1 
ATOM   727  N  N   . GLY   A 1 86  ? 14.936  -2.809  -12.247 1.00 30.08  ? 86  GLY   A N   1 
ATOM   728  C  CA  . GLY   A 1 86  ? 16.167  -2.057  -12.192 1.00 29.86  ? 86  GLY   A CA  1 
ATOM   729  C  C   . GLY   A 1 86  ? 16.013  -0.565  -12.398 1.00 32.27  ? 86  GLY   A C   1 
ATOM   730  O  O   . GLY   A 1 86  ? 16.951  0.181   -12.098 1.00 30.06  ? 86  GLY   A O   1 
ATOM   731  N  N   . SER   A 1 87  ? 14.868  -0.106  -12.899 1.00 26.52  ? 87  SER   A N   1 
ATOM   732  C  CA  . SER   A 1 87  ? 14.631  1.323   -13.012 1.00 29.21  ? 87  SER   A CA  1 
ATOM   733  C  C   . SER   A 1 87  ? 14.524  1.947   -11.622 1.00 24.96  ? 87  SER   A C   1 
ATOM   734  O  O   . SER   A 1 87  ? 14.280  1.263   -10.624 1.00 26.64  ? 87  SER   A O   1 
ATOM   735  C  CB  . SER   A 1 87  ? 13.359  1.598   -13.815 1.00 32.44  ? 87  SER   A CB  1 
ATOM   736  O  OG  . SER   A 1 87  ? 12.213  1.120   -13.131 1.00 24.99  ? 87  SER   A OG  1 
ATOM   737  N  N   . LEU   A 1 88  ? 14.722  3.271   -11.565 1.00 22.39  ? 88  LEU   A N   1 
ATOM   738  C  CA  . LEU   A 1 88  ? 14.660  3.973   -10.286 1.00 26.68  ? 88  LEU   A CA  1 
ATOM   739  C  C   . LEU   A 1 88  ? 13.336  3.721   -9.580  1.00 23.68  ? 88  LEU   A C   1 
ATOM   740  O  O   . LEU   A 1 88  ? 13.306  3.456   -8.372  1.00 22.89  ? 88  LEU   A O   1 
ATOM   741  C  CB  . LEU   A 1 88  ? 14.855  5.476   -10.487 1.00 32.16  ? 88  LEU   A CB  1 
ATOM   742  C  CG  . LEU   A 1 88  ? 16.267  6.058   -10.506 1.00 37.87  ? 88  LEU   A CG  1 
ATOM   743  C  CD1 . LEU   A 1 88  ? 16.194  7.557   -10.251 1.00 29.25  ? 88  LEU   A CD1 1 
ATOM   744  C  CD2 . LEU   A 1 88  ? 17.159  5.369   -9.485  1.00 32.02  ? 88  LEU   A CD2 1 
ATOM   745  N  N   . VAL   A 1 89  ? 12.229  3.800   -10.320 1.00 26.71  ? 89  VAL   A N   1 
ATOM   746  C  CA  . VAL   A 1 89  ? 10.919  3.618   -9.705  1.00 27.06  ? 89  VAL   A CA  1 
ATOM   747  C  C   . VAL   A 1 89  ? 10.745  2.181   -9.233  1.00 26.72  ? 89  VAL   A C   1 
ATOM   748  O  O   . VAL   A 1 89  ? 10.266  1.935   -8.118  1.00 26.00  ? 89  VAL   A O   1 
ATOM   749  C  CB  . VAL   A 1 89  ? 9.810   4.044   -10.688 1.00 22.50  ? 89  VAL   A CB  1 
ATOM   750  C  CG1 . VAL   A 1 89  ? 8.436   3.618   -10.169 1.00 23.41  ? 89  VAL   A CG1 1 
ATOM   751  C  CG2 . VAL   A 1 89  ? 9.847   5.553   -10.904 1.00 23.90  ? 89  VAL   A CG2 1 
ATOM   752  N  N   . ALA   A 1 90  ? 11.143  1.209   -10.061 1.00 21.57  ? 90  ALA   A N   1 
ATOM   753  C  CA  . ALA   A 1 90  ? 10.993  -0.190  -9.676  1.00 25.48  ? 90  ALA   A CA  1 
ATOM   754  C  C   . ALA   A 1 90  ? 11.839  -0.521  -8.453  1.00 33.32  ? 90  ALA   A C   1 
ATOM   755  O  O   . ALA   A 1 90  ? 11.396  -1.259  -7.565  1.00 22.78  ? 90  ALA   A O   1 
ATOM   756  C  CB  . ALA   A 1 90  ? 11.355  -1.105  -10.845 1.00 23.96  ? 90  ALA   A CB  1 
ATOM   757  N  N   . ILE   A 1 91  ? 13.061  0.014   -8.394  1.00 24.30  ? 91  ILE   A N   1 
ATOM   758  C  CA  . ILE   A 1 91  ? 13.915  -0.192  -7.225  1.00 24.22  ? 91  ILE   A CA  1 
ATOM   759  C  C   . ILE   A 1 91  ? 13.238  0.340   -5.968  1.00 24.34  ? 91  ILE   A C   1 
ATOM   760  O  O   . ILE   A 1 91  ? 13.222  -0.318  -4.919  1.00 25.00  ? 91  ILE   A O   1 
ATOM   761  C  CB  . ILE   A 1 91  ? 15.283  0.477   -7.438  1.00 27.59  ? 91  ILE   A CB  1 
ATOM   762  C  CG1 . ILE   A 1 91  ? 16.097  -0.266  -8.498  1.00 30.78  ? 91  ILE   A CG1 1 
ATOM   763  C  CG2 . ILE   A 1 91  ? 16.037  0.567   -6.116  1.00 30.83  ? 91  ILE   A CG2 1 
ATOM   764  C  CD1 . ILE   A 1 91  ? 17.306  0.522   -8.962  1.00 27.36  ? 91  ILE   A CD1 1 
ATOM   765  N  N   . THR   A 1 92  ? 12.682  1.549   -6.055  1.00 22.30  ? 92  THR   A N   1 
ATOM   766  C  CA  . THR   A 1 92  ? 12.026  2.146   -4.897  1.00 27.26  ? 92  THR   A CA  1 
ATOM   767  C  C   . THR   A 1 92  ? 10.842  1.303   -4.443  1.00 28.64  ? 92  THR   A C   1 
ATOM   768  O  O   . THR   A 1 92  ? 10.631  1.111   -3.239  1.00 28.41  ? 92  THR   A O   1 
ATOM   769  C  CB  . THR   A 1 92  ? 11.587  3.571   -5.228  1.00 27.11  ? 92  THR   A CB  1 
ATOM   770  O  OG1 . THR   A 1 92  ? 12.729  4.331   -5.646  1.00 30.83  ? 92  THR   A OG1 1 
ATOM   771  C  CG2 . THR   A 1 92  ? 10.951  4.242   -4.012  1.00 25.67  ? 92  THR   A CG2 1 
ATOM   772  N  N   . GLY   A 1 93  ? 10.063  0.783   -5.394  1.00 22.97  ? 93  GLY   A N   1 
ATOM   773  C  CA  . GLY   A 1 93  ? 8.928   -0.052  -5.031  1.00 22.80  ? 93  GLY   A CA  1 
ATOM   774  C  C   . GLY   A 1 93  ? 9.345   -1.338  -4.345  1.00 26.23  ? 93  GLY   A C   1 
ATOM   775  O  O   . GLY   A 1 93  ? 8.716   -1.766  -3.374  1.00 26.64  ? 93  GLY   A O   1 
ATOM   776  N  N   . LYS   A 1 94  ? 10.414  -1.973  -4.838  1.00 25.32  ? 94  LYS   A N   1 
ATOM   777  C  CA  . LYS   A 1 94  ? 10.906  -3.186  -4.192  1.00 29.61  ? 94  LYS   A CA  1 
ATOM   778  C  C   . LYS   A 1 94  ? 11.386  -2.900  -2.775  1.00 28.90  ? 94  LYS   A C   1 
ATOM   779  O  O   . LYS   A 1 94  ? 11.136  -3.690  -1.856  1.00 30.47  ? 94  LYS   A O   1 
ATOM   780  C  CB  . LYS   A 1 94  ? 12.030  -3.812  -5.020  1.00 29.84  ? 94  LYS   A CB  1 
ATOM   781  C  CG  . LYS   A 1 94  ? 11.580  -4.480  -6.307  1.00 36.91  ? 94  LYS   A CG  1 
ATOM   782  C  CD  . LYS   A 1 94  ? 10.639  -5.640  -6.028  1.00 52.76  ? 94  LYS   A CD  1 
ATOM   783  C  CE  . LYS   A 1 94  ? 10.355  -6.435  -7.294  1.00 66.98  ? 94  LYS   A CE  1 
ATOM   784  N  NZ  . LYS   A 1 94  ? 9.293   -7.458  -7.100  1.00 64.81  ? 94  LYS   A NZ  1 
ATOM   785  N  N   . ASN   A 1 95  ? 12.076  -1.772  -2.577  1.00 27.91  ? 95  ASN   A N   1 
ATOM   786  C  CA  . ASN   A 1 95  ? 12.569  -1.428  -1.246  1.00 29.90  ? 95  ASN   A CA  1 
ATOM   787  C  C   . ASN   A 1 95  ? 11.418  -1.219  -0.269  1.00 32.03  ? 95  ASN   A C   1 
ATOM   788  O  O   . ASN   A 1 95  ? 11.428  -1.752  0.848   1.00 28.93  ? 95  ASN   A O   1 
ATOM   789  C  CB  . ASN   A 1 95  ? 13.440  -0.170  -1.311  1.00 30.07  ? 95  ASN   A CB  1 
ATOM   790  C  CG  . ASN   A 1 95  ? 14.798  -0.428  -1.938  1.00 36.68  ? 95  ASN   A CG  1 
ATOM   791  O  OD1 . ASN   A 1 95  ? 15.213  -1.573  -2.098  1.00 32.02  ? 95  ASN   A OD1 1 
ATOM   792  N  ND2 . ASN   A 1 95  ? 15.499  0.644   -2.290  1.00 35.45  ? 95  ASN   A ND2 1 
ATOM   793  N  N   . ILE   A 1 96  ? 10.413  -0.438  -0.669  1.00 28.29  ? 96  ILE   A N   1 
ATOM   794  C  CA  . ILE   A 1 96  ? 9.322   -0.129  0.248   1.00 29.04  ? 96  ILE   A CA  1 
ATOM   795  C  C   . ILE   A 1 96  ? 8.424   -1.343  0.443   1.00 25.04  ? 96  ILE   A C   1 
ATOM   796  O  O   . ILE   A 1 96  ? 7.830   -1.518  1.515   1.00 29.84  ? 96  ILE   A O   1 
ATOM   797  C  CB  . ILE   A 1 96  ? 8.542   1.099   -0.257  1.00 26.97  ? 96  ILE   A CB  1 
ATOM   798  C  CG1 . ILE   A 1 96  ? 9.481   2.302   -0.344  1.00 28.08  ? 96  ILE   A CG1 1 
ATOM   799  C  CG2 . ILE   A 1 96  ? 7.375   1.418   0.665   1.00 27.76  ? 96  ILE   A CG2 1 
ATOM   800  C  CD1 . ILE   A 1 96  ? 8.811   3.579   -0.777  1.00 27.78  ? 96  ILE   A CD1 1 
ATOM   801  N  N   . GLU   A 1 97  ? 8.315   -2.201  -0.574  1.00 23.96  ? 97  GLU   A N   1 
ATOM   802  C  CA  . GLU   A 1 97  ? 7.592   -3.457  -0.401  1.00 25.56  ? 97  GLU   A CA  1 
ATOM   803  C  C   . GLU   A 1 97  ? 8.232   -4.303  0.693   1.00 38.82  ? 97  GLU   A C   1 
ATOM   804  O  O   . GLU   A 1 97  ? 7.543   -4.819  1.580   1.00 31.15  ? 97  GLU   A O   1 
ATOM   805  C  CB  . GLU   A 1 97  ? 7.551   -4.228  -1.720  1.00 28.75  ? 97  GLU   A CB  1 
ATOM   806  C  CG  . GLU   A 1 97  ? 6.805   -5.557  -1.650  1.00 29.86  ? 97  GLU   A CG  1 
ATOM   807  C  CD  . GLU   A 1 97  ? 7.008   -6.402  -2.893  1.00 34.51  ? 97  GLU   A CD  1 
ATOM   808  O  OE1 . GLU   A 1 97  ? 8.130   -6.388  -3.446  1.00 40.16  ? 97  GLU   A OE1 1 
ATOM   809  O  OE2 . GLU   A 1 97  ? 6.050   -7.081  -3.320  1.00 40.24  ? 97  GLU   A OE2 1 
ATOM   810  N  N   . ALA   A 1 98  ? 9.560   -4.443  0.653   1.00 31.41  ? 98  ALA   A N   1 
ATOM   811  C  CA  . ALA   A 1 98  ? 10.258  -5.203  1.685   1.00 29.41  ? 98  ALA   A CA  1 
ATOM   812  C  C   . ALA   A 1 98  ? 10.087  -4.561  3.055   1.00 26.97  ? 98  ALA   A C   1 
ATOM   813  O  O   . ALA   A 1 98  ? 9.887   -5.259  4.056   1.00 36.18  ? 98  ALA   A O   1 
ATOM   814  C  CB  . ALA   A 1 98  ? 11.741  -5.326  1.334   1.00 35.61  ? 98  ALA   A CB  1 
ATOM   815  N  N   . TYR   A 1 99  ? 10.165  -3.230  3.118   1.00 27.85  ? 99  TYR   A N   1 
ATOM   816  C  CA  . TYR   A 1 99  ? 9.943   -2.533  4.380   1.00 31.35  ? 99  TYR   A CA  1 
ATOM   817  C  C   . TYR   A 1 99  ? 8.528   -2.767  4.894   1.00 40.12  ? 99  TYR   A C   1 
ATOM   818  O  O   . TYR   A 1 99  ? 8.323   -2.997  6.091   1.00 33.71  ? 99  TYR   A O   1 
ATOM   819  C  CB  . TYR   A 1 99  ? 10.216  -1.040  4.194   1.00 29.05  ? 99  TYR   A CB  1 
ATOM   820  C  CG  . TYR   A 1 99  ? 9.955   -0.184  5.413   1.00 31.76  ? 99  TYR   A CG  1 
ATOM   821  C  CD1 . TYR   A 1 99  ? 10.847  -0.161  6.477   1.00 46.15  ? 99  TYR   A CD1 1 
ATOM   822  C  CD2 . TYR   A 1 99  ? 8.825   0.624   5.489   1.00 41.01  ? 99  TYR   A CD2 1 
ATOM   823  C  CE1 . TYR   A 1 99  ? 10.615  0.632   7.592   1.00 44.66  ? 99  TYR   A CE1 1 
ATOM   824  C  CE2 . TYR   A 1 99  ? 8.585   1.420   6.598   1.00 34.35  ? 99  TYR   A CE2 1 
ATOM   825  C  CZ  . TYR   A 1 99  ? 9.483   1.419   7.647   1.00 43.12  ? 99  TYR   A CZ  1 
ATOM   826  O  OH  . TYR   A 1 99  ? 9.249   2.210   8.749   1.00 40.00  ? 99  TYR   A OH  1 
ATOM   827  N  N   . PHE   A 1 100 ? 7.541   -2.730  3.996   1.00 28.89  ? 100 PHE   A N   1 
ATOM   828  C  CA  . PHE   A 1 100 ? 6.151   -2.937  4.395   1.00 30.32  ? 100 PHE   A CA  1 
ATOM   829  C  C   . PHE   A 1 100 ? 5.938   -4.337  4.960   1.00 34.38  ? 100 PHE   A C   1 
ATOM   830  O  O   . PHE   A 1 100 ? 5.292   -4.508  6.001   1.00 36.92  ? 100 PHE   A O   1 
ATOM   831  C  CB  . PHE   A 1 100 ? 5.233   -2.686  3.198   1.00 27.66  ? 100 PHE   A CB  1 
ATOM   832  C  CG  . PHE   A 1 100 ? 3.791   -3.033  3.448   1.00 23.27  ? 100 PHE   A CG  1 
ATOM   833  C  CD1 . PHE   A 1 100 ? 3.040   -2.322  4.372   1.00 29.67  ? 100 PHE   A CD1 1 
ATOM   834  C  CD2 . PHE   A 1 100 ? 3.181   -4.055  2.738   1.00 25.01  ? 100 PHE   A CD2 1 
ATOM   835  C  CE1 . PHE   A 1 100 ? 1.708   -2.638  4.593   1.00 29.49  ? 100 PHE   A CE1 1 
ATOM   836  C  CE2 . PHE   A 1 100 ? 1.851   -4.375  2.955   1.00 30.26  ? 100 PHE   A CE2 1 
ATOM   837  C  CZ  . PHE   A 1 100 ? 1.116   -3.665  3.883   1.00 27.36  ? 100 PHE   A CZ  1 
ATOM   838  N  N   . ASN   A 1 101 ? 6.482   -5.354  4.288   1.00 30.12  ? 101 ASN   A N   1 
ATOM   839  C  CA  . ASN   A 1 101 ? 6.287   -6.723  4.750   1.00 34.07  ? 101 ASN   A CA  1 
ATOM   840  C  C   . ASN   A 1 101 ? 6.944   -6.960  6.103   1.00 45.68  ? 101 ASN   A C   1 
ATOM   841  O  O   . ASN   A 1 101 ? 6.442   -7.758  6.903   1.00 41.76  ? 101 ASN   A O   1 
ATOM   842  C  CB  . ASN   A 1 101 ? 6.822   -7.708  3.713   1.00 33.02  ? 101 ASN   A CB  1 
ATOM   843  C  CG  . ASN   A 1 101 ? 5.919   -7.821  2.503   1.00 47.01  ? 101 ASN   A CG  1 
ATOM   844  O  OD1 . ASN   A 1 101 ? 4.704   -7.645  2.604   1.00 40.04  ? 101 ASN   A OD1 1 
ATOM   845  N  ND2 . ASN   A 1 101 ? 6.508   -8.120  1.351   1.00 39.57  ? 101 ASN   A ND2 1 
ATOM   846  N  N   . ASN   A 1 102 ? 8.059   -6.280  6.381   1.00 39.82  ? 102 ASN   A N   1 
ATOM   847  C  CA  . ASN   A 1 102 ? 8.681   -6.413  7.694   1.00 39.81  ? 102 ASN   A CA  1 
ATOM   848  C  C   . ASN   A 1 102 ? 7.894   -5.665  8.761   1.00 47.14  ? 102 ASN   A C   1 
ATOM   849  O  O   . ASN   A 1 102 ? 7.836   -6.111  9.912   1.00 43.98  ? 102 ASN   A O   1 
ATOM   850  C  CB  . ASN   A 1 102 ? 10.127  -5.920  7.652   1.00 41.09  ? 102 ASN   A CB  1 
ATOM   851  C  CG  . ASN   A 1 102 ? 10.857  -6.146  8.964   1.00 39.55  ? 102 ASN   A CG  1 
ATOM   852  O  OD1 . ASN   A 1 102 ? 11.167  -7.280  9.325   1.00 46.79  ? 102 ASN   A OD1 1 
ATOM   853  N  ND2 . ASN   A 1 102 ? 11.137  -5.063  9.681   1.00 43.17  ? 102 ASN   A ND2 1 
ATOM   854  N  N   . GLN   A 1 103 ? 7.285   -4.530  8.402   1.00 32.43  ? 103 GLN   A N   1 
ATOM   855  C  CA  . GLN   A 1 103 ? 6.464   -3.800  9.363   1.00 33.95  ? 103 GLN   A CA  1 
ATOM   856  C  C   . GLN   A 1 103 ? 5.225   -4.592  9.756   1.00 31.16  ? 103 GLN   A C   1 
ATOM   857  O  O   . GLN   A 1 103 ? 4.790   -4.521  10.910  1.00 36.58  ? 103 GLN   A O   1 
ATOM   858  C  CB  . GLN   A 1 103 ? 6.068   -2.436  8.796   1.00 31.58  ? 103 GLN   A CB  1 
ATOM   859  C  CG  . GLN   A 1 103 ? 7.204   -1.425  8.766   1.00 37.52  ? 103 GLN   A CG  1 
ATOM   860  C  CD  . GLN   A 1 103 ? 7.699   -1.061  10.154  1.00 49.44  ? 103 GLN   A CD  1 
ATOM   861  O  OE1 . GLN   A 1 103 ? 6.947   -0.546  10.981  1.00 49.83  ? 103 GLN   A OE1 1 
ATOM   862  N  NE2 . GLN   A 1 103 ? 8.972   -1.335  10.417  1.00 49.81  ? 103 GLN   A NE2 1 
ATOM   863  N  N   . LEU   A 1 104 ? 4.648   -5.353  8.822   1.00 35.57  ? 104 LEU   A N   1 
ATOM   864  C  CA  . LEU   A 1 104 ? 3.509   -6.200  9.160   1.00 34.22  ? 104 LEU   A CA  1 
ATOM   865  C  C   . LEU   A 1 104 ? 3.864   -7.203  10.249  1.00 51.28  ? 104 LEU   A C   1 
ATOM   866  O  O   . LEU   A 1 104 ? 2.989   -7.633  11.010  1.00 38.32  ? 104 LEU   A O   1 
ATOM   867  C  CB  . LEU   A 1 104 ? 3.005   -6.931  7.917   1.00 36.57  ? 104 LEU   A CB  1 
ATOM   868  C  CG  . LEU   A 1 104 ? 2.432   -6.079  6.785   1.00 33.03  ? 104 LEU   A CG  1 
ATOM   869  C  CD1 . LEU   A 1 104 ? 2.071   -6.960  5.594   1.00 28.14  ? 104 LEU   A CD1 1 
ATOM   870  C  CD2 . LEU   A 1 104 ? 1.224   -5.284  7.267   1.00 31.39  ? 104 LEU   A CD2 1 
ATOM   871  N  N   . ILE   A 1 105 ? 5.137   -7.580  10.343  1.00 36.90  ? 105 ILE   A N   1 
ATOM   872  C  CA  . ILE   A 1 105 ? 5.568   -8.533  11.361  1.00 39.45  ? 105 ILE   A CA  1 
ATOM   873  C  C   . ILE   A 1 105 ? 5.865   -7.822  12.675  1.00 52.28  ? 105 ILE   A C   1 
ATOM   874  O  O   . ILE   A 1 105 ? 5.300   -8.155  13.724  1.00 44.86  ? 105 ILE   A O   1 
ATOM   875  C  CB  . ILE   A 1 105 ? 6.790   -9.329  10.867  1.00 40.54  ? 105 ILE   A CB  1 
ATOM   876  C  CG1 . ILE   A 1 105 ? 6.433   -10.133 9.616   1.00 38.71  ? 105 ILE   A CG1 1 
ATOM   877  C  CG2 . ILE   A 1 105 ? 7.310   -10.236 11.970  1.00 43.96  ? 105 ILE   A CG2 1 
ATOM   878  C  CD1 . ILE   A 1 105 ? 7.612   -10.852 8.993   1.00 45.62  ? 105 ILE   A CD1 1 
ATOM   879  N  N   . VAL   A 1 106 ? 6.755   -6.824  12.635  1.00 42.93  ? 106 VAL   A N   1 
ATOM   880  C  CA  . VAL   A 1 106 ? 7.244   -6.210  13.866  1.00 45.43  ? 106 VAL   A CA  1 
ATOM   881  C  C   . VAL   A 1 106 ? 6.176   -5.381  14.569  1.00 49.21  ? 106 VAL   A C   1 
ATOM   882  O  O   . VAL   A 1 106 ? 6.297   -5.118  15.773  1.00 48.40  ? 106 VAL   A O   1 
ATOM   883  C  CB  . VAL   A 1 106 ? 8.493   -5.354  13.582  1.00 49.42  ? 106 VAL   A CB  1 
ATOM   884  C  CG1 . VAL   A 1 106 ? 9.532   -6.172  12.828  1.00 47.45  ? 106 VAL   A CG1 1 
ATOM   885  C  CG2 . VAL   A 1 106 ? 8.124   -4.093  12.814  1.00 43.34  ? 106 VAL   A CG2 1 
ATOM   886  N  N   . THR   A 1 107 ? 5.134   -4.945  13.860  1.00 53.84  ? 107 THR   A N   1 
ATOM   887  C  CA  . THR   A 1 107 ? 4.037   -4.255  14.527  1.00 42.95  ? 107 THR   A CA  1 
ATOM   888  C  C   . THR   A 1 107 ? 3.043   -5.221  15.154  1.00 39.86  ? 107 THR   A C   1 
ATOM   889  O  O   . THR   A 1 107 ? 2.265   -4.812  16.023  1.00 41.17  ? 107 THR   A O   1 
ATOM   890  C  CB  . THR   A 1 107 ? 3.289   -3.347  13.548  1.00 42.70  ? 107 THR   A CB  1 
ATOM   891  O  OG1 . THR   A 1 107 ? 2.748   -4.140  12.483  1.00 35.15  ? 107 THR   A OG1 1 
ATOM   892  C  CG2 . THR   A 1 107 ? 4.217   -2.275  12.979  1.00 44.93  ? 107 THR   A CG2 1 
ATOM   893  N  N   . GLY   A 1 108 ? 3.056   -6.484  14.742  1.00 39.20  ? 108 GLY   A N   1 
ATOM   894  C  CA  . GLY   A 1 108 ? 2.036   -7.426  15.141  1.00 46.48  ? 108 GLY   A CA  1 
ATOM   895  C  C   . GLY   A 1 108 ? 0.786   -7.393  14.297  1.00 50.67  ? 108 GLY   A C   1 
ATOM   896  O  O   . GLY   A 1 108 ? -0.207  -8.030  14.669  1.00 40.10  ? 108 GLY   A O   1 
ATOM   897  N  N   . TYR   A 1 109 ? 0.800   -6.673  13.171  1.00 37.15  ? 109 TYR   A N   1 
ATOM   898  C  CA  . TYR   A 1 109 ? -0.394  -6.572  12.339  1.00 35.34  ? 109 TYR   A CA  1 
ATOM   899  C  C   . TYR   A 1 109 ? -0.834  -7.938  11.832  1.00 33.86  ? 109 TYR   A C   1 
ATOM   900  O  O   . TYR   A 1 109 ? -2.035  -8.215  11.731  1.00 33.84  ? 109 TYR   A O   1 
ATOM   901  C  CB  . TYR   A 1 109 ? -0.142  -5.624  11.165  1.00 34.95  ? 109 TYR   A CB  1 
ATOM   902  C  CG  . TYR   A 1 109 ? -1.396  -5.256  10.408  1.00 26.05  ? 109 TYR   A CG  1 
ATOM   903  C  CD1 . TYR   A 1 109 ? -1.860  -6.044  9.363   1.00 28.82  ? 109 TYR   A CD1 1 
ATOM   904  C  CD2 . TYR   A 1 109 ? -2.125  -4.125  10.751  1.00 24.93  ? 109 TYR   A CD2 1 
ATOM   905  C  CE1 . TYR   A 1 109 ? -3.012  -5.710  8.674   1.00 28.01  ? 109 TYR   A CE1 1 
ATOM   906  C  CE2 . TYR   A 1 109 ? -3.277  -3.785  10.069  1.00 23.91  ? 109 TYR   A CE2 1 
ATOM   907  C  CZ  . TYR   A 1 109 ? -3.716  -4.577  9.035   1.00 23.41  ? 109 TYR   A CZ  1 
ATOM   908  O  OH  . TYR   A 1 109 ? -4.862  -4.232  8.355   1.00 28.60  ? 109 TYR   A OH  1 
ATOM   909  N  N   . ASN   A 1 110 ? 0.126   -8.809  11.506  1.00 31.62  ? 110 ASN   A N   1 
ATOM   910  C  CA  . ASN   A 1 110 ? -0.218  -10.147 11.040  1.00 33.12  ? 110 ASN   A CA  1 
ATOM   911  C  C   . ASN   A 1 110 ? -0.989  -10.945 12.083  1.00 33.25  ? 110 ASN   A C   1 
ATOM   912  O  O   . ASN   A 1 110 ? -1.704  -11.886 11.721  1.00 40.18  ? 110 ASN   A O   1 
ATOM   913  C  CB  . ASN   A 1 110 ? 1.046   -10.903 10.628  1.00 36.68  ? 110 ASN   A CB  1 
ATOM   914  C  CG  . ASN   A 1 110 ? 1.624   -10.395 9.322   1.00 55.70  ? 110 ASN   A CG  1 
ATOM   915  O  OD1 . ASN   A 1 110 ? 0.907   -9.837  8.492   1.00 42.76  ? 110 ASN   A OD1 1 
ATOM   916  N  ND2 . ASN   A 1 110 ? 2.925   -10.591 9.131   1.00 45.18  ? 110 ASN   A ND2 1 
ATOM   917  N  N   . ASN   A 1 111 ? -0.860  -10.596 13.365  1.00 38.79  ? 111 ASN   A N   1 
ATOM   918  C  CA  . ASN   A 1 111 ? -1.644  -11.273 14.392  1.00 41.56  ? 111 ASN   A CA  1 
ATOM   919  C  C   . ASN   A 1 111 ? -3.131  -10.985 14.226  1.00 41.61  ? 111 ASN   A C   1 
ATOM   920  O  O   . ASN   A 1 111 ? -3.967  -11.871 14.431  1.00 43.29  ? 111 ASN   A O   1 
ATOM   921  C  CB  . ASN   A 1 111 ? -1.163  -10.858 15.783  1.00 40.40  ? 111 ASN   A CB  1 
ATOM   922  C  CG  . ASN   A 1 111 ? 0.266   -11.294 16.059  1.00 44.08  ? 111 ASN   A CG  1 
ATOM   923  O  OD1 . ASN   A 1 111 ? 0.684   -12.379 15.658  1.00 51.49  ? 111 ASN   A OD1 1 
ATOM   924  N  ND2 . ASN   A 1 111 ? 1.023   -10.444 16.744  1.00 48.55  ? 111 ASN   A ND2 1 
ATOM   925  N  N   . PHE   A 1 112 ? -3.481  -9.754  13.844  1.00 34.27  ? 112 PHE   A N   1 
ATOM   926  C  CA  . PHE   A 1 112 ? -4.878  -9.438  13.561  1.00 34.64  ? 112 PHE   A CA  1 
ATOM   927  C  C   . PHE   A 1 112 ? -5.366  -10.169 12.320  1.00 32.71  ? 112 PHE   A C   1 
ATOM   928  O  O   . PHE   A 1 112 ? -6.533  -10.573 12.249  1.00 34.55  ? 112 PHE   A O   1 
ATOM   929  C  CB  . PHE   A 1 112 ? -5.056  -7.929  13.399  1.00 32.63  ? 112 PHE   A CB  1 
ATOM   930  C  CG  . PHE   A 1 112 ? -4.880  -7.161  14.673  1.00 36.26  ? 112 PHE   A CG  1 
ATOM   931  C  CD1 . PHE   A 1 112 ? -5.949  -6.970  15.535  1.00 29.81  ? 112 PHE   A CD1 1 
ATOM   932  C  CD2 . PHE   A 1 112 ? -3.647  -6.627  15.012  1.00 38.77  ? 112 PHE   A CD2 1 
ATOM   933  C  CE1 . PHE   A 1 112 ? -5.789  -6.262  16.711  1.00 35.90  ? 112 PHE   A CE1 1 
ATOM   934  C  CE2 . PHE   A 1 112 ? -3.483  -5.920  16.188  1.00 45.15  ? 112 PHE   A CE2 1 
ATOM   935  C  CZ  . PHE   A 1 112 ? -4.555  -5.736  17.038  1.00 37.47  ? 112 PHE   A CZ  1 
ATOM   936  N  N   . VAL   A 1 113 ? -4.493  -10.336 11.327  1.00 31.57  ? 113 VAL   A N   1 
ATOM   937  C  CA  . VAL   A 1 113 ? -4.855  -11.098 10.136  1.00 28.29  ? 113 VAL   A CA  1 
ATOM   938  C  C   . VAL   A 1 113 ? -5.203  -12.533 10.508  1.00 38.21  ? 113 VAL   A C   1 
ATOM   939  O  O   . VAL   A 1 113 ? -6.201  -13.091 10.034  1.00 34.85  ? 113 VAL   A O   1 
ATOM   940  C  CB  . VAL   A 1 113 ? -3.710  -11.038 9.105   1.00 31.70  ? 113 VAL   A CB  1 
ATOM   941  C  CG1 . VAL   A 1 113 ? -3.940  -12.043 7.989   1.00 37.23  ? 113 VAL   A CG1 1 
ATOM   942  C  CG2 . VAL   A 1 113 ? -3.562  -9.618  8.549   1.00 26.57  ? 113 VAL   A CG2 1 
ATOM   943  N  N   . THR   A 1 114 ? -4.392  -13.149 11.370  1.00 39.70  ? 114 THR   A N   1 
ATOM   944  C  CA  . THR   A 1 114 ? -4.624  -14.539 11.751  1.00 38.51  ? 114 THR   A CA  1 
ATOM   945  C  C   . THR   A 1 114 ? -5.932  -14.687 12.521  1.00 59.08  ? 114 THR   A C   1 
ATOM   946  O  O   . THR   A 1 114 ? -6.725  -15.597 12.248  1.00 48.61  ? 114 THR   A O   1 
ATOM   947  C  CB  . THR   A 1 114 ? -3.448  -15.058 12.579  1.00 53.07  ? 114 THR   A CB  1 
ATOM   948  O  OG1 . THR   A 1 114 ? -2.252  -15.002 11.793  1.00 52.69  ? 114 THR   A OG1 1 
ATOM   949  C  CG2 . THR   A 1 114 ? -3.693  -16.495 13.018  1.00 59.53  ? 114 THR   A CG2 1 
ATOM   950  N  N   . LYS   A 1 115 ? -6.172  -13.797 13.487  1.00 39.78  ? 115 LYS   A N   1 
ATOM   951  C  CA  . LYS   A 1 115 ? -7.422  -13.835 14.240  1.00 41.82  ? 115 LYS   A CA  1 
ATOM   952  C  C   . LYS   A 1 115 ? -8.621  -13.646 13.319  1.00 43.17  ? 115 LYS   A C   1 
ATOM   953  O  O   . LYS   A 1 115 ? -9.598  -14.401 13.388  1.00 50.57  ? 115 LYS   A O   1 
ATOM   954  C  CB  . LYS   A 1 115 ? -7.413  -12.760 15.328  1.00 36.24  ? 115 LYS   A CB  1 
ATOM   955  C  CG  . LYS   A 1 115 ? -6.283  -12.882 16.339  1.00 56.58  ? 115 LYS   A CG  1 
ATOM   956  C  CD  . LYS   A 1 115 ? -6.550  -13.971 17.363  1.00 74.93  ? 115 LYS   A CD  1 
ATOM   957  C  CE  . LYS   A 1 115 ? -5.341  -14.179 18.259  1.00 84.04  ? 115 LYS   A CE  1 
ATOM   958  N  NZ  . LYS   A 1 115 ? -4.866  -12.906 18.870  1.00 72.34  ? 115 LYS   A NZ  1 
ATOM   959  N  N   . ALA   A 1 116 ? -8.557  -12.645 12.437  1.00 40.71  ? 116 ALA   A N   1 
ATOM   960  C  CA  . ALA   A 1 116 ? -9.691  -12.350 11.566  1.00 38.51  ? 116 ALA   A CA  1 
ATOM   961  C  C   . ALA   A 1 116 ? -9.930  -13.455 10.545  1.00 52.52  ? 116 ALA   A C   1 
ATOM   962  O  O   . ALA   A 1 116 ? -11.081 -13.701 10.164  1.00 44.60  ? 116 ALA   A O   1 
ATOM   963  C  CB  . ALA   A 1 116 ? -9.476  -11.015 10.856  1.00 44.36  ? 116 ALA   A CB  1 
ATOM   964  N  N   . ASN   A 1 117 ? -8.868  -14.119 10.082  1.00 47.29  ? 117 ASN   A N   1 
ATOM   965  C  CA  . ASN   A 1 117 ? -9.050  -15.230 9.152   1.00 51.55  ? 117 ASN   A CA  1 
ATOM   966  C  C   . ASN   A 1 117 ? -9.797  -16.383 9.809   1.00 59.67  ? 117 ASN   A C   1 
ATOM   967  O  O   . ASN   A 1 117 ? -10.585 -17.075 9.154   1.00 67.00  ? 117 ASN   A O   1 
ATOM   968  C  CB  . ASN   A 1 117 ? -7.697  -15.702 8.619   1.00 45.01  ? 117 ASN   A CB  1 
ATOM   969  C  CG  . ASN   A 1 117 ? -7.121  -14.765 7.574   1.00 65.39  ? 117 ASN   A CG  1 
ATOM   970  O  OD1 . ASN   A 1 117 ? -7.854  -14.032 6.907   1.00 48.20  ? 117 ASN   A OD1 1 
ATOM   971  N  ND2 . ASN   A 1 117 ? -5.803  -14.791 7.418   1.00 62.03  ? 117 ASN   A ND2 1 
ATOM   972  N  N   . THR   A 1 118 ? -9.570  -16.599 11.107  1.00 54.54  ? 118 THR   A N   1 
ATOM   973  C  CA  . THR   A 1 118 ? -10.282 -17.660 11.813  1.00 62.35  ? 118 THR   A CA  1 
ATOM   974  C  C   . THR   A 1 118 ? -11.723 -17.257 12.108  1.00 61.50  ? 118 THR   A C   1 
ATOM   975  O  O   . THR   A 1 118 ? -12.632 -18.093 12.036  1.00 59.89  ? 118 THR   A O   1 
ATOM   976  C  CB  . THR   A 1 118 ? -9.548  -18.009 13.107  1.00 56.80  ? 118 THR   A CB  1 
ATOM   977  O  OG1 . THR   A 1 118 ? -8.167  -18.258 12.820  1.00 55.34  ? 118 THR   A OG1 1 
ATOM   978  C  CG2 . THR   A 1 118 ? -10.158 -19.246 13.747  1.00 76.26  ? 118 THR   A CG2 1 
ATOM   979  N  N   . ILE   A 1 119 ? -11.949 -15.984 12.441  1.00 56.90  ? 119 ILE   A N   1 
ATOM   980  C  CA  . ILE   A 1 119 ? -13.298 -15.511 12.747  1.00 55.91  ? 119 ILE   A CA  1 
ATOM   981  C  C   . ILE   A 1 119 ? -14.217 -15.688 11.544  1.00 73.59  ? 119 ILE   A C   1 
ATOM   982  O  O   . ILE   A 1 119 ? -15.379 -16.091 11.683  1.00 50.34  ? 119 ILE   A O   1 
ATOM   983  C  CB  . ILE   A 1 119 ? -13.255 -14.041 13.208  1.00 56.13  ? 119 ILE   A CB  1 
ATOM   984  C  CG1 . ILE   A 1 119 ? -12.515 -13.912 14.540  1.00 39.68  ? 119 ILE   A CG1 1 
ATOM   985  C  CG2 . ILE   A 1 119 ? -14.661 -13.459 13.313  1.00 57.80  ? 119 ILE   A CG2 1 
ATOM   986  C  CD1 . ILE   A 1 119 ? -12.281 -12.477 14.957  1.00 44.67  ? 119 ILE   A CD1 1 
ATOM   987  N  N   . ASN   A 1 120 ? -13.712 -15.397 10.345  1.00 57.24  ? 120 ASN   A N   1 
ATOM   988  C  CA  . ASN   A 1 120 ? -14.528 -15.360 9.139   1.00 69.38  ? 120 ASN   A CA  1 
ATOM   989  C  C   . ASN   A 1 120 ? -14.364 -16.605 8.271   1.00 83.37  ? 120 ASN   A C   1 
ATOM   990  O  O   . ASN   A 1 120 ? -14.625 -16.549 7.065   1.00 78.25  ? 120 ASN   A O   1 
ATOM   991  C  CB  . ASN   A 1 120 ? -14.207 -14.101 8.331   1.00 53.03  ? 120 ASN   A CB  1 
ATOM   992  C  CG  . ASN   A 1 120 ? -14.648 -12.830 9.035   1.00 84.01  ? 120 ASN   A CG  1 
ATOM   993  O  OD1 . ASN   A 1 120 ? -15.740 -12.319 8.788   1.00 66.87  ? 120 ASN   A OD1 1 
ATOM   994  N  ND2 . ASN   A 1 120 ? -13.802 -12.318 9.924   1.00 61.17  ? 120 ASN   A ND2 1 
ATOM   995  N  N   . GLU   A 1 121 ? -13.948 -17.724 8.856   1.00 78.59  ? 121 GLU   A N   1 
ATOM   996  C  CA  . GLU   A 1 121 ? -13.847 -18.971 8.105   1.00 68.12  ? 121 GLU   A CA  1 
ATOM   997  C  C   . GLU   A 1 121 ? -15.013 -19.892 8.447   1.00 87.87  ? 121 GLU   A C   1 
ATOM   998  O  O   . GLU   A 1 121 ? -15.839 -19.573 9.305   1.00 90.33  ? 121 GLU   A O   1 
ATOM   999  C  CB  . GLU   A 1 121 ? -12.517 -19.674 8.387   1.00 80.74  ? 121 GLU   A CB  1 
ATOM   1000 C  CG  . GLU   A 1 121 ? -12.439 -20.338 9.751   1.00 83.55  ? 121 GLU   A CG  1 
ATOM   1001 C  CD  . GLU   A 1 121 ? -11.125 -21.066 9.970   1.00 96.28  ? 121 GLU   A CD  1 
ATOM   1002 O  OE1 . GLU   A 1 121 ? -10.285 -21.070 9.045   1.00 87.78  ? 121 GLU   A OE1 1 
ATOM   1003 O  OE2 . GLU   A 1 121 ? -10.933 -21.634 11.066  1.00 90.80  ? 121 GLU   A OE2 1 
HETATM 1004 S  S   . SO4   B 2 .   ? -11.908 13.770  2.333   1.00 56.24  ? 201 SO4   A S   1 
HETATM 1005 O  O1  . SO4   B 2 .   ? -11.335 15.117  2.012   1.00 69.04  ? 201 SO4   A O1  1 
HETATM 1006 O  O2  . SO4   B 2 .   ? -11.825 12.894  1.120   1.00 60.91  ? 201 SO4   A O2  1 
HETATM 1007 O  O3  . SO4   B 2 .   ? -11.123 13.150  3.449   1.00 46.98  ? 201 SO4   A O3  1 
HETATM 1008 O  O4  . SO4   B 2 .   ? -13.344 13.920  2.745   1.00 44.58  ? 201 SO4   A O4  1 
HETATM 1009 S  S   . SO4   C 2 .   ? -1.706  12.608  5.443   1.00 122.17 ? 202 SO4   A S   1 
HETATM 1010 O  O1  . SO4   C 2 .   ? -1.186  13.912  5.971   1.00 106.38 ? 202 SO4   A O1  1 
HETATM 1011 O  O2  . SO4   C 2 .   ? -1.242  12.423  4.030   1.00 102.19 ? 202 SO4   A O2  1 
HETATM 1012 O  O3  . SO4   C 2 .   ? -1.181  11.488  6.289   1.00 76.96  ? 202 SO4   A O3  1 
HETATM 1013 O  O4  . SO4   C 2 .   ? -3.206  12.607  5.481   1.00 70.80  ? 202 SO4   A O4  1 
HETATM 1014 C  C14 . A1IUX D 3 .   ? 4.729   10.218  -9.198  0.89 28.57  ? 203 A1IUX A C14 1 
HETATM 1015 C  C12 . A1IUX D 3 .   ? 5.529   8.072   -10.058 0.89 24.92  ? 203 A1IUX A C12 1 
HETATM 1016 C  C10 . A1IUX D 3 .   ? 4.572   4.698   -8.903  0.89 23.71  ? 203 A1IUX A C10 1 
HETATM 1017 C  C01 . A1IUX D 3 .   ? 5.804   8.014   -12.679 0.89 24.69  ? 203 A1IUX A C01 1 
HETATM 1018 C  C02 . A1IUX D 3 .   ? 6.981   7.361   -13.442 0.89 27.94  ? 203 A1IUX A C02 1 
HETATM 1019 C  C03 . A1IUX D 3 .   ? 6.726   5.935   -13.905 0.89 30.67  ? 203 A1IUX A C03 1 
HETATM 1020 C  C04 . A1IUX D 3 .   ? 5.301   5.486   -13.644 0.89 28.81  ? 203 A1IUX A C04 1 
HETATM 1021 C  C05 . A1IUX D 3 .   ? 5.046   5.107   -12.197 0.89 26.68  ? 203 A1IUX A C05 1 
HETATM 1022 C  C07 . A1IUX D 3 .   ? 5.153   6.068   -11.090 0.89 26.08  ? 203 A1IUX A C07 1 
HETATM 1023 C  C08 . A1IUX D 3 .   ? 5.520   7.452   -11.308 0.89 24.96  ? 203 A1IUX A C08 1 
HETATM 1024 C  C09 . A1IUX D 3 .   ? 4.954   5.884   -9.717  0.89 26.65  ? 203 A1IUX A C09 1 
HETATM 1025 C  C13 . A1IUX D 3 .   ? 5.813   9.452   -9.643  0.89 26.41  ? 203 A1IUX A C13 1 
HETATM 1026 C  C15 . A1IUX D 3 .   ? 4.891   11.535  -8.770  0.89 27.39  ? 203 A1IUX A C15 1 
HETATM 1027 C  C16 . A1IUX D 3 .   ? 6.149   12.114  -8.772  0.89 29.83  ? 203 A1IUX A C16 1 
HETATM 1028 C  C17 . A1IUX D 3 .   ? 7.243   11.375  -9.203  0.89 29.57  ? 203 A1IUX A C17 1 
HETATM 1029 C  C18 . A1IUX D 3 .   ? 7.077   10.054  -9.632  0.89 25.75  ? 203 A1IUX A C18 1 
HETATM 1030 C  C19 . A1IUX D 3 .   ? 8.349   9.319   -10.089 0.89 38.00  ? 203 A1IUX A C19 1 
HETATM 1031 F  F20 . A1IUX D 3 .   ? 9.509   9.880   -9.682  0.89 34.64  ? 203 A1IUX A F20 1 
HETATM 1032 F  F21 . A1IUX D 3 .   ? 8.473   9.207   -11.406 0.89 33.37  ? 203 A1IUX A F21 1 
HETATM 1033 F  F22 . A1IUX D 3 .   ? 8.399   8.052   -9.613  0.89 29.32  ? 203 A1IUX A F22 1 
HETATM 1034 N  N11 . A1IUX D 3 .   ? 5.182   7.111   -9.095  0.89 25.93  ? 203 A1IUX A N11 1 
HETATM 1035 O  O06 . A1IUX D 3 .   ? 4.739   3.942   -11.949 0.89 24.20  ? 203 A1IUX A O06 1 
HETATM 1036 CL CL  . CL    E 4 .   ? 10.857  12.418  -7.598  1.00 40.18  ? 204 CL    A CL  1 
HETATM 1037 O  O   . HOH   F 5 .   ? 16.502  10.185  1.805   1.00 53.28  ? 301 HOH   A O   1 
HETATM 1038 O  O   . HOH   F 5 .   ? 2.920   1.520   14.989  1.00 60.94  ? 302 HOH   A O   1 
HETATM 1039 O  O   . HOH   F 5 .   ? -9.563  11.521  2.533   1.00 48.57  ? 303 HOH   A O   1 
HETATM 1040 O  O   . HOH   F 5 .   ? 1.277   12.637  -9.869  1.00 47.07  ? 304 HOH   A O   1 
HETATM 1041 O  O   . HOH   F 5 .   ? -1.887  -6.958  -6.357  1.00 33.26  ? 305 HOH   A O   1 
HETATM 1042 O  O   . HOH   F 5 .   ? 5.089   1.110   10.582  1.00 43.97  ? 306 HOH   A O   1 
HETATM 1043 O  O   . HOH   F 5 .   ? -3.895  -3.063  20.415  1.00 57.54  ? 307 HOH   A O   1 
HETATM 1044 O  O   . HOH   F 5 .   ? -3.250  14.608  -16.695 1.00 39.71  ? 308 HOH   A O   1 
HETATM 1045 O  O   . HOH   F 5 .   ? -1.555  12.161  0.841   1.00 36.72  ? 309 HOH   A O   1 
HETATM 1046 O  O   . HOH   F 5 .   ? -13.624 -2.830  16.945  1.00 43.20  ? 310 HOH   A O   1 
HETATM 1047 O  O   . HOH   F 5 .   ? -15.148 -5.956  4.251   1.00 50.04  ? 311 HOH   A O   1 
HETATM 1048 O  O   . HOH   F 5 .   ? -6.875  1.070   -21.880 1.00 51.05  ? 312 HOH   A O   1 
HETATM 1049 O  O   . HOH   F 5 .   ? -3.248  -6.879  -4.012  1.00 34.13  ? 313 HOH   A O   1 
HETATM 1050 O  O   . HOH   F 5 .   ? 9.955   3.591   -15.062 1.00 33.74  ? 314 HOH   A O   1 
HETATM 1051 O  O   . HOH   F 5 .   ? -2.255  -13.289 18.997  1.00 60.55  ? 315 HOH   A O   1 
HETATM 1052 O  O   . HOH   F 5 .   ? -3.417  -0.688  17.660  1.00 46.09  ? 316 HOH   A O   1 
HETATM 1053 O  O   . HOH   F 5 .   ? 8.801   12.830  -16.236 1.00 47.38  ? 317 HOH   A O   1 
HETATM 1054 O  O   . HOH   F 5 .   ? 4.730   -9.739  6.472   1.00 41.33  ? 318 HOH   A O   1 
HETATM 1055 O  O   . HOH   F 5 .   ? 10.658  -2.733  8.498   1.00 56.45  ? 319 HOH   A O   1 
HETATM 1056 O  O   . HOH   F 5 .   ? 10.722  2.143   10.970  1.00 48.72  ? 320 HOH   A O   1 
HETATM 1057 O  O   . HOH   F 5 .   ? 5.028   -8.473  -1.027  1.00 36.78  ? 321 HOH   A O   1 
HETATM 1058 O  O   . HOH   F 5 .   ? -17.204 1.468   8.409   1.00 43.02  ? 322 HOH   A O   1 
HETATM 1059 O  O   . HOH   F 5 .   ? -6.230  7.749   7.306   1.00 33.70  ? 323 HOH   A O   1 
HETATM 1060 O  O   . HOH   F 5 .   ? 7.417   -4.278  -16.549 1.00 42.95  ? 324 HOH   A O   1 
HETATM 1061 O  O   . HOH   F 5 .   ? 1.816   6.687   -7.394  1.00 24.41  ? 325 HOH   A O   1 
HETATM 1062 O  O   . HOH   F 5 .   ? -5.435  5.544   -21.223 1.00 49.32  ? 326 HOH   A O   1 
HETATM 1063 O  O   . HOH   F 5 .   ? -3.662  -2.848  -11.745 1.00 23.93  ? 327 HOH   A O   1 
HETATM 1064 O  O   . HOH   F 5 .   ? 9.396   5.093   7.654   1.00 38.34  ? 328 HOH   A O   1 
HETATM 1065 O  O   . HOH   F 5 .   ? -12.656 -7.333  11.025  1.00 40.45  ? 329 HOH   A O   1 
HETATM 1066 O  O   . HOH   F 5 .   ? -8.220  0.834   -8.186  1.00 29.76  ? 330 HOH   A O   1 
HETATM 1067 O  O   . HOH   F 5 .   ? 0.948   4.179   -7.123  1.00 25.00  ? 331 HOH   A O   1 
HETATM 1068 O  O   . HOH   F 5 .   ? 19.241  -1.246  -11.754 1.00 47.36  ? 332 HOH   A O   1 
HETATM 1069 O  O   . HOH   F 5 .   ? 2.750   10.794  -5.564  1.00 30.35  ? 333 HOH   A O   1 
HETATM 1070 O  O   . HOH   F 5 .   ? -1.411  5.729   -9.808  1.00 33.41  ? 334 HOH   A O   1 
HETATM 1071 O  O   . HOH   F 5 .   ? 4.730   10.430  0.756   1.00 26.14  ? 335 HOH   A O   1 
HETATM 1072 O  O   . HOH   F 5 .   ? 10.597  -6.356  -2.118  1.00 34.48  ? 336 HOH   A O   1 
HETATM 1073 O  O   . HOH   F 5 .   ? -1.865  15.431  -10.764 1.00 34.87  ? 337 HOH   A O   1 
HETATM 1074 O  O   . HOH   F 5 .   ? 2.550   1.909   -7.990  1.00 25.68  ? 338 HOH   A O   1 
HETATM 1075 O  O   . HOH   F 5 .   ? 8.743   10.222  1.475   1.00 33.08  ? 339 HOH   A O   1 
HETATM 1076 O  O   . HOH   F 5 .   ? -8.720  5.694   10.641  1.00 41.59  ? 340 HOH   A O   1 
HETATM 1077 O  O   . HOH   F 5 .   ? -3.018  6.133   -19.634 1.00 36.71  ? 341 HOH   A O   1 
HETATM 1078 O  O   . HOH   F 5 .   ? 2.964   2.102   -10.620 1.00 25.64  ? 342 HOH   A O   1 
HETATM 1079 O  O   . HOH   F 5 .   ? 0.709   -9.912  -4.793  1.00 51.25  ? 343 HOH   A O   1 
HETATM 1080 O  O   . HOH   F 5 .   ? 7.351   -5.794  -6.030  1.00 48.16  ? 344 HOH   A O   1 
HETATM 1081 O  O   . HOH   F 5 .   ? 7.227   -3.149  -6.512  1.00 28.74  ? 345 HOH   A O   1 
HETATM 1082 O  O   . HOH   F 5 .   ? 9.093   -2.582  -8.369  1.00 25.90  ? 346 HOH   A O   1 
HETATM 1083 O  O   . HOH   F 5 .   ? -4.896  -5.205  -11.058 1.00 41.51  ? 347 HOH   A O   1 
HETATM 1084 O  O   . HOH   F 5 .   ? 8.089   10.870  -14.668 1.00 44.88  ? 348 HOH   A O   1 
HETATM 1085 O  O   . HOH   F 5 .   ? -10.385 0.678   -4.336  1.00 45.76  ? 349 HOH   A O   1 
HETATM 1086 O  O   . HOH   F 5 .   ? -1.029  2.597   -9.067  1.00 28.79  ? 350 HOH   A O   1 
HETATM 1087 O  O   . HOH   F 5 .   ? 3.824   5.999   11.616  1.00 42.73  ? 351 HOH   A O   1 
HETATM 1088 O  O   . HOH   F 5 .   ? 10.765  -0.678  12.470  1.00 56.30  ? 352 HOH   A O   1 
HETATM 1089 O  O   . HOH   F 5 .   ? 10.792  10.616  -0.214  1.00 40.49  ? 353 HOH   A O   1 
HETATM 1090 O  O   . HOH   F 5 .   ? -8.572  -4.290  -0.603  1.00 38.22  ? 354 HOH   A O   1 
HETATM 1091 O  O   . HOH   F 5 .   ? -13.553 11.437  -0.544  1.00 26.49  ? 355 HOH   A O   1 
HETATM 1092 O  O   . HOH   F 5 .   ? 10.478  -7.992  3.789   1.00 41.47  ? 356 HOH   A O   1 
HETATM 1093 O  O   . HOH   F 5 .   ? -9.417  -2.230  -3.577  1.00 42.51  ? 357 HOH   A O   1 
HETATM 1094 O  O   . HOH   F 5 .   ? 5.369   -6.775  -6.953  1.00 41.23  ? 358 HOH   A O   1 
HETATM 1095 O  O   . HOH   F 5 .   ? -2.974  12.382  -17.900 1.00 46.96  ? 359 HOH   A O   1 
HETATM 1096 O  O   . HOH   F 5 .   ? 0.072   -14.508 13.337  1.00 54.67  ? 360 HOH   A O   1 
HETATM 1097 O  O   . HOH   F 5 .   ? 5.772   -9.321  -5.040  1.00 55.79  ? 361 HOH   A O   1 
HETATM 1098 O  O   . HOH   F 5 .   ? -3.454  -3.779  -14.522 1.00 27.51  ? 362 HOH   A O   1 
HETATM 1099 O  O   . HOH   F 5 .   ? -7.743  10.010  -1.728  1.00 51.09  ? 363 HOH   A O   1 
HETATM 1100 O  O   . HOH   F 5 .   ? 2.098   -7.352  1.332   1.00 41.14  ? 364 HOH   A O   1 
HETATM 1101 O  O   . HOH   F 5 .   ? 6.900   5.465   -19.310 1.00 45.91  ? 365 HOH   A O   1 
HETATM 1102 O  O   . HOH   F 5 .   ? -6.971  -4.647  -3.786  1.00 49.89  ? 366 HOH   A O   1 
HETATM 1103 O  O   . HOH   F 5 .   ? -7.372  4.173   -6.309  1.00 27.68  ? 367 HOH   A O   1 
HETATM 1104 O  O   . HOH   F 5 .   ? 10.559  1.595   -16.713 1.00 27.83  ? 368 HOH   A O   1 
HETATM 1105 O  O   . HOH   F 5 .   ? -0.859  -5.183  -10.781 1.00 36.53  ? 369 HOH   A O   1 
HETATM 1106 O  O   . HOH   F 5 .   ? 13.631  6.097   4.961   1.00 38.96  ? 370 HOH   A O   1 
HETATM 1107 O  O   . HOH   F 5 .   ? 9.815   -4.715  -12.030 1.00 32.79  ? 371 HOH   A O   1 
HETATM 1108 O  O   . HOH   F 5 .   ? -3.773  11.926  2.591   1.00 47.88  ? 372 HOH   A O   1 
HETATM 1109 O  O   . HOH   F 5 .   ? -5.939  9.193   -3.960  1.00 36.93  ? 373 HOH   A O   1 
HETATM 1110 O  O   . HOH   F 5 .   ? 3.406   -9.937  3.960   1.00 48.24  ? 374 HOH   A O   1 
HETATM 1111 O  O   . HOH   F 5 .   ? 3.590   -9.840  -5.618  1.00 55.47  ? 375 HOH   A O   1 
HETATM 1112 O  O   . HOH   F 5 .   ? -7.226  2.230   -15.618 1.00 45.83  ? 376 HOH   A O   1 
HETATM 1113 O  O   . HOH   F 5 .   ? 3.326   -7.282  -10.938 1.00 38.09  ? 377 HOH   A O   1 
HETATM 1114 O  O   . HOH   F 5 .   ? -8.430  -10.572 7.528   1.00 44.77  ? 378 HOH   A O   1 
HETATM 1115 O  O   . HOH   F 5 .   ? -7.545  4.871   13.201  1.00 48.70  ? 379 HOH   A O   1 
HETATM 1116 O  O   . HOH   F 5 .   ? -5.573  -6.112  22.926  1.00 33.19  ? 380 HOH   A O   1 
HETATM 1117 O  O   . HOH   F 5 .   ? 12.315  4.827   -13.158 1.00 34.16  ? 381 HOH   A O   1 
HETATM 1118 O  O   . HOH   F 5 .   ? 1.814   10.774  -8.199  1.00 36.22  ? 382 HOH   A O   1 
HETATM 1119 O  O   . HOH   F 5 .   ? 9.954   -7.597  -11.460 1.00 57.69  ? 383 HOH   A O   1 
HETATM 1120 O  O   . HOH   F 5 .   ? -5.647  10.899  1.732   1.00 40.67  ? 384 HOH   A O   1 
HETATM 1121 O  O   . HOH   F 5 .   ? 9.039   -5.577  -14.847 1.00 37.53  ? 385 HOH   A O   1 
HETATM 1122 O  O   . HOH   F 5 .   ? -14.030 -9.936  11.832  1.00 49.35  ? 386 HOH   A O   1 
HETATM 1123 O  O   . HOH   F 5 .   ? -12.346 -1.423  -0.281  1.00 52.78  ? 387 HOH   A O   1 
HETATM 1124 O  O   . HOH   F 5 .   ? 12.247  -7.943  -16.196 1.00 52.62  ? 388 HOH   A O   1 
HETATM 1125 O  O   . HOH   F 5 .   ? 13.496  -3.819  -9.686  1.00 42.00  ? 389 HOH   A O   1 
HETATM 1126 O  O   . HOH   F 5 .   ? 15.444  4.843   -4.182  1.00 55.25  ? 390 HOH   A O   1 
HETATM 1127 O  O   . HOH   F 5 .   ? -4.664  -9.796  18.500  1.00 59.95  ? 391 HOH   A O   1 
HETATM 1128 O  O   . HOH   F 5 .   ? 12.794  -4.713  12.324  1.00 59.64  ? 392 HOH   A O   1 
HETATM 1129 O  O   . HOH   F 5 .   ? -7.883  14.220  7.458   1.00 61.05  ? 393 HOH   A O   1 
HETATM 1130 O  O   . HOH   F 5 .   ? -3.427  -16.538 8.580   1.00 49.49  ? 394 HOH   A O   1 
HETATM 1131 O  O   . HOH   F 5 .   ? 9.612   -8.776  1.513   1.00 49.30  ? 395 HOH   A O   1 
HETATM 1132 O  O   . HOH   F 5 .   ? -16.286 -3.213  3.962   1.00 41.42  ? 396 HOH   A O   1 
HETATM 1133 O  O   . HOH   F 5 .   ? 11.031  -9.034  -14.127 1.00 62.91  ? 397 HOH   A O   1 
HETATM 1134 O  O   . HOH   F 5 .   ? -0.844  18.601  -9.196  1.00 58.46  ? 398 HOH   A O   1 
HETATM 1135 O  O   . HOH   F 5 .   ? 14.140  -2.139  3.080   1.00 58.40  ? 399 HOH   A O   1 
HETATM 1136 O  O   . HOH   F 5 .   ? -13.119 4.222   -2.848  1.00 42.72  ? 400 HOH   A O   1 
HETATM 1137 O  O   . HOH   F 5 .   ? -14.371 -0.182  -0.680  1.00 49.17  ? 401 HOH   A O   1 
HETATM 1138 O  O   . HOH   F 5 .   ? 5.908   7.471   10.530  1.00 43.70  ? 402 HOH   A O   1 
HETATM 1139 O  O   . HOH   F 5 .   ? -13.177 6.360   18.240  1.00 65.24  ? 403 HOH   A O   1 
HETATM 1140 O  O   . HOH   F 5 .   ? 8.578   8.609   -17.273 1.00 64.86  ? 404 HOH   A O   1 
HETATM 1141 O  O   . HOH   F 5 .   ? -2.355  17.012  -0.196  1.00 61.80  ? 405 HOH   A O   1 
HETATM 1142 O  O   . HOH   F 5 .   ? -15.685 -1.783  9.818   1.00 60.94  ? 406 HOH   A O   1 
HETATM 1143 O  O   . HOH   F 5 .   ? -12.971 1.754   22.175  1.00 60.42  ? 407 HOH   A O   1 
HETATM 1144 O  O   . HOH   F 5 .   ? 12.704  -7.323  -9.731  1.00 65.09  ? 408 HOH   A O   1 
HETATM 1145 O  O   . HOH   F 5 .   ? -9.009  1.587   22.986  1.00 62.24  ? 409 HOH   A O   1 
HETATM 1146 O  O   . HOH   F 5 .   ? 15.916  4.043   4.226   1.00 59.56  ? 410 HOH   A O   1 
HETATM 1147 O  O   . HOH   F 5 .   ? 5.712   -7.979  -13.602 1.00 63.55  ? 411 HOH   A O   1 
HETATM 1148 O  O   . HOH   F 5 .   ? 3.896   13.846  -2.792  1.00 53.56  ? 412 HOH   A O   1 
HETATM 1149 O  O   . HOH   F 5 .   ? 4.680   -9.683  17.630  1.00 56.63  ? 413 HOH   A O   1 
HETATM 1150 O  O   . HOH   F 5 .   ? -13.065 1.372   -3.618  1.00 44.09  ? 414 HOH   A O   1 
HETATM 1151 O  O   . HOH   F 5 .   ? -10.027 5.163   -2.674  1.00 53.26  ? 415 HOH   A O   1 
HETATM 1152 O  O   . HOH   F 5 .   ? 0.232   14.658  1.033   1.00 53.43  ? 416 HOH   A O   1 
HETATM 1153 O  O   . HOH   F 5 .   ? -11.179 -3.473  -0.421  1.00 57.25  ? 417 HOH   A O   1 
HETATM 1154 O  O   . HOH   F 5 .   ? -1.910  -9.085  -0.260  1.00 54.08  ? 418 HOH   A O   1 
HETATM 1155 O  O   . HOH   F 5 .   ? 0.735   -9.413  0.581   1.00 39.70  ? 419 HOH   A O   1 
HETATM 1156 O  O   . HOH   F 5 .   ? 10.144  -4.670  -9.868  1.00 39.79  ? 420 HOH   A O   1 
HETATM 1157 O  O   . HOH   F 5 .   ? -10.446 0.399   24.301  1.00 43.23  ? 421 HOH   A O   1 
HETATM 1158 O  O   . HOH   F 5 .   ? -6.983  11.142  4.485   1.00 47.77  ? 422 HOH   A O   1 
HETATM 1159 O  O   . HOH   F 5 .   ? 18.453  -0.502  -15.824 1.00 50.29  ? 423 HOH   A O   1 
HETATM 1160 O  O   . HOH   F 5 .   ? -7.454  13.467  1.078   1.00 58.04  ? 424 HOH   A O   1 
HETATM 1161 O  O   . HOH   F 5 .   ? -10.191 7.981   -2.429  1.00 49.16  ? 425 HOH   A O   1 
HETATM 1162 O  O   . HOH   F 5 .   ? 2.962   13.614  -5.598  1.00 49.53  ? 426 HOH   A O   1 
HETATM 1163 O  O   . HOH   F 5 .   ? 13.776  -4.050  5.114   1.00 70.34  ? 427 HOH   A O   1 
HETATM 1164 O  O   . HOH   F 5 .   ? -2.544  -6.672  -9.054  1.00 43.56  ? 428 HOH   A O   1 
HETATM 1165 O  O   . HOH   F 5 .   ? -6.274  -13.796 3.001   1.00 67.68  ? 429 HOH   A O   1 
HETATM 1166 O  O   . HOH   F 5 .   ? 4.387   -7.644  18.673  1.00 67.17  ? 430 HOH   A O   1 
HETATM 1167 O  O   . HOH   F 5 .   ? 11.944  5.561   7.548   1.00 56.32  ? 431 HOH   A O   1 
HETATM 1168 O  O   . HOH   F 5 .   ? 4.670   13.097  0.024   1.00 38.09  ? 432 HOH   A O   1 
HETATM 1169 O  O   . HOH   F 5 .   ? -9.452  3.120   -4.887  1.00 46.35  ? 433 HOH   A O   1 
HETATM 1170 O  O   . HOH   F 5 .   ? 8.518   6.809   9.975   1.00 50.73  ? 434 HOH   A O   1 
HETATM 1171 O  O   . HOH   F 5 .   ? -2.177  -9.257  -2.905  1.00 42.22  ? 435 HOH   A O   1 
HETATM 1172 O  O   . HOH   F 5 .   ? -12.569 3.769   12.247  1.00 62.22  ? 436 HOH   A O   1 
HETATM 1173 O  O   . HOH   F 5 .   ? -13.369 1.616   12.687  1.00 55.80  ? 437 HOH   A O   1 
HETATM 1174 O  O   . HOH   F 5 .   ? -9.034  6.868   -4.564  1.00 48.74  ? 438 HOH   A O   1 
HETATM 1175 O  O   . HOH   F 5 .   ? 12.095  9.561   -12.875 0.50 58.95  ? 439 HOH   A O   1 
# 
